data_9NDF
# 
_entry.id   9NDF 
# 
_audit_conform.dict_name       mmcif_pdbx.dic 
_audit_conform.dict_version    5.403 
_audit_conform.dict_location   http://mmcif.pdb.org/dictionaries/ascii/mmcif_pdbx.dic 
# 
loop_
_database_2.database_id 
_database_2.database_code 
_database_2.pdbx_database_accession 
_database_2.pdbx_DOI 
PDB   9NDF         pdb_00009ndf 10.2210/pdb9ndf/pdb 
WWPDB D_1000293131 ?            ?                   
# 
_pdbx_audit_revision_history.ordinal             1 
_pdbx_audit_revision_history.data_content_type   'Structure model' 
_pdbx_audit_revision_history.major_revision      1 
_pdbx_audit_revision_history.minor_revision      0 
_pdbx_audit_revision_history.revision_date       2025-03-26 
_pdbx_audit_revision_history.part_number         ? 
# 
_pdbx_audit_revision_details.ordinal             1 
_pdbx_audit_revision_details.revision_ordinal    1 
_pdbx_audit_revision_details.data_content_type   'Structure model' 
_pdbx_audit_revision_details.provider            repository 
_pdbx_audit_revision_details.type                'Initial release' 
_pdbx_audit_revision_details.description         ? 
_pdbx_audit_revision_details.details             ? 
# 
_pdbx_database_status.status_code                     REL 
_pdbx_database_status.status_code_sf                  REL 
_pdbx_database_status.status_code_mr                  ? 
_pdbx_database_status.entry_id                        9NDF 
_pdbx_database_status.recvd_initial_deposition_date   2025-02-18 
_pdbx_database_status.SG_entry                        N 
_pdbx_database_status.deposit_site                    RCSB 
_pdbx_database_status.process_site                    RCSB 
_pdbx_database_status.status_code_cs                  ? 
_pdbx_database_status.status_code_nmr_data            ? 
_pdbx_database_status.methods_development_category    ? 
_pdbx_database_status.pdb_format_compatible           Y 
# 
_pdbx_contact_author.id                 2 
_pdbx_contact_author.email              rs17@nyu.edu 
_pdbx_contact_author.name_first         Ruojie 
_pdbx_contact_author.name_last          Sha 
_pdbx_contact_author.name_mi            ? 
_pdbx_contact_author.role               'principal investigator/group leader' 
_pdbx_contact_author.identifier_ORCID   0000-0002-0807-734X 
# 
loop_
_audit_author.name 
_audit_author.pdbx_ordinal 
_audit_author.identifier_ORCID 
'Horvath, A.'   1 0009-0008-5770-8014 
'Vecchioni, S.' 2 0000-0001-8243-650X 
'Woloszyn, K.'  3 0000-0003-1200-583X 
'Ohayon, Y.P.'  4 0000-0001-7500-4282 
'Sha, R.'       5 0000-0002-0807-734X 
# 
_citation.abstract                  ? 
_citation.abstract_id_CAS           ? 
_citation.book_id_ISBN              ? 
_citation.book_publisher            ? 
_citation.book_publisher_city       ? 
_citation.book_title                ? 
_citation.coordinate_linkage        ? 
_citation.country                   ? 
_citation.database_id_Medline       ? 
_citation.details                   ? 
_citation.id                        primary 
_citation.journal_abbrev            'To Be Published' 
_citation.journal_id_ASTM           ? 
_citation.journal_id_CSD            0353 
_citation.journal_id_ISSN           ? 
_citation.journal_full              ? 
_citation.journal_issue             ? 
_citation.journal_volume            ? 
_citation.language                  ? 
_citation.page_first                ? 
_citation.page_last                 ? 
_citation.title                     'Shifted tensegrity triangles' 
_citation.year                      ? 
_citation.database_id_CSD           ? 
_citation.pdbx_database_id_DOI      ? 
_citation.pdbx_database_id_PubMed   ? 
_citation.pdbx_database_id_patent   ? 
_citation.unpublished_flag          ? 
# 
loop_
_citation_author.citation_id 
_citation_author.name 
_citation_author.ordinal 
_citation_author.identifier_ORCID 
primary 'Horvath, A.'   1 0009-0008-5770-8014 
primary 'Vecchioni, S.' 2 0000-0001-8243-650X 
primary 'Woloszyn, K.'  3 0000-0003-1200-583X 
primary 'Ohayon, Y.P.'  4 0000-0001-7500-4282 
primary 'Sha, R.'       5 0000-0002-0807-734X 
# 
loop_
_entity.id 
_entity.type 
_entity.src_method 
_entity.pdbx_description 
_entity.formula_weight 
_entity.pdbx_number_of_molecules 
_entity.pdbx_ec 
_entity.pdbx_mutation 
_entity.pdbx_fragment 
_entity.details 
1 polymer syn 
;DNA (5'-D(P*AP*CP*GP*GP*AP*CP*AP*CP*TP*CP*A)-3')
;
3327.201 1 ? ? ? ? 
2 polymer syn 
;DNA (5'-D(P*CP*AP*CP*AP*CP*CP*GP*T)-3')
;
2371.582 1 ? ? ? ? 
3 polymer syn 
;DNA (5'-D(P*CP*TP*GP*AP*GP*TP*GP*TP*GP*CP*TP*CP*T)-3')
;
3973.582 1 ? ? ? ? 
4 polymer syn 
;DNA (5'-D(P*GP*AP*GP*AP*GP*CP*TP*GP*TP*G)-3')
;
3125.052 1 ? ? ? ? 
# 
loop_
_entity_poly.entity_id 
_entity_poly.type 
_entity_poly.nstd_linkage 
_entity_poly.nstd_monomer 
_entity_poly.pdbx_seq_one_letter_code 
_entity_poly.pdbx_seq_one_letter_code_can 
_entity_poly.pdbx_strand_id 
_entity_poly.pdbx_target_identifier 
1 polydeoxyribonucleotide no no '(DA)(DC)(DG)(DG)(DA)(DC)(DA)(DC)(DT)(DC)(DA)'         ACGGACACTCA   A ? 
2 polydeoxyribonucleotide no no '(DC)(DA)(DC)(DA)(DC)(DC)(DG)(DT)'                     CACACCGT      B ? 
3 polydeoxyribonucleotide no no '(DC)(DT)(DG)(DA)(DG)(DT)(DG)(DT)(DG)(DC)(DT)(DC)(DT)' CTGAGTGTGCTCT D ? 
4 polydeoxyribonucleotide no no '(DG)(DA)(DG)(DA)(DG)(DC)(DT)(DG)(DT)(DG)'             GAGAGCTGTG    X ? 
# 
loop_
_entity_poly_seq.entity_id 
_entity_poly_seq.num 
_entity_poly_seq.mon_id 
_entity_poly_seq.hetero 
1 1  DA n 
1 2  DC n 
1 3  DG n 
1 4  DG n 
1 5  DA n 
1 6  DC n 
1 7  DA n 
1 8  DC n 
1 9  DT n 
1 10 DC n 
1 11 DA n 
2 1  DC n 
2 2  DA n 
2 3  DC n 
2 4  DA n 
2 5  DC n 
2 6  DC n 
2 7  DG n 
2 8  DT n 
3 1  DC n 
3 2  DT n 
3 3  DG n 
3 4  DA n 
3 5  DG n 
3 6  DT n 
3 7  DG n 
3 8  DT n 
3 9  DG n 
3 10 DC n 
3 11 DT n 
3 12 DC n 
3 13 DT n 
4 1  DG n 
4 2  DA n 
4 3  DG n 
4 4  DA n 
4 5  DG n 
4 6  DC n 
4 7  DT n 
4 8  DG n 
4 9  DT n 
4 10 DG n 
# 
loop_
_pdbx_entity_src_syn.entity_id 
_pdbx_entity_src_syn.pdbx_src_id 
_pdbx_entity_src_syn.pdbx_alt_source_flag 
_pdbx_entity_src_syn.pdbx_beg_seq_num 
_pdbx_entity_src_syn.pdbx_end_seq_num 
_pdbx_entity_src_syn.organism_scientific 
_pdbx_entity_src_syn.organism_common_name 
_pdbx_entity_src_syn.ncbi_taxonomy_id 
_pdbx_entity_src_syn.details 
1 1 sample 1 11 'synthetic construct' ? 32630 ? 
2 1 sample 1 8  'synthetic construct' ? 32630 ? 
3 1 sample 1 13 'synthetic construct' ? 32630 ? 
4 1 sample 1 10 'synthetic construct' ? 32630 ? 
# 
loop_
_chem_comp.id 
_chem_comp.type 
_chem_comp.mon_nstd_flag 
_chem_comp.name 
_chem_comp.pdbx_synonyms 
_chem_comp.formula 
_chem_comp.formula_weight 
DA 'DNA linking' y "2'-DEOXYADENOSINE-5'-MONOPHOSPHATE" ? 'C10 H14 N5 O6 P' 331.222 
DC 'DNA linking' y "2'-DEOXYCYTIDINE-5'-MONOPHOSPHATE"  ? 'C9 H14 N3 O7 P'  307.197 
DG 'DNA linking' y "2'-DEOXYGUANOSINE-5'-MONOPHOSPHATE" ? 'C10 H14 N5 O7 P' 347.221 
DT 'DNA linking' y "THYMIDINE-5'-MONOPHOSPHATE"         ? 'C10 H15 N2 O8 P' 322.208 
# 
loop_
_pdbx_poly_seq_scheme.asym_id 
_pdbx_poly_seq_scheme.entity_id 
_pdbx_poly_seq_scheme.seq_id 
_pdbx_poly_seq_scheme.mon_id 
_pdbx_poly_seq_scheme.ndb_seq_num 
_pdbx_poly_seq_scheme.pdb_seq_num 
_pdbx_poly_seq_scheme.auth_seq_num 
_pdbx_poly_seq_scheme.pdb_mon_id 
_pdbx_poly_seq_scheme.auth_mon_id 
_pdbx_poly_seq_scheme.pdb_strand_id 
_pdbx_poly_seq_scheme.pdb_ins_code 
_pdbx_poly_seq_scheme.hetero 
A 1 1  DA 1  112 112 DA DA A . n 
A 1 2  DC 2  113 113 DC DC A . n 
A 1 3  DG 3  114 114 DG DG A . n 
A 1 4  DG 4  115 115 DG DG A . n 
A 1 5  DA 5  116 116 DA DA A . n 
A 1 6  DC 6  117 117 DC DC A . n 
A 1 7  DA 7  118 118 DA DA A . n 
A 1 8  DC 8  119 119 DC DC A . n 
A 1 9  DT 9  120 120 DT DT A . n 
A 1 10 DC 10 121 121 DC DC A . n 
A 1 11 DA 11 122 122 DA DA A . n 
B 2 1  DC 1  131 131 DC DC B . n 
B 2 2  DA 2  132 132 DA DA B . n 
B 2 3  DC 3  133 133 DC DC B . n 
B 2 4  DA 4  134 134 DA DA B . n 
B 2 5  DC 5  135 135 DC DC B . n 
B 2 6  DC 6  136 136 DC DC B . n 
B 2 7  DG 7  137 137 DG DG B . n 
B 2 8  DT 8  138 138 DT DT B . n 
C 3 1  DC 1  201 201 DC DC D . n 
C 3 2  DT 2  202 202 DT DT D . n 
C 3 3  DG 3  203 203 DG DG D . n 
C 3 4  DA 4  204 204 DA DA D . n 
C 3 5  DG 5  205 205 DG DG D . n 
C 3 6  DT 6  206 206 DT DT D . n 
C 3 7  DG 7  207 207 DG DG D . n 
C 3 8  DT 8  208 208 DT DT D . n 
C 3 9  DG 9  209 209 DG DG D . n 
C 3 10 DC 10 210 210 DC DC D . n 
C 3 11 DT 11 211 211 DT DT D . n 
C 3 12 DC 12 212 212 DC DC D . n 
C 3 13 DT 13 213 213 DT DT D . n 
D 4 1  DG 1  102 102 DG DG X . n 
D 4 2  DA 2  103 103 DA DA X . n 
D 4 3  DG 3  104 104 DG DG X . n 
D 4 4  DA 4  105 105 DA DA X . n 
D 4 5  DG 5  106 106 DG DG X . n 
D 4 6  DC 6  107 107 DC DC X . n 
D 4 7  DT 7  108 108 DT DT X . n 
D 4 8  DG 8  109 109 DG DG X . n 
D 4 9  DT 9  110 110 DT DT X . n 
D 4 10 DG 10 111 111 DG DG X . n 
# 
loop_
_software.citation_id 
_software.classification 
_software.compiler_name 
_software.compiler_version 
_software.contact_author 
_software.contact_author_email 
_software.date 
_software.description 
_software.dependencies 
_software.hardware 
_software.language 
_software.location 
_software.mods 
_software.name 
_software.os 
_software.os_version 
_software.type 
_software.version 
_software.pdbx_ordinal 
? refinement       ? ? ? ? ? ? ? ? ? ? ? PHENIX    ? ? ? 1.20.1_4487 1 
? 'data reduction' ? ? ? ? ? ? ? ? ? ? ? autoPROC  ? ? ? .           2 
? 'data scaling'   ? ? ? ? ? ? ? ? ? ? ? STARANISO ? ? ? .           3 
? phasing          ? ? ? ? ? ? ? ? ? ? ? PHASER    ? ? ? .           4 
# 
_cell.angle_alpha                  90.000 
_cell.angle_alpha_esd              ? 
_cell.angle_beta                   90.000 
_cell.angle_beta_esd               ? 
_cell.angle_gamma                  120.000 
_cell.angle_gamma_esd              ? 
_cell.entry_id                     9NDF 
_cell.details                      ? 
_cell.formula_units_Z              ? 
_cell.length_a                     131.499 
_cell.length_a_esd                 ? 
_cell.length_b                     131.499 
_cell.length_b_esd                 ? 
_cell.length_c                     48.134 
_cell.length_c_esd                 ? 
_cell.volume                       720821.091 
_cell.volume_esd                   ? 
_cell.Z_PDB                        6 
_cell.reciprocal_angle_alpha       ? 
_cell.reciprocal_angle_beta        ? 
_cell.reciprocal_angle_gamma       ? 
_cell.reciprocal_angle_alpha_esd   ? 
_cell.reciprocal_angle_beta_esd    ? 
_cell.reciprocal_angle_gamma_esd   ? 
_cell.reciprocal_length_a          ? 
_cell.reciprocal_length_b          ? 
_cell.reciprocal_length_c          ? 
_cell.reciprocal_length_a_esd      ? 
_cell.reciprocal_length_b_esd      ? 
_cell.reciprocal_length_c_esd      ? 
_cell.pdbx_unique_axis             ? 
_cell.pdbx_esd_method              ? 
# 
_symmetry.entry_id                         9NDF 
_symmetry.cell_setting                     ? 
_symmetry.Int_Tables_number                173 
_symmetry.space_group_name_Hall            'P 6c' 
_symmetry.space_group_name_H-M             'P 63' 
_symmetry.pdbx_full_space_group_name_H-M   ? 
# 
_exptl.absorpt_coefficient_mu     ? 
_exptl.absorpt_correction_T_max   ? 
_exptl.absorpt_correction_T_min   ? 
_exptl.absorpt_correction_type    ? 
_exptl.absorpt_process_details    ? 
_exptl.entry_id                   9NDF 
_exptl.crystals_number            1 
_exptl.details                    ? 
_exptl.method                     'X-RAY DIFFRACTION' 
_exptl.method_details             ? 
# 
_exptl_crystal.colour                       ? 
_exptl_crystal.density_diffrn               ? 
_exptl_crystal.density_Matthews             ? 
_exptl_crystal.density_method               ? 
_exptl_crystal.density_percent_sol          ? 
_exptl_crystal.description                  ? 
_exptl_crystal.F_000                        ? 
_exptl_crystal.id                           1 
_exptl_crystal.preparation                  ? 
_exptl_crystal.size_max                     ? 
_exptl_crystal.size_mid                     ? 
_exptl_crystal.size_min                     ? 
_exptl_crystal.size_rad                     ? 
_exptl_crystal.colour_lustre                ? 
_exptl_crystal.colour_modifier              ? 
_exptl_crystal.colour_primary               ? 
_exptl_crystal.density_meas                 ? 
_exptl_crystal.density_meas_esd             ? 
_exptl_crystal.density_meas_gt              ? 
_exptl_crystal.density_meas_lt              ? 
_exptl_crystal.density_meas_temp            ? 
_exptl_crystal.density_meas_temp_esd        ? 
_exptl_crystal.density_meas_temp_gt         ? 
_exptl_crystal.density_meas_temp_lt         ? 
_exptl_crystal.pdbx_crystal_image_url       ? 
_exptl_crystal.pdbx_crystal_image_format    ? 
_exptl_crystal.pdbx_mosaicity               ? 
_exptl_crystal.pdbx_mosaicity_esd           ? 
_exptl_crystal.pdbx_mosaic_method           ? 
_exptl_crystal.pdbx_mosaic_block_size       ? 
_exptl_crystal.pdbx_mosaic_block_size_esd   ? 
# 
_exptl_crystal_grow.apparatus       ? 
_exptl_crystal_grow.atmosphere      ? 
_exptl_crystal_grow.crystal_id      1 
_exptl_crystal_grow.details         ? 
_exptl_crystal_grow.method          'VAPOR DIFFUSION, HANGING DROP' 
_exptl_crystal_grow.method_ref      ? 
_exptl_crystal_grow.pH              ? 
_exptl_crystal_grow.pressure        ? 
_exptl_crystal_grow.pressure_esd    ? 
_exptl_crystal_grow.seeding         ? 
_exptl_crystal_grow.seeding_ref     ? 
_exptl_crystal_grow.temp_details    '338-293 at 0.4/hr' 
_exptl_crystal_grow.temp_esd        ? 
_exptl_crystal_grow.time            ? 
_exptl_crystal_grow.pdbx_details    '100 mM MOPS, 1.25 M magnesium sulfate' 
_exptl_crystal_grow.pdbx_pH_range   ? 
_exptl_crystal_grow.temp            293 
# 
_diffrn.ambient_environment              ? 
_diffrn.ambient_temp                     100 
_diffrn.ambient_temp_details             ? 
_diffrn.ambient_temp_esd                 ? 
_diffrn.crystal_id                       1 
_diffrn.crystal_support                  ? 
_diffrn.crystal_treatment                ? 
_diffrn.details                          ? 
_diffrn.id                               1 
_diffrn.ambient_pressure                 ? 
_diffrn.ambient_pressure_esd             ? 
_diffrn.ambient_pressure_gt              ? 
_diffrn.ambient_pressure_lt              ? 
_diffrn.ambient_temp_gt                  ? 
_diffrn.ambient_temp_lt                  ? 
_diffrn.pdbx_serial_crystal_experiment   N 
# 
_diffrn_detector.details                      ? 
_diffrn_detector.detector                     PIXEL 
_diffrn_detector.diffrn_id                    1 
_diffrn_detector.type                         'DECTRIS EIGER X 9M' 
_diffrn_detector.area_resol_mean              ? 
_diffrn_detector.dtime                        ? 
_diffrn_detector.pdbx_frames_total            ? 
_diffrn_detector.pdbx_collection_time_total   ? 
_diffrn_detector.pdbx_collection_date         2023-03-19 
_diffrn_detector.pdbx_frequency               ? 
_diffrn_detector.id                           ? 
_diffrn_detector.number_of_axes               ? 
# 
_diffrn_radiation.collimation                      ? 
_diffrn_radiation.diffrn_id                        1 
_diffrn_radiation.filter_edge                      ? 
_diffrn_radiation.inhomogeneity                    ? 
_diffrn_radiation.monochromator                    ? 
_diffrn_radiation.polarisn_norm                    ? 
_diffrn_radiation.polarisn_ratio                   ? 
_diffrn_radiation.probe                            ? 
_diffrn_radiation.type                             ? 
_diffrn_radiation.xray_symbol                      ? 
_diffrn_radiation.wavelength_id                    1 
_diffrn_radiation.pdbx_monochromatic_or_laue_m_l   M 
_diffrn_radiation.pdbx_wavelength_list             ? 
_diffrn_radiation.pdbx_wavelength                  ? 
_diffrn_radiation.pdbx_diffrn_protocol             'SINGLE WAVELENGTH' 
_diffrn_radiation.pdbx_analyzer                    ? 
_diffrn_radiation.pdbx_scattering_type             x-ray 
# 
_diffrn_radiation_wavelength.id           1 
_diffrn_radiation_wavelength.wavelength   0.991870 
_diffrn_radiation_wavelength.wt           1.0 
# 
_diffrn_source.current                     ? 
_diffrn_source.details                     ? 
_diffrn_source.diffrn_id                   1 
_diffrn_source.power                       ? 
_diffrn_source.size                        ? 
_diffrn_source.source                      SYNCHROTRON 
_diffrn_source.target                      ? 
_diffrn_source.type                        'APS BEAMLINE 17-ID' 
_diffrn_source.voltage                     ? 
_diffrn_source.take-off_angle              ? 
_diffrn_source.pdbx_wavelength_list        0.991870 
_diffrn_source.pdbx_wavelength             ? 
_diffrn_source.pdbx_synchrotron_beamline   17-ID 
_diffrn_source.pdbx_synchrotron_site       APS 
# 
_reflns.B_iso_Wilson_estimate                          336.12 
_reflns.entry_id                                       9NDF 
_reflns.data_reduction_details                         ? 
_reflns.data_reduction_method                          ? 
_reflns.d_resolution_high                              5.01 
_reflns.d_resolution_low                               65.749 
_reflns.details                                        ? 
_reflns.limit_h_max                                    ? 
_reflns.limit_h_min                                    ? 
_reflns.limit_k_max                                    ? 
_reflns.limit_k_min                                    ? 
_reflns.limit_l_max                                    ? 
_reflns.limit_l_min                                    ? 
_reflns.number_all                                     ? 
_reflns.number_obs                                     1540 
_reflns.observed_criterion                             ? 
_reflns.observed_criterion_F_max                       ? 
_reflns.observed_criterion_F_min                       ? 
_reflns.observed_criterion_I_max                       ? 
_reflns.observed_criterion_I_min                       ? 
_reflns.observed_criterion_sigma_F                     ? 
_reflns.observed_criterion_sigma_I                     ? 
_reflns.percent_possible_obs                           86.9 
_reflns.R_free_details                                 ? 
_reflns.Rmerge_F_all                                   ? 
_reflns.Rmerge_F_obs                                   ? 
_reflns.Friedel_coverage                               ? 
_reflns.number_gt                                      ? 
_reflns.threshold_expression                           ? 
_reflns.pdbx_redundancy                                19.5 
_reflns.pdbx_netI_over_av_sigmaI                       ? 
_reflns.pdbx_netI_over_sigmaI                          16.9 
_reflns.pdbx_res_netI_over_av_sigmaI_2                 ? 
_reflns.pdbx_res_netI_over_sigmaI_2                    ? 
_reflns.pdbx_chi_squared                               ? 
_reflns.pdbx_scaling_rejects                           ? 
_reflns.pdbx_d_res_high_opt                            ? 
_reflns.pdbx_d_res_low_opt                             ? 
_reflns.pdbx_d_res_opt_method                          ? 
_reflns.phase_calculation_details                      ? 
_reflns.pdbx_Rrim_I_all                                ? 
_reflns.pdbx_Rpim_I_all                                ? 
_reflns.pdbx_d_opt                                     ? 
_reflns.pdbx_number_measured_all                       ? 
_reflns.pdbx_diffrn_id                                 1 
_reflns.pdbx_ordinal                                   1 
_reflns.pdbx_CC_half                                   .999 
_reflns.pdbx_CC_star                                   ? 
_reflns.pdbx_R_split                                   ? 
_reflns.pdbx_Rmerge_I_obs                              ? 
_reflns.pdbx_Rmerge_I_all                              ? 
_reflns.pdbx_Rsym_value                                ? 
_reflns.pdbx_CC_split_method                           ? 
_reflns.pdbx_aniso_diffraction_limit_axis_1_ortho[1]   ? 
_reflns.pdbx_aniso_diffraction_limit_axis_1_ortho[2]   ? 
_reflns.pdbx_aniso_diffraction_limit_axis_1_ortho[3]   ? 
_reflns.pdbx_aniso_diffraction_limit_axis_2_ortho[1]   ? 
_reflns.pdbx_aniso_diffraction_limit_axis_2_ortho[2]   ? 
_reflns.pdbx_aniso_diffraction_limit_axis_2_ortho[3]   ? 
_reflns.pdbx_aniso_diffraction_limit_axis_3_ortho[1]   ? 
_reflns.pdbx_aniso_diffraction_limit_axis_3_ortho[2]   ? 
_reflns.pdbx_aniso_diffraction_limit_axis_3_ortho[3]   ? 
_reflns.pdbx_aniso_diffraction_limit_1                 ? 
_reflns.pdbx_aniso_diffraction_limit_2                 ? 
_reflns.pdbx_aniso_diffraction_limit_3                 ? 
_reflns.pdbx_aniso_B_tensor_eigenvector_1_ortho[1]     ? 
_reflns.pdbx_aniso_B_tensor_eigenvector_1_ortho[2]     ? 
_reflns.pdbx_aniso_B_tensor_eigenvector_1_ortho[3]     ? 
_reflns.pdbx_aniso_B_tensor_eigenvector_2_ortho[1]     ? 
_reflns.pdbx_aniso_B_tensor_eigenvector_2_ortho[2]     ? 
_reflns.pdbx_aniso_B_tensor_eigenvector_2_ortho[3]     ? 
_reflns.pdbx_aniso_B_tensor_eigenvector_3_ortho[1]     ? 
_reflns.pdbx_aniso_B_tensor_eigenvector_3_ortho[2]     ? 
_reflns.pdbx_aniso_B_tensor_eigenvector_3_ortho[3]     ? 
_reflns.pdbx_aniso_B_tensor_eigenvalue_1               ? 
_reflns.pdbx_aniso_B_tensor_eigenvalue_2               ? 
_reflns.pdbx_aniso_B_tensor_eigenvalue_3               ? 
_reflns.pdbx_orthogonalization_convention              ? 
_reflns.pdbx_percent_possible_ellipsoidal              ? 
_reflns.pdbx_percent_possible_spherical                ? 
_reflns.pdbx_percent_possible_ellipsoidal_anomalous    ? 
_reflns.pdbx_percent_possible_spherical_anomalous      ? 
_reflns.pdbx_redundancy_anomalous                      ? 
_reflns.pdbx_CC_half_anomalous                         ? 
_reflns.pdbx_absDiff_over_sigma_anomalous              ? 
_reflns.pdbx_percent_possible_anomalous                ? 
_reflns.pdbx_observed_signal_threshold                 ? 
_reflns.pdbx_signal_type                               ? 
_reflns.pdbx_signal_details                            ? 
_reflns.pdbx_signal_software_id                        ? 
# 
loop_
_reflns_shell.d_res_high 
_reflns_shell.d_res_low 
_reflns_shell.meanI_over_sigI_all 
_reflns_shell.meanI_over_sigI_obs 
_reflns_shell.number_measured_all 
_reflns_shell.number_measured_obs 
_reflns_shell.number_possible 
_reflns_shell.number_unique_all 
_reflns_shell.number_unique_obs 
_reflns_shell.percent_possible_obs 
_reflns_shell.Rmerge_F_all 
_reflns_shell.Rmerge_F_obs 
_reflns_shell.meanI_over_sigI_gt 
_reflns_shell.meanI_over_uI_all 
_reflns_shell.meanI_over_uI_gt 
_reflns_shell.number_measured_gt 
_reflns_shell.number_unique_gt 
_reflns_shell.percent_possible_gt 
_reflns_shell.Rmerge_F_gt 
_reflns_shell.Rmerge_I_gt 
_reflns_shell.pdbx_redundancy 
_reflns_shell.pdbx_chi_squared 
_reflns_shell.pdbx_netI_over_sigmaI_all 
_reflns_shell.pdbx_netI_over_sigmaI_obs 
_reflns_shell.pdbx_Rrim_I_all 
_reflns_shell.pdbx_Rpim_I_all 
_reflns_shell.pdbx_rejects 
_reflns_shell.pdbx_ordinal 
_reflns_shell.pdbx_diffrn_id 
_reflns_shell.pdbx_CC_half 
_reflns_shell.pdbx_CC_star 
_reflns_shell.pdbx_R_split 
_reflns_shell.percent_possible_all 
_reflns_shell.Rmerge_I_all 
_reflns_shell.Rmerge_I_obs 
_reflns_shell.pdbx_Rsym_value 
_reflns_shell.pdbx_percent_possible_ellipsoidal 
_reflns_shell.pdbx_percent_possible_spherical 
_reflns_shell.pdbx_percent_possible_ellipsoidal_anomalous 
_reflns_shell.pdbx_percent_possible_spherical_anomalous 
_reflns_shell.pdbx_redundancy_anomalous 
_reflns_shell.pdbx_CC_half_anomalous 
_reflns_shell.pdbx_absDiff_over_sigma_anomalous 
_reflns_shell.pdbx_percent_possible_anomalous 
5.013  5.662  ? ? ? ? ? ? 193 ? ? ? ? ? ? ? ? ? ? ? ? ? ? ? ? ? ? 1 1 .469 ? ? ? ? ? ? ? ? ? ? ? ? ? ? 
11.563 65.749 ? ? ? ? ? ? 193 ? ? ? ? ? ? ? ? ? ? ? ? ? ? ? ? ? ? 2 1 .999 ? ? ? ? ? ? ? ? ? ? ? ? ? ? 
# 
_refine.aniso_B[1][1]                            ? 
_refine.aniso_B[1][2]                            ? 
_refine.aniso_B[1][3]                            ? 
_refine.aniso_B[2][2]                            ? 
_refine.aniso_B[2][3]                            ? 
_refine.aniso_B[3][3]                            ? 
_refine.B_iso_max                                ? 
_refine.B_iso_mean                               450.14 
_refine.B_iso_min                                ? 
_refine.correlation_coeff_Fo_to_Fc               ? 
_refine.correlation_coeff_Fo_to_Fc_free          ? 
_refine.details                                  ? 
_refine.diff_density_max                         ? 
_refine.diff_density_max_esd                     ? 
_refine.diff_density_min                         ? 
_refine.diff_density_min_esd                     ? 
_refine.diff_density_rms                         ? 
_refine.diff_density_rms_esd                     ? 
_refine.entry_id                                 9NDF 
_refine.pdbx_refine_id                           'X-RAY DIFFRACTION' 
_refine.ls_abs_structure_details                 ? 
_refine.ls_abs_structure_Flack                   ? 
_refine.ls_abs_structure_Flack_esd               ? 
_refine.ls_abs_structure_Rogers                  ? 
_refine.ls_abs_structure_Rogers_esd              ? 
_refine.ls_d_res_high                            5.01 
_refine.ls_d_res_low                             32.87 
_refine.ls_extinction_coef                       ? 
_refine.ls_extinction_coef_esd                   ? 
_refine.ls_extinction_expression                 ? 
_refine.ls_extinction_method                     ? 
_refine.ls_goodness_of_fit_all                   ? 
_refine.ls_goodness_of_fit_all_esd               ? 
_refine.ls_goodness_of_fit_obs                   ? 
_refine.ls_goodness_of_fit_obs_esd               ? 
_refine.ls_hydrogen_treatment                    ? 
_refine.ls_matrix_type                           ? 
_refine.ls_number_constraints                    ? 
_refine.ls_number_parameters                     ? 
_refine.ls_number_reflns_all                     ? 
_refine.ls_number_reflns_obs                     1525 
_refine.ls_number_reflns_R_free                  106 
_refine.ls_number_reflns_R_work                  1419 
_refine.ls_number_restraints                     ? 
_refine.ls_percent_reflns_obs                    71.03 
_refine.ls_percent_reflns_R_free                 6.95 
_refine.ls_R_factor_all                          ? 
_refine.ls_R_factor_obs                          0.1301 
_refine.ls_R_factor_R_free                       0.1757 
_refine.ls_R_factor_R_free_error                 ? 
_refine.ls_R_factor_R_free_error_details         ? 
_refine.ls_R_factor_R_work                       0.1274 
_refine.ls_R_Fsqd_factor_obs                     ? 
_refine.ls_R_I_factor_obs                        ? 
_refine.ls_redundancy_reflns_all                 ? 
_refine.ls_redundancy_reflns_obs                 ? 
_refine.ls_restrained_S_all                      ? 
_refine.ls_restrained_S_obs                      ? 
_refine.ls_shift_over_esd_max                    ? 
_refine.ls_shift_over_esd_mean                   ? 
_refine.ls_structure_factor_coef                 ? 
_refine.ls_weighting_details                     ? 
_refine.ls_weighting_scheme                      ? 
_refine.ls_wR_factor_all                         ? 
_refine.ls_wR_factor_obs                         ? 
_refine.ls_wR_factor_R_free                      ? 
_refine.ls_wR_factor_R_work                      ? 
_refine.occupancy_max                            ? 
_refine.occupancy_min                            ? 
_refine.solvent_model_details                    'FLAT BULK SOLVENT MODEL' 
_refine.solvent_model_param_bsol                 ? 
_refine.solvent_model_param_ksol                 ? 
_refine.correlation_coeff_I_to_Fcsqd_work        ? 
_refine.correlation_coeff_I_to_Fcsqd_free        ? 
_refine.pdbx_R_complete                          ? 
_refine.ls_R_factor_gt                           ? 
_refine.ls_goodness_of_fit_gt                    ? 
_refine.ls_goodness_of_fit_ref                   ? 
_refine.ls_shift_over_su_max                     ? 
_refine.ls_shift_over_su_max_lt                  ? 
_refine.ls_shift_over_su_mean                    ? 
_refine.ls_shift_over_su_mean_lt                 ? 
_refine.pdbx_ls_sigma_I                          ? 
_refine.pdbx_ls_sigma_F                          1.34 
_refine.pdbx_ls_sigma_Fsqd                       ? 
_refine.pdbx_data_cutoff_high_absF               ? 
_refine.pdbx_data_cutoff_high_rms_absF           ? 
_refine.pdbx_data_cutoff_low_absF                ? 
_refine.pdbx_isotropic_thermal_model             ? 
_refine.pdbx_ls_cross_valid_method               'FREE R-VALUE' 
_refine.pdbx_method_to_determine_struct          'MOLECULAR REPLACEMENT' 
_refine.pdbx_starting_model                      ? 
_refine.pdbx_stereochemistry_target_values       'GeoStd + Monomer Library + CDL v1.2' 
_refine.pdbx_R_Free_selection_details            ? 
_refine.pdbx_stereochem_target_val_spec_case     ? 
_refine.pdbx_overall_ESU_R                       ? 
_refine.pdbx_overall_ESU_R_Free                  ? 
_refine.pdbx_solvent_vdw_probe_radii             1.1000 
_refine.pdbx_solvent_ion_probe_radii             ? 
_refine.pdbx_solvent_shrinkage_radii             0.9000 
_refine.pdbx_real_space_R                        ? 
_refine.pdbx_density_correlation                 ? 
_refine.pdbx_pd_number_of_powder_patterns        ? 
_refine.pdbx_pd_number_of_points                 ? 
_refine.pdbx_pd_meas_number_of_points            ? 
_refine.pdbx_pd_proc_ls_prof_R_factor            ? 
_refine.pdbx_pd_proc_ls_prof_wR_factor           ? 
_refine.pdbx_pd_Marquardt_correlation_coeff      ? 
_refine.pdbx_pd_Fsqrd_R_factor                   ? 
_refine.pdbx_pd_ls_matrix_band_width             ? 
_refine.pdbx_overall_phase_error                 34.8839 
_refine.pdbx_overall_SU_R_free_Cruickshank_DPI   ? 
_refine.pdbx_overall_SU_R_free_Blow_DPI          ? 
_refine.pdbx_overall_SU_R_Blow_DPI               ? 
_refine.pdbx_TLS_residual_ADP_flag               ? 
_refine.pdbx_diffrn_id                           1 
_refine.overall_SU_B                             ? 
_refine.overall_SU_ML                            0.1924 
_refine.overall_SU_R_Cruickshank_DPI             ? 
_refine.overall_SU_R_free                        ? 
_refine.overall_FOM_free_R_set                   ? 
_refine.overall_FOM_work_R_set                   ? 
_refine.pdbx_average_fsc_overall                 ? 
_refine.pdbx_average_fsc_work                    ? 
_refine.pdbx_average_fsc_free                    ? 
# 
_refine_hist.pdbx_refine_id                   'X-RAY DIFFRACTION' 
_refine_hist.cycle_id                         LAST 
_refine_hist.details                          ? 
_refine_hist.d_res_high                       5.01 
_refine_hist.d_res_low                        32.87 
_refine_hist.number_atoms_solvent             0 
_refine_hist.number_atoms_total               861 
_refine_hist.number_reflns_all                ? 
_refine_hist.number_reflns_obs                ? 
_refine_hist.number_reflns_R_free             ? 
_refine_hist.number_reflns_R_work             ? 
_refine_hist.R_factor_all                     ? 
_refine_hist.R_factor_obs                     ? 
_refine_hist.R_factor_R_free                  ? 
_refine_hist.R_factor_R_work                  ? 
_refine_hist.pdbx_number_residues_total       ? 
_refine_hist.pdbx_B_iso_mean_ligand           ? 
_refine_hist.pdbx_B_iso_mean_solvent          ? 
_refine_hist.pdbx_number_atoms_protein        0 
_refine_hist.pdbx_number_atoms_nucleic_acid   861 
_refine_hist.pdbx_number_atoms_ligand         0 
_refine_hist.pdbx_number_atoms_lipid          ? 
_refine_hist.pdbx_number_atoms_carb           ? 
_refine_hist.pdbx_pseudo_atom_details         ? 
# 
loop_
_refine_ls_restr.pdbx_refine_id 
_refine_ls_restr.criterion 
_refine_ls_restr.dev_ideal 
_refine_ls_restr.dev_ideal_target 
_refine_ls_restr.number 
_refine_ls_restr.rejects 
_refine_ls_restr.type 
_refine_ls_restr.weight 
_refine_ls_restr.pdbx_restraint_function 
'X-RAY DIFFRACTION' ? 0.0061  ? 962  ? f_bond_d           ? ? 
'X-RAY DIFFRACTION' ? 0.8392  ? 1475 ? f_angle_d          ? ? 
'X-RAY DIFFRACTION' ? 0.0436  ? 168  ? f_chiral_restr     ? ? 
'X-RAY DIFFRACTION' ? 0.0043  ? 42   ? f_plane_restr      ? ? 
'X-RAY DIFFRACTION' ? 39.0103 ? 408  ? f_dihedral_angle_d ? ? 
# 
_refine_ls_shell.pdbx_refine_id                      'X-RAY DIFFRACTION' 
_refine_ls_shell.d_res_high                          5.01 
_refine_ls_shell.d_res_low                           32.87 
_refine_ls_shell.number_reflns_all                   ? 
_refine_ls_shell.number_reflns_obs                   ? 
_refine_ls_shell.number_reflns_R_free                106 
_refine_ls_shell.number_reflns_R_work                1419 
_refine_ls_shell.percent_reflns_obs                  71.03 
_refine_ls_shell.percent_reflns_R_free               ? 
_refine_ls_shell.R_factor_all                        ? 
_refine_ls_shell.R_factor_obs                        ? 
_refine_ls_shell.R_factor_R_free_error               ? 
_refine_ls_shell.R_factor_R_work                     0.1274 
_refine_ls_shell.redundancy_reflns_all               ? 
_refine_ls_shell.redundancy_reflns_obs               ? 
_refine_ls_shell.wR_factor_all                       ? 
_refine_ls_shell.wR_factor_obs                       ? 
_refine_ls_shell.wR_factor_R_free                    ? 
_refine_ls_shell.wR_factor_R_work                    ? 
_refine_ls_shell.pdbx_R_complete                     ? 
_refine_ls_shell.correlation_coeff_Fo_to_Fc          ? 
_refine_ls_shell.correlation_coeff_Fo_to_Fc_free     ? 
_refine_ls_shell.correlation_coeff_I_to_Fcsqd_work   ? 
_refine_ls_shell.correlation_coeff_I_to_Fcsqd_free   ? 
_refine_ls_shell.pdbx_total_number_of_bins_used      ? 
_refine_ls_shell.pdbx_phase_error                    ? 
_refine_ls_shell.pdbx_fsc_work                       ? 
_refine_ls_shell.pdbx_fsc_free                       ? 
_refine_ls_shell.R_factor_R_free                     0.1757 
# 
_struct.entry_id                     9NDF 
_struct.title                        
;[5,8,7,P-1] Shifted tensegrity triangle with an (arm,center,arm) distribution of (5,8,7) base pairs, 1 nt sticky ends, and 5' phosphates
;
_struct.pdbx_model_details           ? 
_struct.pdbx_formula_weight          ? 
_struct.pdbx_formula_weight_method   ? 
_struct.pdbx_model_type_details      ? 
_struct.pdbx_CASP_flag               N 
# 
_struct_keywords.entry_id        9NDF 
_struct_keywords.text            'tensegrity triangle, DNA' 
_struct_keywords.pdbx_keywords   DNA 
# 
loop_
_struct_asym.id 
_struct_asym.pdbx_blank_PDB_chainid_flag 
_struct_asym.pdbx_modified 
_struct_asym.entity_id 
_struct_asym.details 
A N N 1 ? 
B N N 2 ? 
C N N 3 ? 
D N N 4 ? 
# 
loop_
_struct_ref.id 
_struct_ref.db_name 
_struct_ref.db_code 
_struct_ref.pdbx_db_accession 
_struct_ref.pdbx_db_isoform 
_struct_ref.entity_id 
_struct_ref.pdbx_seq_one_letter_code 
_struct_ref.pdbx_align_begin 
1 PDB 9NDF 9NDF ? 1 ? 1 
2 PDB 9NDF 9NDF ? 2 ? 1 
3 PDB 9NDF 9NDF ? 3 ? 1 
4 PDB 9NDF 9NDF ? 4 ? 1 
# 
loop_
_struct_ref_seq.align_id 
_struct_ref_seq.ref_id 
_struct_ref_seq.pdbx_PDB_id_code 
_struct_ref_seq.pdbx_strand_id 
_struct_ref_seq.seq_align_beg 
_struct_ref_seq.pdbx_seq_align_beg_ins_code 
_struct_ref_seq.seq_align_end 
_struct_ref_seq.pdbx_seq_align_end_ins_code 
_struct_ref_seq.pdbx_db_accession 
_struct_ref_seq.db_align_beg 
_struct_ref_seq.pdbx_db_align_beg_ins_code 
_struct_ref_seq.db_align_end 
_struct_ref_seq.pdbx_db_align_end_ins_code 
_struct_ref_seq.pdbx_auth_seq_align_beg 
_struct_ref_seq.pdbx_auth_seq_align_end 
1 1 9NDF A 1 ? 11 ? 9NDF 112 ? 122 ? 112 122 
2 2 9NDF B 1 ? 8  ? 9NDF 131 ? 138 ? 131 138 
3 3 9NDF D 1 ? 13 ? 9NDF 201 ? 213 ? 201 213 
4 4 9NDF X 1 ? 10 ? 9NDF 102 ? 111 ? 102 111 
# 
_pdbx_struct_assembly.id                   1 
_pdbx_struct_assembly.details              author_defined_assembly 
_pdbx_struct_assembly.method_details       ? 
_pdbx_struct_assembly.oligomeric_details   dodecameric 
_pdbx_struct_assembly.oligomeric_count     12 
# 
loop_
_pdbx_struct_assembly_gen.assembly_id 
_pdbx_struct_assembly_gen.oper_expression 
_pdbx_struct_assembly_gen.asym_id_list 
1 1 A,B,C,D 
1 2 A,B,C,D 
1 3 A,B,C,D 
# 
_pdbx_struct_assembly_auth_evidence.id                     1 
_pdbx_struct_assembly_auth_evidence.assembly_id            1 
_pdbx_struct_assembly_auth_evidence.experimental_support   'native gel electrophoresis' 
_pdbx_struct_assembly_auth_evidence.details                ? 
# 
loop_
_pdbx_struct_oper_list.id 
_pdbx_struct_oper_list.type 
_pdbx_struct_oper_list.name 
_pdbx_struct_oper_list.symmetry_operation 
_pdbx_struct_oper_list.matrix[1][1] 
_pdbx_struct_oper_list.matrix[1][2] 
_pdbx_struct_oper_list.matrix[1][3] 
_pdbx_struct_oper_list.vector[1] 
_pdbx_struct_oper_list.matrix[2][1] 
_pdbx_struct_oper_list.matrix[2][2] 
_pdbx_struct_oper_list.matrix[2][3] 
_pdbx_struct_oper_list.vector[2] 
_pdbx_struct_oper_list.matrix[3][1] 
_pdbx_struct_oper_list.matrix[3][2] 
_pdbx_struct_oper_list.matrix[3][3] 
_pdbx_struct_oper_list.vector[3] 
1 'identity operation'         1_555 x,y,z       1.0000000000 0.0000000000  0.0000000000  0.0000000000  0.0000000000  1.0000000000  0.0000000000  0.0000000000   0.0000000000  0.0000000000  1.0000000000  0.0000000000  
2 'crystal symmetry operation' 2_565 -y,x-y+1,z  0.7596900419 -0.6480299037 0.0541136220  -2.0848123281 -0.3285771904 -0.3107150600 0.8919042446  -21.4815682042 -0.5611667044 -0.6953512748 -0.4489749820 31.0157216036 
3 'crystal symmetry operation' 3_455 -x+y-1,-x,z 0.7596900419 -0.3285771904 -0.5611667044 11.9304481162 -0.6480299037 -0.3107150600 -0.6953512748 13.5411540710  0.0541136220  0.8919042446  -0.4489749820 33.1976016540 
# 
loop_
_struct_conn.id 
_struct_conn.conn_type_id 
_struct_conn.pdbx_leaving_atom_flag 
_struct_conn.pdbx_PDB_id 
_struct_conn.ptnr1_label_asym_id 
_struct_conn.ptnr1_label_comp_id 
_struct_conn.ptnr1_label_seq_id 
_struct_conn.ptnr1_label_atom_id 
_struct_conn.pdbx_ptnr1_label_alt_id 
_struct_conn.pdbx_ptnr1_PDB_ins_code 
_struct_conn.pdbx_ptnr1_standard_comp_id 
_struct_conn.ptnr1_symmetry 
_struct_conn.ptnr2_label_asym_id 
_struct_conn.ptnr2_label_comp_id 
_struct_conn.ptnr2_label_seq_id 
_struct_conn.ptnr2_label_atom_id 
_struct_conn.pdbx_ptnr2_label_alt_id 
_struct_conn.pdbx_ptnr2_PDB_ins_code 
_struct_conn.ptnr1_auth_asym_id 
_struct_conn.ptnr1_auth_comp_id 
_struct_conn.ptnr1_auth_seq_id 
_struct_conn.ptnr2_auth_asym_id 
_struct_conn.ptnr2_auth_comp_id 
_struct_conn.ptnr2_auth_seq_id 
_struct_conn.ptnr2_symmetry 
_struct_conn.pdbx_ptnr3_label_atom_id 
_struct_conn.pdbx_ptnr3_label_seq_id 
_struct_conn.pdbx_ptnr3_label_comp_id 
_struct_conn.pdbx_ptnr3_label_asym_id 
_struct_conn.pdbx_ptnr3_label_alt_id 
_struct_conn.pdbx_ptnr3_PDB_ins_code 
_struct_conn.details 
_struct_conn.pdbx_dist_value 
_struct_conn.pdbx_value_order 
_struct_conn.pdbx_role 
hydrog1  hydrog ? ? A DA 1  N1 ? ? ? 1_555 B DT 8  N3 ? ? A DA 112 B DT 138 1_555 ? ? ? ? ? ? WATSON-CRICK ? ? ? 
hydrog2  hydrog ? ? A DA 1  N6 ? ? ? 1_555 B DT 8  O4 ? ? A DA 112 B DT 138 1_555 ? ? ? ? ? ? WATSON-CRICK ? ? ? 
hydrog3  hydrog ? ? A DC 2  N3 ? ? ? 1_555 B DG 7  N1 ? ? A DC 113 B DG 137 1_555 ? ? ? ? ? ? WATSON-CRICK ? ? ? 
hydrog4  hydrog ? ? A DC 2  N4 ? ? ? 1_555 B DG 7  O6 ? ? A DC 113 B DG 137 1_555 ? ? ? ? ? ? WATSON-CRICK ? ? ? 
hydrog5  hydrog ? ? A DC 2  O2 ? ? ? 1_555 B DG 7  N2 ? ? A DC 113 B DG 137 1_555 ? ? ? ? ? ? WATSON-CRICK ? ? ? 
hydrog6  hydrog ? ? A DG 3  O6 ? ? ? 1_555 B DC 6  N4 ? ? A DG 114 B DC 136 1_555 ? ? ? ? ? ? 'DG-DC PAIR' ? ? ? 
hydrog7  hydrog ? ? A DG 4  N1 ? ? ? 1_555 B DC 5  N3 ? ? A DG 115 B DC 135 1_555 ? ? ? ? ? ? WATSON-CRICK ? ? ? 
hydrog8  hydrog ? ? A DG 4  N2 ? ? ? 1_555 B DC 5  O2 ? ? A DG 115 B DC 135 1_555 ? ? ? ? ? ? WATSON-CRICK ? ? ? 
hydrog9  hydrog ? ? A DG 4  O6 ? ? ? 1_555 B DC 5  N4 ? ? A DG 115 B DC 135 1_555 ? ? ? ? ? ? WATSON-CRICK ? ? ? 
hydrog10 hydrog ? ? A DA 5  N1 ? ? ? 1_555 C DT 8  N3 ? ? A DA 116 D DT 208 1_555 ? ? ? ? ? ? WATSON-CRICK ? ? ? 
hydrog11 hydrog ? ? A DA 5  N6 ? ? ? 1_555 C DT 8  O4 ? ? A DA 116 D DT 208 1_555 ? ? ? ? ? ? WATSON-CRICK ? ? ? 
hydrog12 hydrog ? ? A DC 6  N3 ? ? ? 1_555 C DG 7  N1 ? ? A DC 117 D DG 207 1_555 ? ? ? ? ? ? WATSON-CRICK ? ? ? 
hydrog13 hydrog ? ? A DC 6  N4 ? ? ? 1_555 C DG 7  O6 ? ? A DC 117 D DG 207 1_555 ? ? ? ? ? ? WATSON-CRICK ? ? ? 
hydrog14 hydrog ? ? A DC 6  O2 ? ? ? 1_555 C DG 7  N2 ? ? A DC 117 D DG 207 1_555 ? ? ? ? ? ? WATSON-CRICK ? ? ? 
hydrog15 hydrog ? ? A DA 7  N1 ? ? ? 1_555 C DT 6  N3 ? ? A DA 118 D DT 206 1_555 ? ? ? ? ? ? WATSON-CRICK ? ? ? 
hydrog16 hydrog ? ? A DA 7  N6 ? ? ? 1_555 C DT 6  O4 ? ? A DA 118 D DT 206 1_555 ? ? ? ? ? ? WATSON-CRICK ? ? ? 
hydrog17 hydrog ? ? A DC 8  N3 ? ? ? 1_555 C DG 5  N1 ? ? A DC 119 D DG 205 1_555 ? ? ? ? ? ? WATSON-CRICK ? ? ? 
hydrog18 hydrog ? ? A DC 8  N4 ? ? ? 1_555 C DG 5  O6 ? ? A DC 119 D DG 205 1_555 ? ? ? ? ? ? WATSON-CRICK ? ? ? 
hydrog19 hydrog ? ? A DC 8  O2 ? ? ? 1_555 C DG 5  N2 ? ? A DC 119 D DG 205 1_555 ? ? ? ? ? ? WATSON-CRICK ? ? ? 
hydrog20 hydrog ? ? A DT 9  N3 ? ? ? 1_555 C DA 4  N1 ? ? A DT 120 D DA 204 1_555 ? ? ? ? ? ? WATSON-CRICK ? ? ? 
hydrog21 hydrog ? ? A DT 9  O4 ? ? ? 1_555 C DA 4  N6 ? ? A DT 120 D DA 204 1_555 ? ? ? ? ? ? WATSON-CRICK ? ? ? 
hydrog22 hydrog ? ? A DC 10 N3 ? ? ? 1_555 C DG 3  N1 ? ? A DC 121 D DG 203 1_555 ? ? ? ? ? ? WATSON-CRICK ? ? ? 
hydrog23 hydrog ? ? A DC 10 N4 ? ? ? 1_555 C DG 3  O6 ? ? A DC 121 D DG 203 1_555 ? ? ? ? ? ? WATSON-CRICK ? ? ? 
hydrog24 hydrog ? ? A DC 10 O2 ? ? ? 1_555 C DG 3  N2 ? ? A DC 121 D DG 203 1_555 ? ? ? ? ? ? WATSON-CRICK ? ? ? 
hydrog25 hydrog ? ? A DA 11 N6 ? ? ? 1_555 C DT 2  O4 ? ? A DA 122 D DT 202 1_555 ? ? ? ? ? ? 'DA-DT PAIR' ? ? ? 
hydrog26 hydrog ? ? B DC 1  N3 ? ? ? 1_555 D DG 10 N1 ? ? B DC 131 X DG 111 1_555 ? ? ? ? ? ? WATSON-CRICK ? ? ? 
hydrog27 hydrog ? ? B DC 1  N4 ? ? ? 1_555 D DG 10 O6 ? ? B DC 131 X DG 111 1_555 ? ? ? ? ? ? WATSON-CRICK ? ? ? 
hydrog28 hydrog ? ? B DC 1  O2 ? ? ? 1_555 D DG 10 N2 ? ? B DC 131 X DG 111 1_555 ? ? ? ? ? ? WATSON-CRICK ? ? ? 
hydrog29 hydrog ? ? B DA 2  N1 ? ? ? 1_555 D DT 9  N3 ? ? B DA 132 X DT 110 1_555 ? ? ? ? ? ? WATSON-CRICK ? ? ? 
hydrog30 hydrog ? ? B DA 2  N6 ? ? ? 1_555 D DT 9  O4 ? ? B DA 132 X DT 110 1_555 ? ? ? ? ? ? WATSON-CRICK ? ? ? 
hydrog31 hydrog ? ? B DC 3  N3 ? ? ? 1_555 D DG 8  N1 ? ? B DC 133 X DG 109 1_555 ? ? ? ? ? ? WATSON-CRICK ? ? ? 
hydrog32 hydrog ? ? B DC 3  N4 ? ? ? 1_555 D DG 8  O6 ? ? B DC 133 X DG 109 1_555 ? ? ? ? ? ? WATSON-CRICK ? ? ? 
hydrog33 hydrog ? ? B DC 3  O2 ? ? ? 1_555 D DG 8  N2 ? ? B DC 133 X DG 109 1_555 ? ? ? ? ? ? WATSON-CRICK ? ? ? 
hydrog34 hydrog ? ? B DA 4  N1 ? ? ? 1_555 D DT 7  N3 ? ? B DA 134 X DT 108 1_555 ? ? ? ? ? ? WATSON-CRICK ? ? ? 
hydrog35 hydrog ? ? B DA 4  N6 ? ? ? 1_555 D DT 7  O4 ? ? B DA 134 X DT 108 1_555 ? ? ? ? ? ? WATSON-CRICK ? ? ? 
hydrog36 hydrog ? ? C DG 9  N2 ? ? ? 1_555 D DC 6  O2 ? ? D DG 209 X DC 107 1_555 ? ? ? ? ? ? 'DG-DC PAIR' ? ? ? 
hydrog37 hydrog ? ? C DC 10 N3 ? ? ? 1_555 D DG 5  N1 ? ? D DC 210 X DG 106 1_555 ? ? ? ? ? ? WATSON-CRICK ? ? ? 
hydrog38 hydrog ? ? C DC 10 N4 ? ? ? 1_555 D DG 5  O6 ? ? D DC 210 X DG 106 1_555 ? ? ? ? ? ? WATSON-CRICK ? ? ? 
hydrog39 hydrog ? ? C DC 10 O2 ? ? ? 1_555 D DG 5  N2 ? ? D DC 210 X DG 106 1_555 ? ? ? ? ? ? WATSON-CRICK ? ? ? 
hydrog40 hydrog ? ? C DT 11 N3 ? ? ? 1_555 D DA 4  N1 ? ? D DT 211 X DA 105 1_555 ? ? ? ? ? ? WATSON-CRICK ? ? ? 
hydrog41 hydrog ? ? C DT 11 O4 ? ? ? 1_555 D DA 4  N6 ? ? D DT 211 X DA 105 1_555 ? ? ? ? ? ? WATSON-CRICK ? ? ? 
hydrog42 hydrog ? ? C DC 12 N3 ? ? ? 1_555 D DG 3  N1 ? ? D DC 212 X DG 104 1_555 ? ? ? ? ? ? WATSON-CRICK ? ? ? 
hydrog43 hydrog ? ? C DC 12 N4 ? ? ? 1_555 D DG 3  O6 ? ? D DC 212 X DG 104 1_555 ? ? ? ? ? ? WATSON-CRICK ? ? ? 
hydrog44 hydrog ? ? C DC 12 O2 ? ? ? 1_555 D DG 3  N2 ? ? D DC 212 X DG 104 1_555 ? ? ? ? ? ? WATSON-CRICK ? ? ? 
hydrog45 hydrog ? ? C DT 13 N3 ? ? ? 1_555 D DA 2  N1 ? ? D DT 213 X DA 103 1_555 ? ? ? ? ? ? WATSON-CRICK ? ? ? 
hydrog46 hydrog ? ? C DT 13 O4 ? ? ? 1_555 D DA 2  N6 ? ? D DT 213 X DA 103 1_555 ? ? ? ? ? ? WATSON-CRICK ? ? ? 
# 
_struct_conn_type.id          hydrog 
_struct_conn_type.criteria    ? 
_struct_conn_type.reference   ? 
# 
_pdbx_entry_details.entry_id                   9NDF 
_pdbx_entry_details.compound_details           ? 
_pdbx_entry_details.source_details             ? 
_pdbx_entry_details.nonpolymer_details         ? 
_pdbx_entry_details.sequence_details           ? 
_pdbx_entry_details.has_ligand_of_interest     ? 
_pdbx_entry_details.has_protein_modification   N 
# 
loop_
_pdbx_validate_rmsd_angle.id 
_pdbx_validate_rmsd_angle.PDB_model_num 
_pdbx_validate_rmsd_angle.auth_atom_id_1 
_pdbx_validate_rmsd_angle.auth_asym_id_1 
_pdbx_validate_rmsd_angle.auth_comp_id_1 
_pdbx_validate_rmsd_angle.auth_seq_id_1 
_pdbx_validate_rmsd_angle.PDB_ins_code_1 
_pdbx_validate_rmsd_angle.label_alt_id_1 
_pdbx_validate_rmsd_angle.auth_atom_id_2 
_pdbx_validate_rmsd_angle.auth_asym_id_2 
_pdbx_validate_rmsd_angle.auth_comp_id_2 
_pdbx_validate_rmsd_angle.auth_seq_id_2 
_pdbx_validate_rmsd_angle.PDB_ins_code_2 
_pdbx_validate_rmsd_angle.label_alt_id_2 
_pdbx_validate_rmsd_angle.auth_atom_id_3 
_pdbx_validate_rmsd_angle.auth_asym_id_3 
_pdbx_validate_rmsd_angle.auth_comp_id_3 
_pdbx_validate_rmsd_angle.auth_seq_id_3 
_pdbx_validate_rmsd_angle.PDB_ins_code_3 
_pdbx_validate_rmsd_angle.label_alt_id_3 
_pdbx_validate_rmsd_angle.angle_value 
_pdbx_validate_rmsd_angle.angle_target_value 
_pdbx_validate_rmsd_angle.angle_deviation 
_pdbx_validate_rmsd_angle.angle_standard_deviation 
_pdbx_validate_rmsd_angle.linker_flag 
1 1 "O4'" A DG 115 ? ? "C1'" A DG 115 ? ? N9 A DG 115 ? ? 110.37 108.30 2.07 0.30 N 
2 1 "O4'" A DT 120 ? ? "C1'" A DT 120 ? ? N1 A DT 120 ? ? 110.13 108.30 1.83 0.30 N 
3 1 "O4'" D DC 201 ? ? "C1'" D DC 201 ? ? N1 D DC 201 ? ? 110.37 108.30 2.07 0.30 N 
# 
loop_
_space_group_symop.id 
_space_group_symop.operation_xyz 
1 x,y,z        
2 x-y,x,z+1/2  
3 y,-x+y,z+1/2 
4 -y,x-y,z     
5 -x+y,-x,z    
6 -x,-y,z+1/2  
# 
loop_
_pdbx_refine_tls.id 
_pdbx_refine_tls.pdbx_refine_id 
_pdbx_refine_tls.details 
_pdbx_refine_tls.method 
_pdbx_refine_tls.origin_x 
_pdbx_refine_tls.origin_y 
_pdbx_refine_tls.origin_z 
_pdbx_refine_tls.T[1][1] 
_pdbx_refine_tls.T[1][1]_esd 
_pdbx_refine_tls.T[1][2] 
_pdbx_refine_tls.T[1][2]_esd 
_pdbx_refine_tls.T[1][3] 
_pdbx_refine_tls.T[1][3]_esd 
_pdbx_refine_tls.T[2][2] 
_pdbx_refine_tls.T[2][2]_esd 
_pdbx_refine_tls.T[2][3] 
_pdbx_refine_tls.T[2][3]_esd 
_pdbx_refine_tls.T[3][3] 
_pdbx_refine_tls.T[3][3]_esd 
_pdbx_refine_tls.L[1][1] 
_pdbx_refine_tls.L[1][1]_esd 
_pdbx_refine_tls.L[1][2] 
_pdbx_refine_tls.L[1][2]_esd 
_pdbx_refine_tls.L[1][3] 
_pdbx_refine_tls.L[1][3]_esd 
_pdbx_refine_tls.L[2][2] 
_pdbx_refine_tls.L[2][2]_esd 
_pdbx_refine_tls.L[2][3] 
_pdbx_refine_tls.L[2][3]_esd 
_pdbx_refine_tls.L[3][3] 
_pdbx_refine_tls.L[3][3]_esd 
_pdbx_refine_tls.S[1][1] 
_pdbx_refine_tls.S[1][1]_esd 
_pdbx_refine_tls.S[1][2] 
_pdbx_refine_tls.S[1][2]_esd 
_pdbx_refine_tls.S[1][3] 
_pdbx_refine_tls.S[1][3]_esd 
_pdbx_refine_tls.S[2][1] 
_pdbx_refine_tls.S[2][1]_esd 
_pdbx_refine_tls.S[2][2] 
_pdbx_refine_tls.S[2][2]_esd 
_pdbx_refine_tls.S[2][3] 
_pdbx_refine_tls.S[2][3]_esd 
_pdbx_refine_tls.S[3][1] 
_pdbx_refine_tls.S[3][1]_esd 
_pdbx_refine_tls.S[3][2] 
_pdbx_refine_tls.S[3][2]_esd 
_pdbx_refine_tls.S[3][3] 
_pdbx_refine_tls.S[3][3]_esd 
1 'X-RAY DIFFRACTION' ? refined 3.5396639425  -10.5505549666 -0.98346467898 4.64410368810  ? -0.120942706149 ? 0.880525651126  ? 4.19965122180 ? 0.193429338519  ? 4.32606563959 ? -0.54427729536 ? -6.14342395874 ? -1.44457417074 ? 10.75565236629 ? 4.32601681810   ? 10.33762111934 ? 1.4705178904   ? -1.72843346901 ? 1.08150812150  ? -2.45853341620 ? -2.11239811195 ? -2.01803748390 ? 7.643263896167 ? -7.33978996587  ? 4.592251192300  ? 
2 'X-RAY DIFFRACTION' ? refined -2.6919054574 7.4967164800   1.105666454    7.02039062351  ? -0.966181081063 ? -1.518829703332 ? 4.34387798863 ? -0.323806961823 ? 3.10047897155 ? 5.22737024741  ? -5.71836161427 ? 4.06903202134  ? 1.777749141306 ? -0.422967981091 ? 3.59494284066  ? -1.74103995668 ? -3.87797422123 ? 5.43920641158  ? -4.95217661434 ? 0.553701724598 ? 2.37599682372  ? 2.51311540645  ? -3.800021384370 ? 4.598134161958  ? 
3 'X-RAY DIFFRACTION' ? refined 2.9330988743  1.0734644492   8.0146036612   4.608626258220 ? -2.425003086265 ? 0.36758574646   ? 6.51117879645 ? 3.13980367135   ? 2.47659382907 ? 4.92687256860  ? -0.23700093237 ? -1.05514066077 ? -1.52803268087 ? 1.479929975368  ? 6.21997785889  ? 1.15111992339  ? -4.50285171578 ? 4.11260170403  ? -9.63085226065 ? 8.31761210174  ? 0.91111843981  ? -2.07346026618 ? -3.52784632639  ? 4.66180553840   ? 
4 'X-RAY DIFFRACTION' ? refined -2.2983646790 1.4269773485   -4.9590500935  3.85456216002  ? 0.27190815555   ? -1.050153640820 ? 5.21167188390 ? -0.283373491844 ? 3.29408597042 ? 6.76231524261  ? 0.00765815196  ? -13.4888992404 ? -3.25234175120 ? -0.51096929466  ? 10.5544432225  ? -0.57164384004 ? -2.18323062326 ? -2.18492186348 ? 2.49801989074  ? -1.01581525037 ? 2.60898615614  ? -1.37615404899 ? -1.87658404133  ? -0.276497383724 ? 
# 
loop_
_pdbx_refine_tls_group.id 
_pdbx_refine_tls_group.pdbx_refine_id 
_pdbx_refine_tls_group.refine_tls_id 
_pdbx_refine_tls_group.beg_label_asym_id 
_pdbx_refine_tls_group.beg_label_seq_id 
_pdbx_refine_tls_group.beg_auth_asym_id 
_pdbx_refine_tls_group.beg_auth_seq_id 
_pdbx_refine_tls_group.beg_PDB_ins_code 
_pdbx_refine_tls_group.end_label_asym_id 
_pdbx_refine_tls_group.end_label_seq_id 
_pdbx_refine_tls_group.end_auth_asym_id 
_pdbx_refine_tls_group.end_auth_seq_id 
_pdbx_refine_tls_group.end_PDB_ins_code 
_pdbx_refine_tls_group.selection 
_pdbx_refine_tls_group.selection_details 
1 'X-RAY DIFFRACTION' 1 D ? X 102 ? D ? X 111 ? ? 
;chain 'X' and (resid 102 through 111 )
;
2 'X-RAY DIFFRACTION' 2 A ? A 112 ? A ? A 122 ? ? 
;chain 'A' and (resid 112 through 122 )
;
3 'X-RAY DIFFRACTION' 3 B ? B 131 ? B ? B 138 ? ? 
;chain 'B' and (resid 131 through 138 )
;
4 'X-RAY DIFFRACTION' 4 C ? D 201 ? C ? D 213 ? ? 
;chain 'D' and (resid 201 through 213 )
;
# 
loop_
_chem_comp_atom.comp_id 
_chem_comp_atom.atom_id 
_chem_comp_atom.type_symbol 
_chem_comp_atom.pdbx_aromatic_flag 
_chem_comp_atom.pdbx_stereo_config 
_chem_comp_atom.pdbx_ordinal 
DA OP3    O N N 1   
DA P      P N N 2   
DA OP1    O N N 3   
DA OP2    O N N 4   
DA "O5'"  O N N 5   
DA "C5'"  C N N 6   
DA "C4'"  C N R 7   
DA "O4'"  O N N 8   
DA "C3'"  C N S 9   
DA "O3'"  O N N 10  
DA "C2'"  C N N 11  
DA "C1'"  C N R 12  
DA N9     N Y N 13  
DA C8     C Y N 14  
DA N7     N Y N 15  
DA C5     C Y N 16  
DA C6     C Y N 17  
DA N6     N N N 18  
DA N1     N Y N 19  
DA C2     C Y N 20  
DA N3     N Y N 21  
DA C4     C Y N 22  
DA HOP3   H N N 23  
DA HOP2   H N N 24  
DA "H5'"  H N N 25  
DA "H5''" H N N 26  
DA "H4'"  H N N 27  
DA "H3'"  H N N 28  
DA "HO3'" H N N 29  
DA "H2'"  H N N 30  
DA "H2''" H N N 31  
DA "H1'"  H N N 32  
DA H8     H N N 33  
DA H61    H N N 34  
DA H62    H N N 35  
DA H2     H N N 36  
DC OP3    O N N 37  
DC P      P N N 38  
DC OP1    O N N 39  
DC OP2    O N N 40  
DC "O5'"  O N N 41  
DC "C5'"  C N N 42  
DC "C4'"  C N R 43  
DC "O4'"  O N N 44  
DC "C3'"  C N S 45  
DC "O3'"  O N N 46  
DC "C2'"  C N N 47  
DC "C1'"  C N R 48  
DC N1     N N N 49  
DC C2     C N N 50  
DC O2     O N N 51  
DC N3     N N N 52  
DC C4     C N N 53  
DC N4     N N N 54  
DC C5     C N N 55  
DC C6     C N N 56  
DC HOP3   H N N 57  
DC HOP2   H N N 58  
DC "H5'"  H N N 59  
DC "H5''" H N N 60  
DC "H4'"  H N N 61  
DC "H3'"  H N N 62  
DC "HO3'" H N N 63  
DC "H2'"  H N N 64  
DC "H2''" H N N 65  
DC "H1'"  H N N 66  
DC H41    H N N 67  
DC H42    H N N 68  
DC H5     H N N 69  
DC H6     H N N 70  
DG OP3    O N N 71  
DG P      P N N 72  
DG OP1    O N N 73  
DG OP2    O N N 74  
DG "O5'"  O N N 75  
DG "C5'"  C N N 76  
DG "C4'"  C N R 77  
DG "O4'"  O N N 78  
DG "C3'"  C N S 79  
DG "O3'"  O N N 80  
DG "C2'"  C N N 81  
DG "C1'"  C N R 82  
DG N9     N Y N 83  
DG C8     C Y N 84  
DG N7     N Y N 85  
DG C5     C Y N 86  
DG C6     C N N 87  
DG O6     O N N 88  
DG N1     N N N 89  
DG C2     C N N 90  
DG N2     N N N 91  
DG N3     N N N 92  
DG C4     C Y N 93  
DG HOP3   H N N 94  
DG HOP2   H N N 95  
DG "H5'"  H N N 96  
DG "H5''" H N N 97  
DG "H4'"  H N N 98  
DG "H3'"  H N N 99  
DG "HO3'" H N N 100 
DG "H2'"  H N N 101 
DG "H2''" H N N 102 
DG "H1'"  H N N 103 
DG H8     H N N 104 
DG H1     H N N 105 
DG H21    H N N 106 
DG H22    H N N 107 
DT OP3    O N N 108 
DT P      P N N 109 
DT OP1    O N N 110 
DT OP2    O N N 111 
DT "O5'"  O N N 112 
DT "C5'"  C N N 113 
DT "C4'"  C N R 114 
DT "O4'"  O N N 115 
DT "C3'"  C N S 116 
DT "O3'"  O N N 117 
DT "C2'"  C N N 118 
DT "C1'"  C N R 119 
DT N1     N N N 120 
DT C2     C N N 121 
DT O2     O N N 122 
DT N3     N N N 123 
DT C4     C N N 124 
DT O4     O N N 125 
DT C5     C N N 126 
DT C7     C N N 127 
DT C6     C N N 128 
DT HOP3   H N N 129 
DT HOP2   H N N 130 
DT "H5'"  H N N 131 
DT "H5''" H N N 132 
DT "H4'"  H N N 133 
DT "H3'"  H N N 134 
DT "HO3'" H N N 135 
DT "H2'"  H N N 136 
DT "H2''" H N N 137 
DT "H1'"  H N N 138 
DT H3     H N N 139 
DT H71    H N N 140 
DT H72    H N N 141 
DT H73    H N N 142 
DT H6     H N N 143 
# 
loop_
_chem_comp_bond.comp_id 
_chem_comp_bond.atom_id_1 
_chem_comp_bond.atom_id_2 
_chem_comp_bond.value_order 
_chem_comp_bond.pdbx_aromatic_flag 
_chem_comp_bond.pdbx_stereo_config 
_chem_comp_bond.pdbx_ordinal 
DA OP3   P      sing N N 1   
DA OP3   HOP3   sing N N 2   
DA P     OP1    doub N N 3   
DA P     OP2    sing N N 4   
DA P     "O5'"  sing N N 5   
DA OP2   HOP2   sing N N 6   
DA "O5'" "C5'"  sing N N 7   
DA "C5'" "C4'"  sing N N 8   
DA "C5'" "H5'"  sing N N 9   
DA "C5'" "H5''" sing N N 10  
DA "C4'" "O4'"  sing N N 11  
DA "C4'" "C3'"  sing N N 12  
DA "C4'" "H4'"  sing N N 13  
DA "O4'" "C1'"  sing N N 14  
DA "C3'" "O3'"  sing N N 15  
DA "C3'" "C2'"  sing N N 16  
DA "C3'" "H3'"  sing N N 17  
DA "O3'" "HO3'" sing N N 18  
DA "C2'" "C1'"  sing N N 19  
DA "C2'" "H2'"  sing N N 20  
DA "C2'" "H2''" sing N N 21  
DA "C1'" N9     sing N N 22  
DA "C1'" "H1'"  sing N N 23  
DA N9    C8     sing Y N 24  
DA N9    C4     sing Y N 25  
DA C8    N7     doub Y N 26  
DA C8    H8     sing N N 27  
DA N7    C5     sing Y N 28  
DA C5    C6     sing Y N 29  
DA C5    C4     doub Y N 30  
DA C6    N6     sing N N 31  
DA C6    N1     doub Y N 32  
DA N6    H61    sing N N 33  
DA N6    H62    sing N N 34  
DA N1    C2     sing Y N 35  
DA C2    N3     doub Y N 36  
DA C2    H2     sing N N 37  
DA N3    C4     sing Y N 38  
DC OP3   P      sing N N 39  
DC OP3   HOP3   sing N N 40  
DC P     OP1    doub N N 41  
DC P     OP2    sing N N 42  
DC P     "O5'"  sing N N 43  
DC OP2   HOP2   sing N N 44  
DC "O5'" "C5'"  sing N N 45  
DC "C5'" "C4'"  sing N N 46  
DC "C5'" "H5'"  sing N N 47  
DC "C5'" "H5''" sing N N 48  
DC "C4'" "O4'"  sing N N 49  
DC "C4'" "C3'"  sing N N 50  
DC "C4'" "H4'"  sing N N 51  
DC "O4'" "C1'"  sing N N 52  
DC "C3'" "O3'"  sing N N 53  
DC "C3'" "C2'"  sing N N 54  
DC "C3'" "H3'"  sing N N 55  
DC "O3'" "HO3'" sing N N 56  
DC "C2'" "C1'"  sing N N 57  
DC "C2'" "H2'"  sing N N 58  
DC "C2'" "H2''" sing N N 59  
DC "C1'" N1     sing N N 60  
DC "C1'" "H1'"  sing N N 61  
DC N1    C2     sing N N 62  
DC N1    C6     sing N N 63  
DC C2    O2     doub N N 64  
DC C2    N3     sing N N 65  
DC N3    C4     doub N N 66  
DC C4    N4     sing N N 67  
DC C4    C5     sing N N 68  
DC N4    H41    sing N N 69  
DC N4    H42    sing N N 70  
DC C5    C6     doub N N 71  
DC C5    H5     sing N N 72  
DC C6    H6     sing N N 73  
DG OP3   P      sing N N 74  
DG OP3   HOP3   sing N N 75  
DG P     OP1    doub N N 76  
DG P     OP2    sing N N 77  
DG P     "O5'"  sing N N 78  
DG OP2   HOP2   sing N N 79  
DG "O5'" "C5'"  sing N N 80  
DG "C5'" "C4'"  sing N N 81  
DG "C5'" "H5'"  sing N N 82  
DG "C5'" "H5''" sing N N 83  
DG "C4'" "O4'"  sing N N 84  
DG "C4'" "C3'"  sing N N 85  
DG "C4'" "H4'"  sing N N 86  
DG "O4'" "C1'"  sing N N 87  
DG "C3'" "O3'"  sing N N 88  
DG "C3'" "C2'"  sing N N 89  
DG "C3'" "H3'"  sing N N 90  
DG "O3'" "HO3'" sing N N 91  
DG "C2'" "C1'"  sing N N 92  
DG "C2'" "H2'"  sing N N 93  
DG "C2'" "H2''" sing N N 94  
DG "C1'" N9     sing N N 95  
DG "C1'" "H1'"  sing N N 96  
DG N9    C8     sing Y N 97  
DG N9    C4     sing Y N 98  
DG C8    N7     doub Y N 99  
DG C8    H8     sing N N 100 
DG N7    C5     sing Y N 101 
DG C5    C6     sing N N 102 
DG C5    C4     doub Y N 103 
DG C6    O6     doub N N 104 
DG C6    N1     sing N N 105 
DG N1    C2     sing N N 106 
DG N1    H1     sing N N 107 
DG C2    N2     sing N N 108 
DG C2    N3     doub N N 109 
DG N2    H21    sing N N 110 
DG N2    H22    sing N N 111 
DG N3    C4     sing N N 112 
DT OP3   P      sing N N 113 
DT OP3   HOP3   sing N N 114 
DT P     OP1    doub N N 115 
DT P     OP2    sing N N 116 
DT P     "O5'"  sing N N 117 
DT OP2   HOP2   sing N N 118 
DT "O5'" "C5'"  sing N N 119 
DT "C5'" "C4'"  sing N N 120 
DT "C5'" "H5'"  sing N N 121 
DT "C5'" "H5''" sing N N 122 
DT "C4'" "O4'"  sing N N 123 
DT "C4'" "C3'"  sing N N 124 
DT "C4'" "H4'"  sing N N 125 
DT "O4'" "C1'"  sing N N 126 
DT "C3'" "O3'"  sing N N 127 
DT "C3'" "C2'"  sing N N 128 
DT "C3'" "H3'"  sing N N 129 
DT "O3'" "HO3'" sing N N 130 
DT "C2'" "C1'"  sing N N 131 
DT "C2'" "H2'"  sing N N 132 
DT "C2'" "H2''" sing N N 133 
DT "C1'" N1     sing N N 134 
DT "C1'" "H1'"  sing N N 135 
DT N1    C2     sing N N 136 
DT N1    C6     sing N N 137 
DT C2    O2     doub N N 138 
DT C2    N3     sing N N 139 
DT N3    C4     sing N N 140 
DT N3    H3     sing N N 141 
DT C4    O4     doub N N 142 
DT C4    C5     sing N N 143 
DT C5    C7     sing N N 144 
DT C5    C6     doub N N 145 
DT C7    H71    sing N N 146 
DT C7    H72    sing N N 147 
DT C7    H73    sing N N 148 
DT C6    H6     sing N N 149 
# 
loop_
_ndb_struct_conf_na.entry_id 
_ndb_struct_conf_na.feature 
9NDF 'double helix'        
9NDF 'a-form double helix' 
9NDF 'b-form double helix' 
# 
loop_
_ndb_struct_na_base_pair.model_number 
_ndb_struct_na_base_pair.i_label_asym_id 
_ndb_struct_na_base_pair.i_label_comp_id 
_ndb_struct_na_base_pair.i_label_seq_id 
_ndb_struct_na_base_pair.i_symmetry 
_ndb_struct_na_base_pair.j_label_asym_id 
_ndb_struct_na_base_pair.j_label_comp_id 
_ndb_struct_na_base_pair.j_label_seq_id 
_ndb_struct_na_base_pair.j_symmetry 
_ndb_struct_na_base_pair.shear 
_ndb_struct_na_base_pair.stretch 
_ndb_struct_na_base_pair.stagger 
_ndb_struct_na_base_pair.buckle 
_ndb_struct_na_base_pair.propeller 
_ndb_struct_na_base_pair.opening 
_ndb_struct_na_base_pair.pair_number 
_ndb_struct_na_base_pair.pair_name 
_ndb_struct_na_base_pair.i_auth_asym_id 
_ndb_struct_na_base_pair.i_auth_seq_id 
_ndb_struct_na_base_pair.i_PDB_ins_code 
_ndb_struct_na_base_pair.j_auth_asym_id 
_ndb_struct_na_base_pair.j_auth_seq_id 
_ndb_struct_na_base_pair.j_PDB_ins_code 
_ndb_struct_na_base_pair.hbond_type_28 
_ndb_struct_na_base_pair.hbond_type_12 
1 A DA 1  1_555 B DT 8  1_555 0.202  0.009  -0.183 -7.703  -2.034  -4.513  1  A_DA112:DT138_B A 112 ? B 138 ? 20 1 
1 A DC 2  1_555 B DG 7  1_555 0.138  -0.189 0.657  0.733   -4.472  -2.430  2  A_DC113:DG137_B A 113 ? B 137 ? 19 1 
1 A DG 3  1_555 B DC 6  1_555 -0.148 0.523  0.106  3.510   -4.152  -36.701 3  A_DG114:DC136_B A 114 ? B 136 ? ?  ? 
1 A DG 4  1_555 B DC 5  1_555 -0.097 -0.190 -0.209 8.679   -3.825  1.279   4  A_DG115:DC135_B A 115 ? B 135 ? 19 1 
1 A DA 5  1_555 C DT 8  1_555 0.439  -0.181 1.301  4.400   -10.842 -21.123 5  A_DA116:DT208_D A 116 ? D 208 ? 20 1 
1 A DC 6  1_555 C DG 7  1_555 0.051  -0.275 0.903  -3.314  -12.867 -4.141  6  A_DC117:DG207_D A 117 ? D 207 ? 19 1 
1 A DA 7  1_555 C DT 6  1_555 0.129  -0.078 -0.544 -12.912 -7.964  -1.792  7  A_DA118:DT206_D A 118 ? D 206 ? 20 1 
1 A DC 8  1_555 C DG 5  1_555 0.240  -0.171 -0.540 -8.525  -2.630  1.555   8  A_DC119:DG205_D A 119 ? D 205 ? 19 1 
1 A DT 9  1_555 C DA 4  1_555 -1.237 0.145  0.188  -10.246 1.882   -13.975 9  A_DT120:DA204_D A 120 ? D 204 ? 20 1 
1 A DC 10 1_555 C DG 3  1_555 0.284  0.013  0.152  -0.099  8.319   -16.282 10 A_DC121:DG203_D A 121 ? D 203 ? 19 1 
1 A DA 11 1_555 C DT 2  1_555 0.699  1.314  0.284  9.761   -9.091  -36.730 11 A_DA122:DT202_D A 122 ? D 202 ? ?  ? 
1 B DC 1  1_555 D DG 10 1_555 0.106  -0.219 0.531  -4.752  -12.725 -5.344  12 B_DC131:DG111_X B 131 ? X 111 ? 19 1 
1 B DA 2  1_555 D DT 9  1_555 0.169  0.063  -0.217 -12.833 -12.981 -10.223 13 B_DA132:DT110_X B 132 ? X 110 ? 20 1 
1 B DC 3  1_555 D DG 8  1_555 0.236  -0.136 0.101  -0.756  -8.750  1.679   14 B_DC133:DG109_X B 133 ? X 109 ? 19 1 
1 B DA 4  1_555 D DT 7  1_555 1.149  -0.171 1.383  19.930  -3.753  -9.091  15 B_DA134:DT108_X B 134 ? X 108 ? 20 1 
1 C DG 9  1_555 D DC 6  1_555 -0.484 0.631  -1.036 -9.308  -12.119 4.530   16 D_DG209:DC107_X D 209 ? X 107 ? ?  1 
1 C DC 10 1_555 D DG 5  1_555 0.151  -0.297 -0.870 -4.245  -4.801  1.128   17 D_DC210:DG106_X D 210 ? X 106 ? 19 1 
1 C DT 11 1_555 D DA 4  1_555 -0.173 -0.006 -0.220 -4.668  -4.177  -14.724 18 D_DT211:DA105_X D 211 ? X 105 ? 20 1 
1 C DC 12 1_555 D DG 3  1_555 0.107  -0.219 -0.777 5.270   0.551   -2.171  19 D_DC212:DG104_X D 212 ? X 104 ? 19 1 
1 C DT 13 1_555 D DA 2  1_555 -0.040 -0.165 -0.566 -1.286  -0.356  -3.127  20 D_DT213:DA103_X D 213 ? X 103 ? 20 1 
# 
loop_
_ndb_struct_na_base_pair_step.model_number 
_ndb_struct_na_base_pair_step.i_label_asym_id_1 
_ndb_struct_na_base_pair_step.i_label_comp_id_1 
_ndb_struct_na_base_pair_step.i_label_seq_id_1 
_ndb_struct_na_base_pair_step.i_symmetry_1 
_ndb_struct_na_base_pair_step.j_label_asym_id_1 
_ndb_struct_na_base_pair_step.j_label_comp_id_1 
_ndb_struct_na_base_pair_step.j_label_seq_id_1 
_ndb_struct_na_base_pair_step.j_symmetry_1 
_ndb_struct_na_base_pair_step.i_label_asym_id_2 
_ndb_struct_na_base_pair_step.i_label_comp_id_2 
_ndb_struct_na_base_pair_step.i_label_seq_id_2 
_ndb_struct_na_base_pair_step.i_symmetry_2 
_ndb_struct_na_base_pair_step.j_label_asym_id_2 
_ndb_struct_na_base_pair_step.j_label_comp_id_2 
_ndb_struct_na_base_pair_step.j_label_seq_id_2 
_ndb_struct_na_base_pair_step.j_symmetry_2 
_ndb_struct_na_base_pair_step.shift 
_ndb_struct_na_base_pair_step.slide 
_ndb_struct_na_base_pair_step.rise 
_ndb_struct_na_base_pair_step.tilt 
_ndb_struct_na_base_pair_step.roll 
_ndb_struct_na_base_pair_step.twist 
_ndb_struct_na_base_pair_step.x_displacement 
_ndb_struct_na_base_pair_step.y_displacement 
_ndb_struct_na_base_pair_step.helical_rise 
_ndb_struct_na_base_pair_step.inclination 
_ndb_struct_na_base_pair_step.tip 
_ndb_struct_na_base_pair_step.helical_twist 
_ndb_struct_na_base_pair_step.step_number 
_ndb_struct_na_base_pair_step.step_name 
_ndb_struct_na_base_pair_step.i_auth_asym_id_1 
_ndb_struct_na_base_pair_step.i_auth_seq_id_1 
_ndb_struct_na_base_pair_step.i_PDB_ins_code_1 
_ndb_struct_na_base_pair_step.j_auth_asym_id_1 
_ndb_struct_na_base_pair_step.j_auth_seq_id_1 
_ndb_struct_na_base_pair_step.j_PDB_ins_code_1 
_ndb_struct_na_base_pair_step.i_auth_asym_id_2 
_ndb_struct_na_base_pair_step.i_auth_seq_id_2 
_ndb_struct_na_base_pair_step.i_PDB_ins_code_2 
_ndb_struct_na_base_pair_step.j_auth_asym_id_2 
_ndb_struct_na_base_pair_step.j_auth_seq_id_2 
_ndb_struct_na_base_pair_step.j_PDB_ins_code_2 
1 A DA 1  1_555 B DT 8  1_555 A DC 2  1_555 B DG 7 1_555 -0.170 -1.011 3.039 -7.955  5.797  27.054 -3.215 -1.275 2.708 11.904 
16.335  28.757 1  AA_DA112DC113:DG137DT138_BB A 112 ? B 138 ? A 113 ? B 137 ? 
1 A DC 2  1_555 B DG 7  1_555 A DG 3  1_555 B DC 6 1_555 -1.460 0.273  2.922 3.014   4.626  35.156 -0.147 2.776  2.804 7.601  
-4.952  35.573 2  AA_DC113DG114:DC136DG137_BB A 113 ? B 137 ? A 114 ? B 136 ? 
1 A DG 3  1_555 B DC 6  1_555 A DG 4  1_555 B DC 5 1_555 2.430  -0.277 3.446 0.231   -0.037 32.460 -0.488 -4.304 3.463 -0.067 
-0.413  32.461 3  AA_DG114DG115:DC135DC136_BB A 114 ? B 136 ? A 115 ? B 135 ? 
1 A DG 4  1_555 B DC 5  1_555 A DA 5  1_555 C DT 8 1_555 -3.480 -0.531 3.000 -28.162 -7.213 36.300 0.128  1.292  4.511 -9.868 
38.528  46.198 4  AA_DG115DA116:DT208DC135_DB A 115 ? B 135 ? A 116 ? D 208 ? 
1 A DA 5  1_555 C DT 8  1_555 A DC 6  1_555 C DG 7 1_555 0.965  -0.937 3.621 -1.391  -2.312 32.954 -1.212 -1.958 3.634 -4.068 
2.447   33.062 5  AA_DA116DC117:DG207DT208_DD A 116 ? D 208 ? A 117 ? D 207 ? 
1 A DC 6  1_555 C DG 7  1_555 A DA 7  1_555 C DT 6 1_555 -1.377 -0.028 3.691 -2.048  -0.413 33.358 0.029  2.008  3.767 -0.718 
3.563   33.421 6  AA_DC117DA118:DT206DG207_DD A 117 ? D 207 ? A 118 ? D 206 ? 
1 A DA 7  1_555 C DT 6  1_555 A DC 8  1_555 C DG 5 1_555 -0.197 -0.225 3.396 -6.212  -0.207 33.114 -0.354 -0.717 3.378 -0.360 
10.780  33.676 7  AA_DA118DC119:DG205DT206_DD A 118 ? D 206 ? A 119 ? D 205 ? 
1 A DC 8  1_555 C DG 5  1_555 A DT 9  1_555 C DA 4 1_555 -1.364 -1.343 3.335 -3.701  2.488  24.869 -3.818 2.008  3.351 5.719  
8.507   25.259 8  AA_DC119DT120:DA204DG205_DD A 119 ? D 205 ? A 120 ? D 204 ? 
1 A DT 9  1_555 C DA 4  1_555 A DC 10 1_555 C DG 3 1_555 0.143  -1.519 3.142 -2.849  3.726  39.312 -2.654 -0.525 2.974 5.514  
4.216   39.580 9  AA_DT120DC121:DG203DA204_DD A 120 ? D 204 ? A 121 ? D 203 ? 
1 A DC 10 1_555 C DG 3  1_555 A DA 11 1_555 C DT 2 1_555 -1.021 0.655  3.302 -2.852  11.477 35.082 -0.599 1.204  3.412 18.405 
4.574   36.962 10 AA_DC121DA122:DT202DG203_DD A 121 ? D 203 ? A 122 ? D 202 ? 
1 B DC 1  1_555 D DG 10 1_555 B DA 2  1_555 D DT 9 1_555 0.076  -0.162 3.541 -0.218  1.495  28.787 -0.686 -0.205 3.527 3.005  
0.439   28.826 11 BB_DC131DA132:DT110DG111_XX B 131 ? X 111 ? B 132 ? X 110 ? 
1 B DA 2  1_555 D DT 9  1_555 B DC 3  1_555 D DG 8 1_555 0.725  0.483  3.233 -1.266  2.006  33.892 0.509  -1.441 3.227 3.435  
2.168   33.973 12 BB_DA132DC133:DG109DT110_XX B 132 ? X 110 ? B 133 ? X 109 ? 
1 B DC 3  1_555 D DG 8  1_555 B DA 4  1_555 D DT 7 1_555 -1.007 -1.117 3.183 -13.869 19.337 36.180 -3.346 0.062  2.520 27.758 
19.909  43.085 13 BB_DC133DA134:DT108DG109_XX B 133 ? X 109 ? B 134 ? X 108 ? 
1 B DA 4  1_555 D DT 7  1_555 C DG 9  1_555 D DC 6 1_555 2.366  -1.269 4.477 17.674  -4.196 23.215 -1.015 1.598  5.131 -8.885 
-37.428 29.400 14 BD_DA134DG209:DC107DT108_XX B 134 ? X 108 ? D 209 ? X 107 ? 
1 C DG 9  1_555 D DC 6  1_555 C DC 10 1_555 D DG 5 1_555 -0.790 -0.504 3.035 -3.306  0.641  39.905 -0.805 0.800  3.079 0.937  
4.833   40.041 15 DD_DG209DC210:DG106DC107_XX D 209 ? X 107 ? D 210 ? X 106 ? 
1 C DC 10 1_555 D DG 5  1_555 C DT 11 1_555 D DA 4 1_555 -1.388 -0.655 3.494 -0.113  1.686  36.742 -1.282 2.183  3.465 2.674  
0.178   36.780 16 DD_DC210DT211:DA105DG106_XX D 210 ? X 106 ? D 211 ? X 105 ? 
1 C DT 11 1_555 D DA 4  1_555 C DC 12 1_555 D DG 3 1_555 0.375  -0.501 2.976 3.506   -0.462 33.314 -0.799 -0.121 3.005 -0.803 
-6.094  33.496 17 DD_DT211DC212:DG104DA105_XX D 211 ? X 105 ? D 212 ? X 104 ? 
1 C DC 12 1_555 D DG 3  1_555 C DT 13 1_555 D DA 2 1_555 -0.266 -1.209 3.649 2.850   -0.435 31.543 -2.126 1.073  3.628 -0.799 
-5.228  31.671 18 DD_DC212DT213:DA103DG104_XX D 212 ? X 104 ? D 213 ? X 103 ? 
# 
loop_
_pdbx_audit_support.funding_organization 
_pdbx_audit_support.country 
_pdbx_audit_support.grant_number 
_pdbx_audit_support.ordinal 
'Office of Naval Research (ONR)'                   'United States' N000141912596 1 
'Department of Energy (DOE, United States)'        'United States' DE-SC0007991  2 
'National Science Foundation (NSF, United States)' 'United States' CCF-2106790   3 
'National Science Foundation (NSF, United States)' 'United States' GCR-2317843   4 
# 
_pdbx_initial_refinement_model.id               1 
_pdbx_initial_refinement_model.entity_id_list   ? 
_pdbx_initial_refinement_model.type             'experimental model' 
_pdbx_initial_refinement_model.source_name      PDB 
_pdbx_initial_refinement_model.accession_code   8D93 
_pdbx_initial_refinement_model.details          'tensegrity triangle' 
# 
_space_group.name_H-M_alt     'P 63' 
_space_group.name_Hall        'P 6c' 
_space_group.IT_number        173 
_space_group.crystal_system   hexagonal 
_space_group.id               1 
# 
_atom_sites.entry_id                    9NDF 
_atom_sites.Cartn_transf_matrix[1][1]   ? 
_atom_sites.Cartn_transf_matrix[1][2]   ? 
_atom_sites.Cartn_transf_matrix[1][3]   ? 
_atom_sites.Cartn_transf_matrix[2][1]   ? 
_atom_sites.Cartn_transf_matrix[2][2]   ? 
_atom_sites.Cartn_transf_matrix[2][3]   ? 
_atom_sites.Cartn_transf_matrix[3][1]   ? 
_atom_sites.Cartn_transf_matrix[3][2]   ? 
_atom_sites.Cartn_transf_matrix[3][3]   ? 
_atom_sites.Cartn_transf_vector[1]      ? 
_atom_sites.Cartn_transf_vector[2]      ? 
_atom_sites.Cartn_transf_vector[3]      ? 
_atom_sites.Cartn_transform_axes        ? 
_atom_sites.fract_transf_matrix[1][1]   -0.00134846 
_atom_sites.fract_transf_matrix[1][2]   0.00099684 
_atom_sites.fract_transf_matrix[1][3]   -0.00862003 
_atom_sites.fract_transf_matrix[2][1]   -0.00348506 
_atom_sites.fract_transf_matrix[2][2]   -0.00655747 
_atom_sites.fract_transf_matrix[2][3]   -0.00468614 
_atom_sites.fract_transf_matrix[3][1]   -0.01903826 
_atom_sites.fract_transf_matrix[3][2]   0.00737995 
_atom_sites.fract_transf_matrix[3][3]   0.00383166 
_atom_sites.fract_transf_vector[1]      -0.141770 
_atom_sites.fract_transf_vector[2]      0.427717 
_atom_sites.fract_transf_vector[3]      0.247735 
_atom_sites.solution_primary            ? 
_atom_sites.solution_secondary          ? 
_atom_sites.solution_hydrogens          ? 
_atom_sites.special_details             ? 
# 
loop_
_atom_type.symbol 
_atom_type.scat_dispersion_real 
_atom_type.scat_dispersion_imag 
_atom_type.scat_Cromer_Mann_a1 
_atom_type.scat_Cromer_Mann_a2 
_atom_type.scat_Cromer_Mann_a3 
_atom_type.scat_Cromer_Mann_a4 
_atom_type.scat_Cromer_Mann_b1 
_atom_type.scat_Cromer_Mann_b2 
_atom_type.scat_Cromer_Mann_b3 
_atom_type.scat_Cromer_Mann_b4 
_atom_type.scat_Cromer_Mann_c 
_atom_type.scat_source 
_atom_type.scat_dispersion_source 
C ? ? 5.96793  ? ? ? 14.89577 ? ? ? 0.0 
;1-Gaussian fit: Grosse-Kunstleve RW, Sauter NK, Adams PD: Newsletter of the IUCr Commission on Crystallographic Computing 2004, 3, 22-31.
;
? 
N ? ? 6.96715  ? ? ? 11.43723 ? ? ? 0.0 
;1-Gaussian fit: Grosse-Kunstleve RW, Sauter NK, Adams PD: Newsletter of the IUCr Commission on Crystallographic Computing 2004, 3, 22-31.
;
? 
O ? ? 7.96527  ? ? ? 9.05267  ? ? ? 0.0 
;1-Gaussian fit: Grosse-Kunstleve RW, Sauter NK, Adams PD: Newsletter of the IUCr Commission on Crystallographic Computing 2004, 3, 22-31.
;
? 
P ? ? 14.90797 ? ? ? 11.91318 ? ? ? 0.0 
;1-Gaussian fit: Grosse-Kunstleve RW, Sauter NK, Adams PD: Newsletter of the IUCr Commission on Crystallographic Computing 2004, 3, 22-31.
;
? 
# 
loop_
_atom_site.group_PDB 
_atom_site.id 
_atom_site.type_symbol 
_atom_site.label_atom_id 
_atom_site.label_alt_id 
_atom_site.label_comp_id 
_atom_site.label_asym_id 
_atom_site.label_entity_id 
_atom_site.label_seq_id 
_atom_site.pdbx_PDB_ins_code 
_atom_site.Cartn_x 
_atom_site.Cartn_y 
_atom_site.Cartn_z 
_atom_site.occupancy 
_atom_site.B_iso_or_equiv 
_atom_site.pdbx_formal_charge 
_atom_site.auth_seq_id 
_atom_site.auth_comp_id 
_atom_site.auth_asym_id 
_atom_site.auth_atom_id 
_atom_site.pdbx_PDB_model_num 
ATOM 1   P P     . DA A 1 1  ? 3.57519   -0.88055  17.79700  1.000 350.72350 ? 112 DA A P     1 
ATOM 2   O OP1   . DA A 1 1  ? 3.62413   -2.09986  18.63702  1.000 347.69670 ? 112 DA A OP1   1 
ATOM 3   O OP2   . DA A 1 1  ? 2.37944   -0.58278  16.97508  1.000 356.39437 ? 112 DA A OP2   1 
ATOM 4   O "O5'" . DA A 1 1  ? 3.89302   0.38732   18.72139  1.000 375.55151 ? 112 DA A "O5'" 1 
ATOM 5   C "C5'" . DA A 1 1  ? 2.86314   1.00036   19.48142  1.000 376.30228 ? 112 DA A "C5'" 1 
ATOM 6   C "C4'" . DA A 1 1  ? 2.52169   2.36475   18.91484  1.000 396.29204 ? 112 DA A "C4'" 1 
ATOM 7   O "O4'" . DA A 1 1  ? 3.69473   2.92825   18.28923  1.000 415.74163 ? 112 DA A "O4'" 1 
ATOM 8   C "C3'" . DA A 1 1  ? 1.44644   2.35107   17.82621  1.000 397.80664 ? 112 DA A "C3'" 1 
ATOM 9   O "O3'" . DA A 1 1  ? 0.15888   2.84620   18.31661  1.000 396.76400 ? 112 DA A "O3'" 1 
ATOM 10  C "C2'" . DA A 1 1  ? 2.02275   3.20105   16.68043  1.000 420.25539 ? 112 DA A "C2'" 1 
ATOM 11  C "C1'" . DA A 1 1  ? 3.27062   3.82665   17.29783  1.000 432.40336 ? 112 DA A "C1'" 1 
ATOM 12  N N9    . DA A 1 1  ? 4.35323   4.03361   16.33818  1.000 438.90470 ? 112 DA A N9    1 
ATOM 13  C C8    . DA A 1 1  ? 5.11714   3.06988   15.74720  1.000 423.77537 ? 112 DA A C8    1 
ATOM 14  N N7    . DA A 1 1  ? 6.01532   3.54072   14.91652  1.000 434.83135 ? 112 DA A N7    1 
ATOM 15  C C5    . DA A 1 1  ? 5.82713   4.91375   14.96091  1.000 457.10411 ? 112 DA A C5    1 
ATOM 16  C C6    . DA A 1 1  ? 6.46612   5.98009   14.29518  1.000 475.39956 ? 112 DA A C6    1 
ATOM 17  N N6    . DA A 1 1  ? 7.47373   5.80884   13.43517  1.000 476.20385 ? 112 DA A N6    1 
ATOM 18  N N1    . DA A 1 1  ? 6.04262   7.23696   14.56827  1.000 492.11240 ? 112 DA A N1    1 
ATOM 19  C C2    . DA A 1 1  ? 5.03659   7.40029   15.43763  1.000 491.76050 ? 112 DA A C2    1 
ATOM 20  N N3    . DA A 1 1  ? 4.35536   6.47329   16.11734  1.000 477.13969 ? 112 DA A N3    1 
ATOM 21  C C4    . DA A 1 1  ? 4.80725   5.23731   15.83180  1.000 459.51160 ? 112 DA A C4    1 
ATOM 22  P P     . DC A 1 2  ? -0.01164  4.21443   19.16020  1.000 421.34210 ? 113 DC A P     1 
ATOM 23  O OP1   . DC A 1 2  ? 0.56471   4.04717   20.51439  1.000 421.50985 ? 113 DC A OP1   1 
ATOM 24  O OP2   . DC A 1 2  ? -1.44337  4.57519   19.05070  1.000 416.39545 ? 113 DC A OP2   1 
ATOM 25  O "O5'" . DC A 1 2  ? 0.79303   5.32775   18.33628  1.000 446.55555 ? 113 DC A "O5'" 1 
ATOM 26  C "C5'" . DC A 1 2  ? 0.41657   6.70036   18.42833  1.000 469.89498 ? 113 DC A "C5'" 1 
ATOM 27  C "C4'" . DC A 1 2  ? -0.08089  7.22488   17.08791  1.000 482.49758 ? 113 DC A "C4'" 1 
ATOM 28  O "O4'" . DC A 1 2  ? 1.01647   7.27731   16.13950  1.000 492.26569 ? 113 DC A "O4'" 1 
ATOM 29  C "C3'" . DC A 1 2  ? -1.18329  6.38510   16.42037  1.000 470.75758 ? 113 DC A "C3'" 1 
ATOM 30  O "O3'" . DC A 1 2  ? -2.33211  7.19232   16.15609  1.000 479.80498 ? 113 DC A "O3'" 1 
ATOM 31  C "C2'" . DC A 1 2  ? -0.53735  5.88792   15.12207  1.000 472.10181 ? 113 DC A "C2'" 1 
ATOM 32  C "C1'" . DC A 1 2  ? 0.51596   6.95370   14.86759  1.000 490.64601 ? 113 DC A "C1'" 1 
ATOM 33  N N1    . DC A 1 2  ? 1.64134   6.48464   13.99963  1.000 485.87880 ? 113 DC A N1    1 
ATOM 34  C C2    . DC A 1 2  ? 2.34484   7.40108   13.20043  1.000 499.25940 ? 113 DC A C2    1 
ATOM 35  O O2    . DC A 1 2  ? 2.02949   8.59825   13.22691  1.000 513.72952 ? 113 DC A O2    1 
ATOM 36  N N3    . DC A 1 2  ? 3.35724   6.94420   12.41710  1.000 495.07809 ? 113 DC A N3    1 
ATOM 37  C C4    . DC A 1 2  ? 3.66587   5.64493   12.41525  1.000 477.86992 ? 113 DC A C4    1 
ATOM 38  N N4    . DC A 1 2  ? 4.66900   5.23694   11.63087  1.000 474.37659 ? 113 DC A N4    1 
ATOM 39  C C5    . DC A 1 2  ? 2.95692   4.70313   13.21546  1.000 462.16960 ? 113 DC A C5    1 
ATOM 40  C C6    . DC A 1 2  ? 1.96337   5.16183   13.97985  1.000 467.12957 ? 113 DC A C6    1 
ATOM 41  P P     . DG A 1 3  ? -3.78801  6.51756   16.04000  1.000 464.13302 ? 114 DG A P     1 
ATOM 42  O OP1   . DG A 1 3  ? -4.15603  6.02839   17.38669  1.000 458.38619 ? 114 DG A OP1   1 
ATOM 43  O OP2   . DG A 1 3  ? -3.76829  5.57714   14.89587  1.000 444.93847 ? 114 DG A OP2   1 
ATOM 44  O "O5'" . DG A 1 3  ? -4.75731  7.73828   15.66921  1.000 479.47764 ? 114 DG A "O5'" 1 
ATOM 45  C "C5'" . DG A 1 3  ? -5.02683  8.05781   14.30425  1.000 483.66408 ? 114 DG A "C5'" 1 
ATOM 46  C "C4'" . DG A 1 3  ? -4.37293  9.37315   13.91937  1.000 503.59946 ? 114 DG A "C4'" 1 
ATOM 47  O "O4'" . DG A 1 3  ? -2.95187  9.15523   13.69266  1.000 507.80395 ? 114 DG A "O4'" 1 
ATOM 48  C "C3'" . DG A 1 3  ? -4.88939  10.00080  12.62546  1.000 507.29999 ? 114 DG A "C3'" 1 
ATOM 49  O "O3'" . DG A 1 3  ? -4.73056  11.42740  12.68662  1.000 526.25475 ? 114 DG A "O3'" 1 
ATOM 50  C "C2'" . DG A 1 3  ? -3.95404  9.38180   11.60405  1.000 502.18013 ? 114 DG A "C2'" 1 
ATOM 51  C "C1'" . DG A 1 3  ? -2.64444  9.49829   12.35727  1.000 511.63894 ? 114 DG A "C1'" 1 
ATOM 52  N N9    . DG A 1 3  ? -1.58762  8.62123   11.86691  1.000 507.42511 ? 114 DG A N9    1 
ATOM 53  C C8    . DG A 1 3  ? -1.43193  7.27973   12.11860  1.000 490.34738 ? 114 DG A C8    1 
ATOM 54  N N7    . DG A 1 3  ? -0.37594  6.76499   11.54891  1.000 489.74635 ? 114 DG A N7    1 
ATOM 55  C C5    . DG A 1 3  ? 0.20087   7.83502   10.87441  1.000 507.50333 ? 114 DG A C5    1 
ATOM 56  C C6    . DG A 1 3  ? 1.36940   7.89059   10.07647  1.000 512.40826 ? 114 DG A C6    1 
ATOM 57  O O6    . DG A 1 3  ? 2.15155   6.97219   9.79437   1.000 503.27553 ? 114 DG A O6    1 
ATOM 58  N N1    . DG A 1 3  ? 1.59610   9.17435   9.58343   1.000 529.02669 ? 114 DG A N1    1 
ATOM 59  C C2    . DG A 1 3  ? 0.79607   10.26444  9.83144   1.000 538.50506 ? 114 DG A C2    1 
ATOM 60  N N2    . DG A 1 3  ? 1.17488   11.42192  9.26920   1.000 553.33300 ? 114 DG A N2    1 
ATOM 61  N N3    . DG A 1 3  ? -0.29737  10.22504  10.57917  1.000 533.06829 ? 114 DG A N3    1 
ATOM 62  C C4    . DG A 1 3  ? -0.53263  8.98308   11.06498  1.000 517.75618 ? 114 DG A C4    1 
ATOM 63  P P     . DG A 1 4  ? -4.75912  12.32998  11.35226  1.000 503.11103 ? 115 DG A P     1 
ATOM 64  O OP1   . DG A 1 4  ? -4.99581  13.72541  11.77718  1.000 512.12876 ? 115 DG A OP1   1 
ATOM 65  O OP2   . DG A 1 4  ? -5.67893  11.70734  10.37611  1.000 491.88794 ? 115 DG A OP2   1 
ATOM 66  O "O5'" . DG A 1 4  ? -3.26689  12.23038  10.77924  1.000 511.76587 ? 115 DG A "O5'" 1 
ATOM 67  C "C5'" . DG A 1 4  ? -2.80837  13.16054  9.80702   1.000 519.00726 ? 115 DG A "C5'" 1 
ATOM 68  C "C4'" . DG A 1 4  ? -2.64911  12.50413  8.44180   1.000 518.47913 ? 115 DG A "C4'" 1 
ATOM 69  O "O4'" . DG A 1 4  ? -2.04360  11.19048  8.58315   1.000 509.56214 ? 115 DG A "O4'" 1 
ATOM 70  C "C3'" . DG A 1 4  ? -3.95793  12.28463  7.65609   1.000 512.81445 ? 115 DG A "C3'" 1 
ATOM 71  O "O3'" . DG A 1 4  ? -3.84401  12.78899  6.31114   1.000 516.72203 ? 115 DG A "O3'" 1 
ATOM 72  C "C2'" . DG A 1 4  ? -4.09982  10.76015  7.64806   1.000 508.39808 ? 115 DG A "C2'" 1 
ATOM 73  C "C1'" . DG A 1 4  ? -2.63916  10.35419  7.63259   1.000 506.92534 ? 115 DG A "C1'" 1 
ATOM 74  N N9    . DG A 1 4  ? -2.39102  8.94822   7.96339   1.000 491.91040 ? 115 DG A N9    1 
ATOM 75  C C8    . DG A 1 4  ? -3.19619  8.10933   8.69350   1.000 478.03013 ? 115 DG A C8    1 
ATOM 76  N N7    . DG A 1 4  ? -2.72087  6.89830   8.80373   1.000 463.64342 ? 115 DG A N7    1 
ATOM 77  C C5    . DG A 1 4  ? -1.53227  6.93285   8.08633   1.000 469.93418 ? 115 DG A C5    1 
ATOM 78  C C6    . DG A 1 4  ? -0.57778  5.91607   7.84623   1.000 456.37230 ? 115 DG A C6    1 
ATOM 79  O O6    . DG A 1 4  ? -0.59578  4.74361   8.23230   1.000 436.76002 ? 115 DG A O6    1 
ATOM 80  N N1    . DG A 1 4  ? 0.48348   6.37420   7.06860   1.000 465.15999 ? 115 DG A N1    1 
ATOM 81  C C2    . DG A 1 4  ? 0.60423   7.65112   6.58521   1.000 482.89173 ? 115 DG A C2    1 
ATOM 82  N N2    . DG A 1 4  ? 1.69572   7.91845   5.85431   1.000 487.18076 ? 115 DG A N2    1 
ATOM 83  N N3    . DG A 1 4  ? -0.27674  8.60990   6.81094   1.000 493.65250 ? 115 DG A N3    1 
ATOM 84  C C4    . DG A 1 4  ? -1.31825  8.18287   7.55780   1.000 486.91017 ? 115 DG A C4    1 
ATOM 85  P P     . DA A 1 5  ? -3.21389  14.23679  5.99593   1.000 485.97385 ? 116 DA A P     1 
ATOM 86  O OP1   . DA A 1 5  ? -3.45686  15.13395  7.14972   1.000 493.19144 ? 116 DA A OP1   1 
ATOM 87  O OP2   . DA A 1 5  ? -3.74497  14.63395  4.67249   1.000 489.25923 ? 116 DA A OP2   1 
ATOM 88  O "O5'" . DA A 1 5  ? -1.64538  13.93448  5.80117   1.000 489.05727 ? 116 DA A "O5'" 1 
ATOM 89  C "C5'" . DA A 1 5  ? -0.66884  14.97428  5.96658   1.000 502.48947 ? 116 DA A "C5'" 1 
ATOM 90  C "C4'" . DA A 1 5  ? 0.50259   14.80348  4.99991   1.000 501.30662 ? 116 DA A "C4'" 1 
ATOM 91  O "O4'" . DA A 1 5  ? 0.96156   13.42186  5.01183   1.000 492.18333 ? 116 DA A "O4'" 1 
ATOM 92  C "C3'" . DA A 1 5  ? 0.18528   15.12820  3.54572   1.000 497.93783 ? 116 DA A "C3'" 1 
ATOM 93  O "O3'" . DA A 1 5  ? 1.30276   15.70761  2.89800   1.000 490.01876 ? 116 DA A "O3'" 1 
ATOM 94  C "C2'" . DA A 1 5  ? -0.13794  13.77090  2.95910   1.000 491.89773 ? 116 DA A "C2'" 1 
ATOM 95  C "C1'" . DA A 1 5  ? 0.77875   12.83254  3.73692   1.000 488.39768 ? 116 DA A "C1'" 1 
ATOM 96  N N9    . DA A 1 5  ? 0.17248   11.52056  3.92703   1.000 477.99646 ? 116 DA A N9    1 
ATOM 97  C C8    . DA A 1 5  ? -0.87821  11.23769  4.74544   1.000 471.34708 ? 116 DA A C8    1 
ATOM 98  N N7    . DA A 1 5  ? -1.25604  9.98993   4.71223   1.000 460.36042 ? 116 DA A N7    1 
ATOM 99  C C5    . DA A 1 5  ? -0.39350  9.39828   3.81078   1.000 459.29949 ? 116 DA A C5    1 
ATOM 100 C C6    . DA A 1 5  ? -0.28527  8.07493   3.34767   1.000 446.92044 ? 116 DA A C6    1 
ATOM 101 N N6    . DA A 1 5  ? -1.08627  7.09518   3.76794   1.000 432.47224 ? 116 DA A N6    1 
ATOM 102 N N1    . DA A 1 5  ? 0.67455   7.79788   2.43712   1.000 446.23594 ? 116 DA A N1    1 
ATOM 103 C C2    . DA A 1 5  ? 1.47654   8.79814   2.02964   1.000 456.02965 ? 116 DA A C2    1 
ATOM 104 N N3    . DA A 1 5  ? 1.46258   10.09176  2.39303   1.000 467.85229 ? 116 DA A N3    1 
ATOM 105 C C4    . DA A 1 5  ? 0.49501   10.32442  3.30087   1.000 469.78230 ? 116 DA A C4    1 
ATOM 106 P P     . DC A 1 6  ? 1.15842   16.23447  1.38594   1.000 469.00227 ? 117 DC A P     1 
ATOM 107 O OP1   . DC A 1 6  ? 2.26304   17.18680  1.14509   1.000 459.48969 ? 117 DC A OP1   1 
ATOM 108 O OP2   . DC A 1 6  ? -0.24468  16.66684  1.19960   1.000 473.93028 ? 117 DC A OP2   1 
ATOM 109 O "O5'" . DC A 1 6  ? 1.37503   14.92645  0.48527   1.000 465.91415 ? 117 DC A "O5'" 1 
ATOM 110 C "C5'" . DC A 1 6  ? 2.61523   14.22967  0.52215   1.000 450.11594 ? 117 DC A "C5'" 1 
ATOM 111 C "C4'" . DC A 1 6  ? 2.58495   12.99675  -0.37368  1.000 443.77418 ? 117 DC A "C4'" 1 
ATOM 112 O "O4'" . DC A 1 6  ? 1.76944   11.95583  0.22899   1.000 453.44083 ? 117 DC A "O4'" 1 
ATOM 113 C "C3'" . DC A 1 6  ? 2.00541   13.20199  -1.77731  1.000 436.11091 ? 117 DC A "C3'" 1 
ATOM 114 O "O3'" . DC A 1 6  ? 2.73665   12.39924  -2.69548  1.000 417.44227 ? 117 DC A "O3'" 1 
ATOM 115 C "C2'" . DC A 1 6  ? 0.58057   12.67357  -1.61807  1.000 449.82174 ? 117 DC A "C2'" 1 
ATOM 116 C "C1'" . DC A 1 6  ? 0.86554   11.47227  -0.74391  1.000 451.51136 ? 117 DC A "C1'" 1 
ATOM 117 N N1    . DC A 1 6  ? -0.32013  10.89667  -0.04713  1.000 455.58830 ? 117 DC A N1    1 
ATOM 118 C C2    . DC A 1 6  ? -0.63592  9.54454   -0.21693  1.000 444.66905 ? 117 DC A C2    1 
ATOM 119 O O2    . DC A 1 6  ? 0.05961   8.84807   -0.96364  1.000 436.25450 ? 117 DC A O2    1 
ATOM 120 N N3    . DC A 1 6  ? -1.70483  9.03350   0.44272   1.000 438.23572 ? 117 DC A N3    1 
ATOM 121 C C4    . DC A 1 6  ? -2.43131  9.81131   1.24295   1.000 440.04838 ? 117 DC A C4    1 
ATOM 122 N N4    . DC A 1 6  ? -3.47213  9.25769   1.87451   1.000 425.86546 ? 117 DC A N4    1 
ATOM 123 C C5    . DC A 1 6  ? -2.11872  11.18659  1.43493   1.000 451.76743 ? 117 DC A C5    1 
ATOM 124 C C6    . DC A 1 6  ? -1.06806  11.67939  0.77143   1.000 459.95845 ? 117 DC A C6    1 
ATOM 125 P P     . DA A 1 7  ? 3.09880   12.93984  -4.16573  1.000 456.73628 ? 118 DA A P     1 
ATOM 126 O OP1   . DA A 1 7  ? 4.51645   13.36761  -4.14277  1.000 462.72502 ? 118 DA A OP1   1 
ATOM 127 O OP2   . DA A 1 7  ? 2.03815   13.87858  -4.60153  1.000 465.75617 ? 118 DA A OP2   1 
ATOM 128 O "O5'" . DA A 1 7  ? 2.99328   11.63541  -5.08375  1.000 447.26151 ? 118 DA A "O5'" 1 
ATOM 129 C "C5'" . DA A 1 7  ? 3.77311   10.48756  -4.78149  1.000 441.51437 ? 118 DA A "C5'" 1 
ATOM 130 C "C4'" . DA A 1 7  ? 3.15332   9.23440   -5.37855  1.000 431.83956 ? 118 DA A "C4'" 1 
ATOM 131 O "O4'" . DA A 1 7  ? 2.08793   8.75331   -4.51441  1.000 426.22924 ? 118 DA A "O4'" 1 
ATOM 132 C "C3'" . DA A 1 7  ? 2.51686   9.41138   -6.75652  1.000 433.31584 ? 118 DA A "C3'" 1 
ATOM 133 O "O3'" . DA A 1 7  ? 2.68474   8.21853   -7.51582  1.000 427.53681 ? 118 DA A "O3'" 1 
ATOM 134 C "C2'" . DA A 1 7  ? 1.05151   9.63770   -6.40742  1.000 431.77899 ? 118 DA A "C2'" 1 
ATOM 135 C "C1'" . DA A 1 7  ? 0.88802   8.66051   -5.25740  1.000 424.31581 ? 118 DA A "C1'" 1 
ATOM 136 N N9    . DA A 1 7  ? -0.22613  8.97372   -4.37125  1.000 423.60617 ? 118 DA A N9    1 
ATOM 137 C C8    . DA A 1 7  ? -0.47198  10.16752  -3.75664  1.000 430.22709 ? 118 DA A C8    1 
ATOM 138 N N7    . DA A 1 7  ? -1.54472  10.16488  -3.00528  1.000 428.09409 ? 118 DA A N7    1 
ATOM 139 C C5    . DA A 1 7  ? -2.03549  8.87655   -3.12796  1.000 419.75775 ? 118 DA A C5    1 
ATOM 140 C C6    . DA A 1 7  ? -3.15675  8.23628   -2.56925  1.000 414.61763 ? 118 DA A C6    1 
ATOM 141 N N6    . DA A 1 7  ? -4.01099  8.84546   -1.74360  1.000 417.01739 ? 118 DA A N6    1 
ATOM 142 N N1    . DA A 1 7  ? -3.36779  6.94359   -2.89413  1.000 407.54827 ? 118 DA A N1    1 
ATOM 143 C C2    . DA A 1 7  ? -2.50633  6.33962   -3.72275  1.000 408.28400 ? 118 DA A C2    1 
ATOM 144 N N3    . DA A 1 7  ? -1.41602  6.83880   -4.31023  1.000 409.55332 ? 118 DA A N3    1 
ATOM 145 C C4    . DA A 1 7  ? -1.23384  8.12466   -3.96312  1.000 416.84456 ? 118 DA A C4    1 
ATOM 146 P P     . DC A 1 8  ? 2.92262   8.28515   -9.10434  1.000 431.50416 ? 119 DC A P     1 
ATOM 147 O OP1   . DC A 1 8  ? 4.19238   7.58110   -9.40608  1.000 404.40346 ? 119 DC A OP1   1 
ATOM 148 O OP2   . DC A 1 8  ? 2.73781   9.69497   -9.52696  1.000 434.23556 ? 119 DC A OP2   1 
ATOM 149 O "O5'" . DC A 1 8  ? 1.72486   7.40765   -9.69798  1.000 460.22916 ? 119 DC A "O5'" 1 
ATOM 150 C "C5'" . DC A 1 8  ? 1.62490   6.03410   -9.35907  1.000 436.23627 ? 119 DC A "C5'" 1 
ATOM 151 C "C4'" . DC A 1 8  ? 0.17500   5.58736   -9.32449  1.000 454.83707 ? 119 DC A "C4'" 1 
ATOM 152 O "O4'" . DC A 1 8  ? -0.45693  6.06467   -8.12483  1.000 479.12352 ? 119 DC A "O4'" 1 
ATOM 153 C "C3'" . DC A 1 8  ? -0.70364  6.13557   -10.43801 1.000 461.92038 ? 119 DC A "C3'" 1 
ATOM 154 O "O3'" . DC A 1 8  ? -0.59166  5.34320   -11.67242 1.000 446.87305 ? 119 DC A "O3'" 1 
ATOM 155 C "C2'" . DC A 1 8  ? -2.11421  6.10657   -9.82593  1.000 494.79457 ? 119 DC A "C2'" 1 
ATOM 156 C "C1'" . DC A 1 8  ? -1.85245  5.98034   -8.31483  1.000 498.63818 ? 119 DC A "C1'" 1 
ATOM 157 N N1    . DC A 1 8  ? -2.52171  7.03113   -7.50339  1.000 406.71083 ? 119 DC A N1    1 
ATOM 158 C C2    . DC A 1 8  ? -3.72206  6.73282   -6.84949  1.000 404.15955 ? 119 DC A C2    1 
ATOM 159 O O2    . DC A 1 8  ? -4.19977  5.59563   -6.96191  1.000 405.52625 ? 119 DC A O2    1 
ATOM 160 N N3    . DC A 1 8  ? -4.32850  7.69858   -6.11685  1.000 401.22028 ? 119 DC A N3    1 
ATOM 161 C C4    . DC A 1 8  ? -3.77716  8.91108   -6.02560  1.000 401.03916 ? 119 DC A C4    1 
ATOM 162 N N4    . DC A 1 8  ? -4.40903  9.83180   -5.28889  1.000 404.65150 ? 119 DC A N4    1 
ATOM 163 C C5    . DC A 1 8  ? -2.55435  9.23358   -6.68799  1.000 404.47300 ? 119 DC A C5    1 
ATOM 164 C C6    . DC A 1 8  ? -1.96755  8.27173   -7.40786  1.000 406.91745 ? 119 DC A C6    1 
ATOM 165 P P     . DT A 1 9  ? -0.88244  3.75348   -11.74519 1.000 518.95404 ? 120 DT A P     1 
ATOM 166 O OP1   . DT A 1 9  ? 0.03097   3.01297   -10.84986 1.000 527.61476 ? 120 DT A OP1   1 
ATOM 167 O OP2   . DT A 1 9  ? -0.88066  3.41187   -13.18327 1.000 495.34985 ? 120 DT A OP2   1 
ATOM 168 O "O5'" . DT A 1 9  ? -2.39442  3.57335   -11.25636 1.000 535.07402 ? 120 DT A "O5'" 1 
ATOM 169 C "C5'" . DT A 1 9  ? -3.41574  3.26242   -12.19467 1.000 539.86255 ? 120 DT A "C5'" 1 
ATOM 170 C "C4'" . DT A 1 9  ? -4.58968  2.59403   -11.50553 1.000 533.65430 ? 120 DT A "C4'" 1 
ATOM 171 O "O4'" . DT A 1 9  ? -5.00645  3.39880   -10.36275 1.000 553.62810 ? 120 DT A "O4'" 1 
ATOM 172 C "C3'" . DT A 1 9  ? -5.84185  2.45179   -12.36761 1.000 542.74080 ? 120 DT A "C3'" 1 
ATOM 173 O "O3'" . DT A 1 9  ? -6.57540  1.30544   -11.94936 1.000 527.28450 ? 120 DT A "O3'" 1 
ATOM 174 C "C2'" . DT A 1 9  ? -6.58380  3.73091   -12.02471 1.000 578.08224 ? 120 DT A "C2'" 1 
ATOM 175 C "C1'" . DT A 1 9  ? -6.36839  3.73368   -10.52773 1.000 577.24639 ? 120 DT A "C1'" 1 
ATOM 176 N N1    . DT A 1 9  ? -6.65859  5.03846   -9.87069  1.000 413.53551 ? 120 DT A N1    1 
ATOM 177 C C2    . DT A 1 9  ? -7.84738  5.18962   -9.19574  1.000 419.18088 ? 120 DT A C2    1 
ATOM 178 O O2    . DT A 1 9  ? -8.68324  4.30651   -9.10978  1.000 422.30396 ? 120 DT A O2    1 
ATOM 179 N N3    . DT A 1 9  ? -8.03014  6.42140   -8.62387  1.000 421.53120 ? 120 DT A N3    1 
ATOM 180 C C4    . DT A 1 9  ? -7.16050  7.49634   -8.65633  1.000 419.05050 ? 120 DT A C4    1 
ATOM 181 O O4    . DT A 1 9  ? -7.41604  8.56652   -8.10962  1.000 421.91254 ? 120 DT A O4    1 
ATOM 182 C C5    . DT A 1 9  ? -5.93167  7.27257   -9.38019  1.000 413.32173 ? 120 DT A C5    1 
ATOM 183 C C7    . DT A 1 9  ? -4.91376  8.36919   -9.48414  1.000 410.88895 ? 120 DT A C7    1 
ATOM 184 C C6    . DT A 1 9  ? -5.74078  6.06712   -9.94777  1.000 410.77609 ? 120 DT A C6    1 
ATOM 185 P P     . DC A 1 10 ? -8.13137  1.14098   -12.32467 1.000 448.17388 ? 121 DC A P     1 
ATOM 186 O OP1   . DC A 1 10 ? -8.47845  -0.27725  -12.10625 1.000 430.82430 ? 121 DC A OP1   1 
ATOM 187 O OP2   . DC A 1 10 ? -8.34527  1.72745   -13.66634 1.000 449.91988 ? 121 DC A OP2   1 
ATOM 188 O "O5'" . DC A 1 10 ? -8.89742  2.03308   -11.23214 1.000 469.86595 ? 121 DC A "O5'" 1 
ATOM 189 C "C5'" . DC A 1 10 ? -10.07715 1.55201   -10.60834 1.000 463.89981 ? 121 DC A "C5'" 1 
ATOM 190 C "C4'" . DC A 1 10 ? -11.29462 2.33986   -11.06410 1.000 491.33569 ? 121 DC A "C4'" 1 
ATOM 191 O "O4'" . DC A 1 10 ? -11.26003 3.67836   -10.49776 1.000 516.33823 ? 121 DC A "O4'" 1 
ATOM 192 C "C3'" . DC A 1 10 ? -11.42060 2.52942   -12.58091 1.000 498.25736 ? 121 DC A "C3'" 1 
ATOM 193 O "O3'" . DC A 1 10 ? -12.76333 2.35040   -12.97429 1.000 489.29138 ? 121 DC A "O3'" 1 
ATOM 194 C "C2'" . DC A 1 10 ? -10.98997 3.97723   -12.77663 1.000 529.32846 ? 121 DC A "C2'" 1 
ATOM 195 C "C1'" . DC A 1 10 ? -11.55462 4.60243   -11.51736 1.000 539.71666 ? 121 DC A "C1'" 1 
ATOM 196 N N1    . DC A 1 10 ? -10.94777 5.91566   -11.17155 1.000 441.69934 ? 121 DC A N1    1 
ATOM 197 C C2    . DC A 1 10 ? -11.68572 6.83742   -10.42390 1.000 446.14347 ? 121 DC A C2    1 
ATOM 198 O O2    . DC A 1 10 ? -12.82828 6.53625   -10.05721 1.000 451.71665 ? 121 DC A O2    1 
ATOM 199 N N3    . DC A 1 10 ? -11.12524 8.03317   -10.11710 1.000 444.59135 ? 121 DC A N3    1 
ATOM 200 C C4    . DC A 1 10 ? -9.89011  8.31765   -10.53227 1.000 439.04496 ? 121 DC A C4    1 
ATOM 201 N N4    . DC A 1 10 ? -9.38054  9.50922   -10.20561 1.000 438.29493 ? 121 DC A N4    1 
ATOM 202 C C5    . DC A 1 10 ? -9.12535  7.39413   -11.30587 1.000 434.46720 ? 121 DC A C5    1 
ATOM 203 C C6    . DC A 1 10 ? -9.68836  6.21707   -11.59968 1.000 435.91469 ? 121 DC A C6    1 
ATOM 204 P P     . DA A 1 11 ? -13.21723 1.00255   -13.71529 1.000 504.21744 ? 122 DA A P     1 
ATOM 205 O OP1   . DA A 1 11 ? -12.39265 -0.09486  -13.16599 1.000 498.59636 ? 122 DA A OP1   1 
ATOM 206 O OP2   . DA A 1 11 ? -13.22298 1.24845   -15.17530 1.000 510.70022 ? 122 DA A OP2   1 
ATOM 207 O "O5'" . DA A 1 11 ? -14.72999 0.82110   -13.23698 1.000 508.25733 ? 122 DA A "O5'" 1 
ATOM 208 C "C5'" . DA A 1 11 ? -15.27260 1.71015   -12.25991 1.000 501.94905 ? 122 DA A "C5'" 1 
ATOM 209 C "C4'" . DA A 1 11 ? -16.43001 2.50115   -12.83879 1.000 515.04798 ? 122 DA A "C4'" 1 
ATOM 210 O "O4'" . DA A 1 11 ? -16.18544 3.91566   -12.64286 1.000 511.04414 ? 122 DA A "O4'" 1 
ATOM 211 C "C3'" . DA A 1 11 ? -16.63834 2.32557   -14.34025 1.000 522.06626 ? 122 DA A "C3'" 1 
ATOM 212 O "O3'" . DA A 1 11 ? -18.01255 2.49377   -14.66810 1.000 528.64153 ? 122 DA A "O3'" 1 
ATOM 213 C "C2'" . DA A 1 11 ? -15.79112 3.44721   -14.91768 1.000 521.57604 ? 122 DA A "C2'" 1 
ATOM 214 C "C1'" . DA A 1 11 ? -16.02742 4.54917   -13.89632 1.000 520.00691 ? 122 DA A "C1'" 1 
ATOM 215 N N9    . DA A 1 11 ? -14.92289 5.48504   -13.80173 1.000 514.53087 ? 122 DA A N9    1 
ATOM 216 C C8    . DA A 1 11 ? -13.66967 5.33785   -14.32234 1.000 513.21133 ? 122 DA A C8    1 
ATOM 217 N N7    . DA A 1 11 ? -12.87725 6.35470   -14.08362 1.000 506.64441 ? 122 DA A N7    1 
ATOM 218 C C5    . DA A 1 11 ? -13.67300 7.22411   -13.35762 1.000 503.12819 ? 122 DA A C5    1 
ATOM 219 C C6    . DA A 1 11 ? -13.42522 8.49084   -12.79864 1.000 496.72025 ? 122 DA A C6    1 
ATOM 220 N N6    . DA A 1 11 ? -12.25133 9.11871   -12.89308 1.000 492.68124 ? 122 DA A N6    1 
ATOM 221 N N1    . DA A 1 11 ? -14.43970 9.08900   -12.13866 1.000 495.39799 ? 122 DA A N1    1 
ATOM 222 C C2    . DA A 1 11 ? -15.61452 8.45666   -12.04718 1.000 500.24945 ? 122 DA A C2    1 
ATOM 223 N N3    . DA A 1 11 ? -15.96229 7.26802   -12.52999 1.000 506.81710 ? 122 DA A N3    1 
ATOM 224 C C4    . DA A 1 11 ? -14.93578 6.70237   -13.17868 1.000 507.82662 ? 122 DA A C4    1 
ATOM 225 P P     . DC B 2 1  ? -8.82684  -13.79222 9.69656   1.000 556.87550 ? 131 DC B P     1 
ATOM 226 O OP1   . DC B 2 1  ? -9.99464  -13.91996 10.59673  1.000 553.54616 ? 131 DC B OP1   1 
ATOM 227 O OP2   . DC B 2 1  ? -8.98557  -13.20132 8.34735   1.000 570.82411 ? 131 DC B OP2   1 
ATOM 228 O "O5'" . DC B 2 1  ? -7.64252  -13.02189 10.45537  1.000 526.08676 ? 131 DC B "O5'" 1 
ATOM 229 C "C5'" . DC B 2 1  ? -7.93629  -12.12335 11.52479  1.000 500.26691 ? 131 DC B "C5'" 1 
ATOM 230 C "C4'" . DC B 2 1  ? -7.29666  -10.76800 11.27761  1.000 477.12209 ? 131 DC B "C4'" 1 
ATOM 231 O "O4'" . DC B 2 1  ? -5.97033  -10.73410 11.86659  1.000 461.85352 ? 131 DC B "O4'" 1 
ATOM 232 C "C3'" . DC B 2 1  ? -7.12335  -10.40884 9.80727   1.000 488.69916 ? 131 DC B "C3'" 1 
ATOM 233 O "O3'" . DC B 2 1  ? -7.47325  -9.06268  9.58771   1.000 471.09202 ? 131 DC B "O3'" 1 
ATOM 234 C "C2'" . DC B 2 1  ? -5.64012  -10.65210 9.54600   1.000 489.84677 ? 131 DC B "C2'" 1 
ATOM 235 C "C1'" . DC B 2 1  ? -5.01730  -10.34758 10.90023  1.000 463.19738 ? 131 DC B "C1'" 1 
ATOM 236 N N1    . DC B 2 1  ? -3.78171  -11.12718 11.14939  1.000 464.59028 ? 131 DC B N1    1 
ATOM 237 C C2    . DC B 2 1  ? -2.75501  -10.59644 11.94534  1.000 441.78180 ? 131 DC B C2    1 
ATOM 238 O O2    . DC B 2 1  ? -2.87653  -9.46496  12.43193  1.000 421.10128 ? 131 DC B O2    1 
ATOM 239 N N3    . DC B 2 1  ? -1.64248  -11.34381 12.15243  1.000 444.48497 ? 131 DC B N3    1 
ATOM 240 C C4    . DC B 2 1  ? -1.54089  -12.55626 11.61128  1.000 465.21945 ? 131 DC B C4    1 
ATOM 241 N N4    . DC B 2 1  ? -0.42913  -13.25636 11.84382  1.000 459.33187 ? 131 DC B N4    1 
ATOM 242 C C5    . DC B 2 1  ? -2.56816  -13.10216 10.79979  1.000 490.38342 ? 131 DC B C5    1 
ATOM 243 C C6    . DC B 2 1  ? -3.66182  -12.36807 10.60350  1.000 489.35381 ? 131 DC B C6    1 
ATOM 244 P P     . DA B 2 2  ? -7.69284  -8.54617  8.08593   1.000 472.95003 ? 132 DA B P     1 
ATOM 245 O OP1   . DA B 2 2  ? -8.72983  -7.49200  8.11484   1.000 461.84149 ? 132 DA B OP1   1 
ATOM 246 O OP2   . DA B 2 2  ? -7.87318  -9.74308  7.23385   1.000 503.73362 ? 132 DA B OP2   1 
ATOM 247 O "O5'" . DA B 2 2  ? -6.29023  -7.88682  7.70443   1.000 459.54608 ? 132 DA B "O5'" 1 
ATOM 248 C "C5'" . DA B 2 2  ? -6.06251  -6.51476  7.97395   1.000 435.94891 ? 132 DA B "C5'" 1 
ATOM 249 C "C4'" . DA B 2 2  ? -5.03477  -6.33875  9.07372   1.000 413.73411 ? 132 DA B "C4'" 1 
ATOM 250 O "O4'" . DA B 2 2  ? -4.31990  -7.56780  9.26713   1.000 423.54018 ? 132 DA B "O4'" 1 
ATOM 251 C "C3'" . DA B 2 2  ? -3.96789  -5.28772  8.77698   1.000 397.70036 ? 132 DA B "C3'" 1 
ATOM 252 O "O3'" . DA B 2 2  ? -4.21668  -4.10998  9.54580   1.000 376.74392 ? 132 DA B "O3'" 1 
ATOM 253 C "C2'" . DA B 2 2  ? -2.62847  -5.96219  9.15284   1.000 393.69904 ? 132 DA B "C2'" 1 
ATOM 254 C "C1'" . DA B 2 2  ? -3.06186  -7.26303  9.80335   1.000 407.29511 ? 132 DA B "C1'" 1 
ATOM 255 N N9    . DA B 2 2  ? -2.18556  -8.41597  9.58178   1.000 421.05172 ? 132 DA B N9    1 
ATOM 256 C C8    . DA B 2 2  ? -2.49558  -9.53844  8.86775   1.000 446.54552 ? 132 DA B C8    1 
ATOM 257 N N7    . DA B 2 2  ? -1.55867  -10.45027 8.87360   1.000 455.60265 ? 132 DA B N7    1 
ATOM 258 C C5    . DA B 2 2  ? -0.55719  -9.89627  9.64814   1.000 434.22311 ? 132 DA B C5    1 
ATOM 259 C C6    . DA B 2 2  ? 0.70814   -10.37694 10.02959  1.000 431.95059 ? 132 DA B C6    1 
ATOM 260 N N6    . DA B 2 2  ? 1.17526   -11.56634 9.64999   1.000 451.80361 ? 132 DA B N6    1 
ATOM 261 N N1    . DA B 2 2  ? 1.47573   -9.58749  10.81062  1.000 410.05880 ? 132 DA B N1    1 
ATOM 262 C C2    . DA B 2 2  ? 0.99259   -8.39109  11.18468  1.000 392.05651 ? 132 DA B C2    1 
ATOM 263 N N3    . DA B 2 2  ? -0.18998  -7.82962  10.88709  1.000 391.71336 ? 132 DA B N3    1 
ATOM 264 C C4    . DA B 2 2  ? -0.92455  -8.64484  10.10789  1.000 413.20526 ? 132 DA B C4    1 
ATOM 265 P P     . DC B 2 3  ? -4.10588  -2.65903  8.86046   1.000 426.66923 ? 133 DC B P     1 
ATOM 266 O OP1   . DC B 2 3  ? -4.72039  -1.66091  9.76405   1.000 410.59235 ? 133 DC B OP1   1 
ATOM 267 O OP2   . DC B 2 3  ? -4.56207  -2.77776  7.45744   1.000 448.36008 ? 133 DC B OP2   1 
ATOM 268 O "O5'" . DC B 2 3  ? -2.54034  -2.38082  8.84091   1.000 417.15769 ? 133 DC B "O5'" 1 
ATOM 269 C "C5'" . DC B 2 3  ? -1.78643  -2.61160  10.01163  1.000 401.39993 ? 133 DC B "C5'" 1 
ATOM 270 C "C4'" . DC B 2 3  ? -0.32305  -2.77485  9.67635   1.000 403.62204 ? 133 DC B "C4'" 1 
ATOM 271 O "O4'" . DC B 2 3  ? -0.01006  -4.16951  9.39999   1.000 419.00634 ? 133 DC B "O4'" 1 
ATOM 272 C "C3'" . DC B 2 3  ? 0.14475   -2.00208  8.44779   1.000 409.84215 ? 133 DC B "C3'" 1 
ATOM 273 O "O3'" . DC B 2 3  ? 1.41125   -1.50230  8.71966   1.000 400.19867 ? 133 DC B "O3'" 1 
ATOM 274 C "C2'" . DC B 2 3  ? 0.21672   -3.09105  7.37828   1.000 431.84891 ? 133 DC B "C2'" 1 
ATOM 275 C "C1'" . DC B 2 3  ? 0.76908   -4.21332  8.22543   1.000 430.67732 ? 133 DC B "C1'" 1 
ATOM 276 N N1    . DC B 2 3  ? 0.69059   -5.58494  7.61903   1.000 452.69929 ? 133 DC B N1    1 
ATOM 277 C C2    . DC B 2 3  ? 1.71127   -6.49763  7.89190   1.000 455.90233 ? 133 DC B C2    1 
ATOM 278 O O2    . DC B 2 3  ? 2.64384   -6.14256  8.62240   1.000 440.20680 ? 133 DC B O2    1 
ATOM 279 N N3    . DC B 2 3  ? 1.64651   -7.74078  7.35643   1.000 477.76206 ? 133 DC B N3    1 
ATOM 280 C C4    . DC B 2 3  ? 0.61800   -8.07856  6.57646   1.000 496.61937 ? 133 DC B C4    1 
ATOM 281 N N4    . DC B 2 3  ? 0.59898   -9.31696  6.07029   1.000 520.12106 ? 133 DC B N4    1 
ATOM 282 C C5    . DC B 2 3  ? -0.43575  -7.16039  6.28221   1.000 493.78465 ? 133 DC B C5    1 
ATOM 283 C C6    . DC B 2 3  ? -0.35489  -5.93243  6.81305   1.000 471.24848 ? 133 DC B C6    1 
ATOM 284 P P     . DA B 2 4  ? 1.81744   -0.03432  8.24006   1.000 395.98278 ? 134 DA B P     1 
ATOM 285 O OP1   . DA B 2 4  ? 1.88979   0.81164   9.44853   1.000 392.36847 ? 134 DA B OP1   1 
ATOM 286 O OP2   . DA B 2 4  ? 0.88861   0.33858   7.15144   1.000 405.16014 ? 134 DA B OP2   1 
ATOM 287 O "O5'" . DA B 2 4  ? 3.28820   -0.23886  7.64081   1.000 399.91847 ? 134 DA B "O5'" 1 
ATOM 288 C "C5'" . DA B 2 4  ? 3.57904   -1.40886  6.86914   1.000 414.59443 ? 134 DA B "C5'" 1 
ATOM 289 C "C4'" . DA B 2 4  ? 5.07475   -1.58665  6.66549   1.000 415.86314 ? 134 DA B "C4'" 1 
ATOM 290 O "O4'" . DA B 2 4  ? 5.36920   -3.00329  6.58755   1.000 426.87495 ? 134 DA B "O4'" 1 
ATOM 291 C "C3'" . DA B 2 4  ? 5.61678   -1.00477  5.37005   1.000 418.33959 ? 134 DA B "C3'" 1 
ATOM 292 O "O3'" . DA B 2 4  ? 7.03169   -0.75995  5.47727   1.000 410.65354 ? 134 DA B "O3'" 1 
ATOM 293 C "C2'" . DA B 2 4  ? 5.32134   -2.12985  4.38243   1.000 437.65961 ? 134 DA B "C2'" 1 
ATOM 294 C "C1'" . DA B 2 4  ? 5.57432   -3.37815  5.23502   1.000 443.85583 ? 134 DA B "C1'" 1 
ATOM 295 N N9    . DA B 2 4  ? 4.68861   -4.50614  4.91067   1.000 460.77853 ? 134 DA B N9    1 
ATOM 296 C C8    . DA B 2 4  ? 3.33220   -4.46855  4.72074   1.000 466.54922 ? 134 DA B C8    1 
ATOM 297 N N7    . DA B 2 4  ? 2.80273   -5.63769  4.43220   1.000 484.76705 ? 134 DA B N7    1 
ATOM 298 C C5    . DA B 2 4  ? 3.88484   -6.50284  4.43060   1.000 491.13557 ? 134 DA B C5    1 
ATOM 299 C C6    . DA B 2 4  ? 3.99520   -7.89066  4.19532   1.000 511.05452 ? 134 DA B C6    1 
ATOM 300 N N6    . DA B 2 4  ? 2.95129   -8.67548  3.90364   1.000 529.57593 ? 134 DA B N6    1 
ATOM 301 N N1    . DA B 2 4  ? 5.22442   -8.44189  4.27221   1.000 512.79731 ? 134 DA B N1    1 
ATOM 302 C C2    . DA B 2 4  ? 6.26714   -7.65550  4.56547   1.000 494.54671 ? 134 DA B C2    1 
ATOM 303 N N3    . DA B 2 4  ? 6.28899   -6.34470  4.80383   1.000 476.39801 ? 134 DA B N3    1 
ATOM 304 C C4    . DA B 2 4  ? 5.05523   -5.82282  4.72158   1.000 476.05850 ? 134 DA B C4    1 
ATOM 305 P P     . DC B 2 5  ? 7.62889   0.73959   5.46830   1.000 390.96009 ? 135 DC B P     1 
ATOM 306 O OP1   . DC B 2 5  ? 8.97720   0.66755   6.07472   1.000 385.09253 ? 135 DC B OP1   1 
ATOM 307 O OP2   . DC B 2 5  ? 6.62896   1.66826   6.03030   1.000 383.51556 ? 135 DC B OP2   1 
ATOM 308 O "O5'" . DC B 2 5  ? 7.78042   1.11301   3.91780   1.000 398.64740 ? 135 DC B "O5'" 1 
ATOM 309 C "C5'" . DC B 2 5  ? 6.62731   1.39075   3.13642   1.000 408.72285 ? 135 DC B "C5'" 1 
ATOM 310 C "C4'" . DC B 2 5  ? 6.63062   2.82272   2.63383   1.000 411.93327 ? 135 DC B "C4'" 1 
ATOM 311 O "O4'" . DC B 2 5  ? 5.27466   3.32771   2.61502   1.000 414.45727 ? 135 DC B "O4'" 1 
ATOM 312 C "C3'" . DC B 2 5  ? 7.46918   3.79897   3.44869   1.000 400.50598 ? 135 DC B "C3'" 1 
ATOM 313 O "O3'" . DC B 2 5  ? 8.31991   4.54578   2.58190   1.000 407.55859 ? 135 DC B "O3'" 1 
ATOM 314 C "C2'" . DC B 2 5  ? 6.45712   4.70069   4.16377   1.000 401.53574 ? 135 DC B "C2'" 1 
ATOM 315 C "C1'" . DC B 2 5  ? 5.09900   4.36810   3.54645   1.000 407.79815 ? 135 DC B "C1'" 1 
ATOM 316 N N1    . DC B 2 5  ? 4.07235   3.93584   4.55256   1.000 404.17366 ? 135 DC B N1    1 
ATOM 317 C C2    . DC B 2 5  ? 3.14733   4.85969   5.04798   1.000 411.35546 ? 135 DC B C2    1 
ATOM 318 O O2    . DC B 2 5  ? 3.18233   6.02242   4.64365   1.000 420.83112 ? 135 DC B O2    1 
ATOM 319 N N3    . DC B 2 5  ? 2.22809   4.44406   5.95658   1.000 408.00959 ? 135 DC B N3    1 
ATOM 320 C C4    . DC B 2 5  ? 2.21676   3.18036   6.36486   1.000 398.20789 ? 135 DC B C4    1 
ATOM 321 N N4    . DC B 2 5  ? 1.29409   2.81534   7.26173   1.000 400.78662 ? 135 DC B N4    1 
ATOM 322 C C5    . DC B 2 5  ? 3.15309   2.22867   5.87415   1.000 392.63719 ? 135 DC B C5    1 
ATOM 323 C C6    . DC B 2 5  ? 4.04945   2.64507   4.97884   1.000 394.21594 ? 135 DC B C6    1 
ATOM 324 P P     . DC B 2 6  ? 9.80780   4.94995   3.03779   1.000 455.16439 ? 136 DC B P     1 
ATOM 325 O OP1   . DC B 2 6  ? 10.66731  4.90486   1.83548   1.000 462.88774 ? 136 DC B OP1   1 
ATOM 326 O OP2   . DC B 2 6  ? 10.17642  4.16090   4.23233   1.000 452.46872 ? 136 DC B OP2   1 
ATOM 327 O "O5'" . DC B 2 6  ? 9.65747   6.47364   3.48251   1.000 456.61991 ? 136 DC B "O5'" 1 
ATOM 328 C "C5'" . DC B 2 6  ? 9.13134   7.42295   2.56546   1.000 461.23750 ? 136 DC B "C5'" 1 
ATOM 329 C "C4'" . DC B 2 6  ? 8.62197   8.65157   3.29454   1.000 471.73093 ? 136 DC B "C4'" 1 
ATOM 330 O "O4'" . DC B 2 6  ? 7.41554   8.31838   4.03288   1.000 473.61858 ? 136 DC B "O4'" 1 
ATOM 331 C "C3'" . DC B 2 6  ? 9.59442   9.25087   4.32138   1.000 476.76288 ? 136 DC B "C3'" 1 
ATOM 332 O "O3'" . DC B 2 6  ? 9.65982   10.66633  4.15243   1.000 486.36939 ? 136 DC B "O3'" 1 
ATOM 333 C "C2'" . DC B 2 6  ? 8.96343   8.86938   5.65998   1.000 478.45188 ? 136 DC B "C2'" 1 
ATOM 334 C "C1'" . DC B 2 6  ? 7.49352   8.91341   5.30441   1.000 479.91361 ? 136 DC B "C1'" 1 
ATOM 335 N N1    . DC B 2 6  ? 6.62567   8.16277   6.24926   1.000 478.84462 ? 136 DC B N1    1 
ATOM 336 C C2    . DC B 2 6  ? 5.54403   8.80950   6.85054   1.000 485.46363 ? 136 DC B C2    1 
ATOM 337 O O2    . DC B 2 6  ? 5.32766   9.99666   6.57977   1.000 492.49210 ? 136 DC B O2    1 
ATOM 338 N N3    . DC B 2 6  ? 4.76203   8.11565   7.71348   1.000 484.44356 ? 136 DC B N3    1 
ATOM 339 C C4    . DC B 2 6  ? 5.03119   6.83633   7.97795   1.000 477.96236 ? 136 DC B C4    1 
ATOM 340 N N4    . DC B 2 6  ? 4.23311   6.19286   8.83536   1.000 477.94524 ? 136 DC B N4    1 
ATOM 341 C C5    . DC B 2 6  ? 6.13326   6.16232   7.37719   1.000 471.84952 ? 136 DC B C5    1 
ATOM 342 C C6    . DC B 2 6  ? 6.90027   6.86116   6.53499   1.000 472.41238 ? 136 DC B C6    1 
ATOM 343 P P     . DG B 2 7  ? 10.41616  11.59954  5.22438   1.000 497.59025 ? 137 DG B P     1 
ATOM 344 O OP1   . DG B 2 7  ? 11.07331  12.67488  4.45001   1.000 501.81274 ? 137 DG B OP1   1 
ATOM 345 O OP2   . DG B 2 7  ? 11.23620  10.77429  6.13959   1.000 492.19440 ? 137 DG B OP2   1 
ATOM 346 O "O5'" . DG B 2 7  ? 9.22334   12.24543  6.07272   1.000 507.77584 ? 137 DG B "O5'" 1 
ATOM 347 C "C5'" . DG B 2 7  ? 8.29034   13.10879  5.43249   1.000 515.00747 ? 137 DG B "C5'" 1 
ATOM 348 C "C4'" . DG B 2 7  ? 7.37818   13.80284  6.43762   1.000 525.80663 ? 137 DG B "C4'" 1 
ATOM 349 O "O4'" . DG B 2 7  ? 6.60733   12.82894  7.18141   1.000 521.20794 ? 137 DG B "O4'" 1 
ATOM 350 C "C3'" . DG B 2 7  ? 8.06678   14.65276  7.48970   1.000 535.64402 ? 137 DG B "C3'" 1 
ATOM 351 O "O3'" . DG B 2 7  ? 7.18176   15.70809  7.86198   1.000 548.82854 ? 137 DG B "O3'" 1 
ATOM 352 C "C2'" . DG B 2 7  ? 8.28479   13.65100  8.62980   1.000 529.75720 ? 137 DG B "C2'" 1 
ATOM 353 C "C1'" . DG B 2 7  ? 7.01405   12.81350  8.54287   1.000 524.63922 ? 137 DG B "C1'" 1 
ATOM 354 N N9    . DG B 2 7  ? 7.16676   11.41263  8.91162   1.000 514.53483 ? 137 DG B N9    1 
ATOM 355 C C8    . DG B 2 7  ? 8.07827   10.51758  8.40730   1.000 504.52861 ? 137 DG B C8    1 
ATOM 356 N N7    . DG B 2 7  ? 7.93824   9.31037   8.88017   1.000 498.19630 ? 137 DG B N7    1 
ATOM 357 C C5    . DG B 2 7  ? 6.85005   9.40725   9.73778   1.000 504.23984 ? 137 DG B C5    1 
ATOM 358 C C6    . DG B 2 7  ? 6.22775   8.41883   10.53591  1.000 501.96425 ? 137 DG B C6    1 
ATOM 359 O O6    . DG B 2 7  ? 6.52946   7.22241   10.65035  1.000 494.41355 ? 137 DG B O6    1 
ATOM 360 N N1    . DG B 2 7  ? 5.15447   8.93877   11.25699  1.000 510.13636 ? 137 DG B N1    1 
ATOM 361 C C2    . DG B 2 7  ? 4.73205   10.24804  11.20877  1.000 519.88986 ? 137 DG B C2    1 
ATOM 362 N N2    . DG B 2 7  ? 3.67639   10.56301  11.97626  1.000 527.25331 ? 137 DG B N2    1 
ATOM 363 N N3    . DG B 2 7  ? 5.30717   11.18475  10.46300  1.000 522.56899 ? 137 DG B N3    1 
ATOM 364 C C4    . DG B 2 7  ? 6.35544   10.69296  9.75624   1.000 514.22574 ? 137 DG B C4    1 
ATOM 365 P P     . DT B 2 8  ? 7.57875   16.76156  9.00473   1.000 523.00002 ? 138 DT B P     1 
ATOM 366 O OP1   . DT B 2 8  ? 6.75629   17.97324  8.79169   1.000 534.98834 ? 138 DT B OP1   1 
ATOM 367 O OP2   . DT B 2 8  ? 9.05365   16.86827  9.04637   1.000 522.49663 ? 138 DT B OP2   1 
ATOM 368 O "O5'" . DT B 2 8  ? 7.08695   16.05481  10.34593  1.000 522.00738 ? 138 DT B "O5'" 1 
ATOM 369 C "C5'" . DT B 2 8  ? 7.90645   16.07743  11.48581  1.000 521.36418 ? 138 DT B "C5'" 1 
ATOM 370 C "C4'" . DT B 2 8  ? 7.17462   15.50384  12.67898  1.000 522.79004 ? 138 DT B "C4'" 1 
ATOM 371 O "O4'" . DT B 2 8  ? 6.91306   14.08778  12.46070  1.000 510.69237 ? 138 DT B "O4'" 1 
ATOM 372 C "C3'" . DT B 2 8  ? 7.94338   15.60217  13.99680  1.000 526.27094 ? 138 DT B "C3'" 1 
ATOM 373 O "O3'" . DT B 2 8  ? 7.09942   16.10675  15.01920  1.000 536.73882 ? 138 DT B "O3'" 1 
ATOM 374 C "C2'" . DT B 2 8  ? 8.36097   14.16145  14.27198  1.000 516.03370 ? 138 DT B "C2'" 1 
ATOM 375 C "C1'" . DT B 2 8  ? 7.22224   13.38115  13.63599  1.000 508.58173 ? 138 DT B "C1'" 1 
ATOM 376 N N1    . DT B 2 8  ? 7.60046   11.96862  13.28269  1.000 495.50021 ? 138 DT B N1    1 
ATOM 377 C C2    . DT B 2 8  ? 6.85799   10.91275  13.78110  1.000 492.88880 ? 138 DT B C2    1 
ATOM 378 O O2    . DT B 2 8  ? 5.88305   11.06034  14.49551  1.000 500.30185 ? 138 DT B O2    1 
ATOM 379 N N3    . DT B 2 8  ? 7.30965   9.66711   13.40575  1.000 481.66046 ? 138 DT B N3    1 
ATOM 380 C C4    . DT B 2 8  ? 8.40384   9.38235   12.60726  1.000 473.03916 ? 138 DT B C4    1 
ATOM 381 O O4    . DT B 2 8  ? 8.73114   8.23441   12.31742  1.000 464.00384 ? 138 DT B O4    1 
ATOM 382 C C5    . DT B 2 8  ? 9.13243   10.53033  12.12526  1.000 475.94013 ? 138 DT B C5    1 
ATOM 383 C C7    . DT B 2 8  ? 10.33427  10.34069  11.24829  1.000 467.36766 ? 138 DT B C7    1 
ATOM 384 C C6    . DT B 2 8  ? 8.70493   11.75093  12.48591  1.000 486.88588 ? 138 DT B C6    1 
ATOM 385 P P     . DC C 3 1  ? -4.57126  18.74152  -14.89440 1.000 422.30486 ? 201 DC D P     1 
ATOM 386 O OP1   . DC C 3 1  ? -3.99722  19.98840  -15.45154 1.000 429.80790 ? 201 DC D OP1   1 
ATOM 387 O OP2   . DC C 3 1  ? -3.67983  17.74606  -14.25355 1.000 421.67894 ? 201 DC D OP2   1 
ATOM 388 O "O5'" . DC C 3 1  ? -5.77016  19.10188  -13.88516 1.000 418.25407 ? 201 DC D "O5'" 1 
ATOM 389 C "C5'" . DC C 3 1  ? -6.19752  20.46227  -13.73430 1.000 422.23922 ? 201 DC D "C5'" 1 
ATOM 390 C "C4'" . DC C 3 1  ? -7.64519  20.55586  -13.25116 1.000 419.69203 ? 201 DC D "C4'" 1 
ATOM 391 O "O4'" . DC C 3 1  ? -8.51455  19.71639  -14.07195 1.000 419.72608 ? 201 DC D "O4'" 1 
ATOM 392 C "C3'" . DC C 3 1  ? -7.89597  20.09989  -11.80969 1.000 411.40347 ? 201 DC D "C3'" 1 
ATOM 393 O "O3'" . DC C 3 1  ? -8.92244  20.89617  -11.23164 1.000 411.39855 ? 201 DC D "O3'" 1 
ATOM 394 C "C2'" . DC C 3 1  ? -8.39037  18.68174  -12.01795 1.000 408.25226 ? 201 DC D "C2'" 1 
ATOM 395 C "C1'" . DC C 3 1  ? -9.29622  18.92207  -13.20477 1.000 413.15469 ? 201 DC D "C1'" 1 
ATOM 396 N N1    . DC C 3 1  ? -9.72514  17.67246  -13.89199 1.000 411.89768 ? 201 DC D N1    1 
ATOM 397 C C2    . DC C 3 1  ? -11.07930 17.48224  -14.21228 1.000 411.77656 ? 201 DC D C2    1 
ATOM 398 O O2    . DC C 3 1  ? -11.89576 18.37310  -13.94230 1.000 412.63797 ? 201 DC D O2    1 
ATOM 399 N N3    . DC C 3 1  ? -11.45349 16.32858  -14.82114 1.000 412.15662 ? 201 DC D N3    1 
ATOM 400 C C4    . DC C 3 1  ? -10.54162 15.39333  -15.09563 1.000 412.10649 ? 201 DC D C4    1 
ATOM 401 N N4    . DC C 3 1  ? -10.95429 14.27122  -15.69455 1.000 413.71412 ? 201 DC D N4    1 
ATOM 402 C C5    . DC C 3 1  ? -9.16395  15.56636  -14.76562 1.000 411.56253 ? 201 DC D C5    1 
ATOM 403 C C6    . DC C 3 1  ? -8.80643  16.70512  -14.16473 1.000 411.47662 ? 201 DC D C6    1 
ATOM 404 P P     . DT C 3 2  ? -9.59225  20.46726  -9.83208  1.000 434.81019 ? 202 DT D P     1 
ATOM 405 O OP1   . DT C 3 2  ? -10.29210 21.65716  -9.30447  1.000 436.94418 ? 202 DT D OP1   1 
ATOM 406 O OP2   . DT C 3 2  ? -8.54402  19.79892  -9.02854  1.000 428.83283 ? 202 DT D OP2   1 
ATOM 407 O "O5'" . DT C 3 2  ? -10.70060 19.36715  -10.21279 1.000 433.97608 ? 202 DT D "O5'" 1 
ATOM 408 C "C5'" . DT C 3 2  ? -11.95442 19.76799  -10.75913 1.000 433.22963 ? 202 DT D "C5'" 1 
ATOM 409 C "C4'" . DT C 3 2  ? -13.09349 18.91515  -10.21379 1.000 429.35031 ? 202 DT D "C4'" 1 
ATOM 410 O "O4'" . DT C 3 2  ? -13.08604 17.60479  -10.84329 1.000 428.57086 ? 202 DT D "O4'" 1 
ATOM 411 C "C3'" . DT C 3 2  ? -13.06175 18.65531  -8.70060  1.000 423.01042 ? 202 DT D "C3'" 1 
ATOM 412 O "O3'" . DT C 3 2  ? -14.35551 18.86779  -8.15265  1.000 427.39869 ? 202 DT D "O3'" 1 
ATOM 413 C "C2'" . DT C 3 2  ? -12.65781 17.18337  -8.60687  1.000 420.20065 ? 202 DT D "C2'" 1 
ATOM 414 C "C1'" . DT C 3 2  ? -13.32619 16.63403  -9.85096  1.000 423.15377 ? 202 DT D "C1'" 1 
ATOM 415 N N1    . DT C 3 2  ? -12.78852 15.31275  -10.30784 1.000 422.22859 ? 202 DT D N1    1 
ATOM 416 C C2    . DT C 3 2  ? -13.64677 14.23879  -10.41311 1.000 421.62650 ? 202 DT D C2    1 
ATOM 417 O O2    . DT C 3 2  ? -14.83568 14.30419  -10.15223 1.000 421.80850 ? 202 DT D O2    1 
ATOM 418 N N3    . DT C 3 2  ? -13.06133 13.07700  -10.84110 1.000 422.07402 ? 202 DT D N3    1 
ATOM 419 C C4    . DT C 3 2  ? -11.73177 12.88258  -11.16679 1.000 422.54361 ? 202 DT D C4    1 
ATOM 420 O O4    . DT C 3 2  ? -11.29976 11.79667  -11.54218 1.000 423.62657 ? 202 DT D O4    1 
ATOM 421 C C5    . DT C 3 2  ? -10.88533 14.04549  -11.03081 1.000 422.90900 ? 202 DT D C5    1 
ATOM 422 C C7    . DT C 3 2  ? -9.42348  13.95461  -11.35467 1.000 424.36948 ? 202 DT D C7    1 
ATOM 423 C C6    . DT C 3 2  ? -11.44770 15.19133  -10.61237 1.000 423.03033 ? 202 DT D C6    1 
ATOM 424 P P     . DG C 3 3  ? -14.58177 18.80975  -6.56335  1.000 500.20503 ? 203 DG D P     1 
ATOM 425 O OP1   . DG C 3 3  ? -15.72940 19.68617  -6.24173  1.000 491.82903 ? 203 DG D OP1   1 
ATOM 426 O OP2   . DG C 3 3  ? -13.27014 19.01372  -5.91093  1.000 511.53737 ? 203 DG D OP2   1 
ATOM 427 O "O5'" . DG C 3 3  ? -15.00999 17.29838  -6.28211  1.000 506.85840 ? 203 DG D "O5'" 1 
ATOM 428 C "C5'" . DG C 3 3  ? -15.10279 16.83423  -4.94465  1.000 515.55736 ? 203 DG D "C5'" 1 
ATOM 429 C "C4'" . DG C 3 3  ? -16.03138 15.64356  -4.85622  1.000 520.45942 ? 203 DG D "C4'" 1 
ATOM 430 O "O4'" . DG C 3 3  ? -15.68995 14.69627  -5.89755  1.000 526.79286 ? 203 DG D "O4'" 1 
ATOM 431 C "C3'" . DG C 3 3  ? -15.92226 14.84674  -3.57302  1.000 522.15228 ? 203 DG D "C3'" 1 
ATOM 432 O "O3'" . DG C 3 3  ? -17.10812 14.07040  -3.40973  1.000 516.67661 ? 203 DG D "O3'" 1 
ATOM 433 C "C2'" . DG C 3 3  ? -14.71312 13.97272  -3.88165  1.000 528.33259 ? 203 DG D "C2'" 1 
ATOM 434 C "C1'" . DG C 3 3  ? -15.01874 13.58733  -5.32321  1.000 530.61525 ? 203 DG D "C1'" 1 
ATOM 435 N N9    . DG C 3 3  ? -13.84614 13.28965  -6.13932  1.000 400.46873 ? 203 DG D N9    1 
ATOM 436 C C8    . DG C 3 3  ? -12.80823 14.13574  -6.45517  1.000 396.18589 ? 203 DG D C8    1 
ATOM 437 N N7    . DG C 3 3  ? -11.91057 13.58688  -7.22958  1.000 396.74851 ? 203 DG D N7    1 
ATOM 438 C C5    . DG C 3 3  ? -12.39213 12.30026  -7.44794  1.000 397.91716 ? 203 DG D C5    1 
ATOM 439 C C6    . DG C 3 3  ? -11.85014 11.23545  -8.20993  1.000 400.79111 ? 203 DG D C6    1 
ATOM 440 O O6    . DG C 3 3  ? -10.79842 11.21586  -8.86478  1.000 402.36355 ? 203 DG D O6    1 
ATOM 441 N N1    . DG C 3 3  ? -12.66159 10.10281  -8.16245  1.000 402.86880 ? 203 DG D N1    1 
ATOM 442 C C2    . DG C 3 3  ? -13.84422 10.01183  -7.46762  1.000 402.26200 ? 203 DG D C2    1 
ATOM 443 N N2    . DG C 3 3  ? -14.48873 8.83861   -7.53925  1.000 406.23920 ? 203 DG D N2    1 
ATOM 444 N N3    . DG C 3 3  ? -14.36097 10.99914  -6.75226  1.000 399.07259 ? 203 DG D N3    1 
ATOM 445 C C4    . DG C 3 3  ? -13.58412 12.10785  -6.78800  1.000 397.10016 ? 203 DG D C4    1 
ATOM 446 P P     . DA C 3 4  ? -17.20426 12.93257  -2.27941  1.000 444.49466 ? 204 DA D P     1 
ATOM 447 O OP1   . DA C 3 4  ? -18.62824 12.81822  -1.89566  1.000 439.57496 ? 204 DA D OP1   1 
ATOM 448 O OP2   . DA C 3 4  ? -16.18592 13.22234  -1.24350  1.000 445.27943 ? 204 DA D OP2   1 
ATOM 449 O "O5'" . DA C 3 4  ? -16.79923 11.59097  -3.04940  1.000 448.45125 ? 204 DA D "O5'" 1 
ATOM 450 C "C5'" . DA C 3 4  ? -15.72798 10.80635  -2.57385  1.000 443.21471 ? 204 DA D "C5'" 1 
ATOM 451 C "C4'" . DA C 3 4  ? -15.99476 9.33456   -2.80029  1.000 444.29377 ? 204 DA D "C4'" 1 
ATOM 452 O "O4'" . DA C 3 4  ? -15.16548 8.87054   -3.88657  1.000 454.33638 ? 204 DA D "O4'" 1 
ATOM 453 C "C3'" . DA C 3 4  ? -15.59358 8.45083   -1.64381  1.000 439.56399 ? 204 DA D "C3'" 1 
ATOM 454 O "O3'" . DA C 3 4  ? -16.17421 7.16340   -1.79640  1.000 434.88987 ? 204 DA D "O3'" 1 
ATOM 455 C "C2'" . DA C 3 4  ? -14.08704 8.39935   -1.83597  1.000 441.72675 ? 204 DA D "C2'" 1 
ATOM 456 C "C1'" . DA C 3 4  ? -13.99367 8.27291   -3.35431  1.000 449.11825 ? 204 DA D "C1'" 1 
ATOM 457 N N9    . DA C 3 4  ? -12.84389 8.95150   -3.92402  1.000 388.45161 ? 204 DA D N9    1 
ATOM 458 C C8    . DA C 3 4  ? -12.41752 10.22245  -3.65662  1.000 388.82305 ? 204 DA D C8    1 
ATOM 459 N N7    . DA C 3 4  ? -11.34941 10.57165  -4.33159  1.000 384.44901 ? 204 DA D N7    1 
ATOM 460 C C5    . DA C 3 4  ? -11.06095 9.45211   -5.09581  1.000 387.40539 ? 204 DA D C5    1 
ATOM 461 C C6    . DA C 3 4  ? -10.04696 9.17663   -6.03187  1.000 390.18263 ? 204 DA D C6    1 
ATOM 462 N N6    . DA C 3 4  ? -9.09389  10.05313  -6.36227  1.000 390.40035 ? 204 DA D N6    1 
ATOM 463 N N1    . DA C 3 4  ? -10.04563 7.95819   -6.61347  1.000 393.88154 ? 204 DA D N1    1 
ATOM 464 C C2    . DA C 3 4  ? -11.00152 7.08305   -6.28059  1.000 395.18701 ? 204 DA D C2    1 
ATOM 465 N N3    . DA C 3 4  ? -12.00327 7.22798   -5.41682  1.000 392.99275 ? 204 DA D N3    1 
ATOM 466 C C4    . DA C 3 4  ? -11.97514 8.44707   -4.85569  1.000 388.74860 ? 204 DA D C4    1 
ATOM 467 P P     . DG C 3 5  ? -15.84360 5.99986   -0.73720  1.000 423.93143 ? 205 DG D P     1 
ATOM 468 O OP1   . DG C 3 5  ? -16.92038 4.98825   -0.82736  1.000 420.54780 ? 205 DG D OP1   1 
ATOM 469 O OP2   . DG C 3 5  ? -15.55916 6.64793   0.56382   1.000 427.04183 ? 205 DG D OP2   1 
ATOM 470 O "O5'" . DG C 3 5  ? -14.47985 5.35232   -1.27942  1.000 421.87460 ? 205 DG D "O5'" 1 
ATOM 471 C "C5'" . DG C 3 5  ? -14.44247 4.74859   -2.56965  1.000 424.75372 ? 205 DG D "C5'" 1 
ATOM 472 C "C4'" . DG C 3 5  ? -13.11803 4.04124   -2.80734  1.000 428.89556 ? 205 DG D "C4'" 1 
ATOM 473 O "O4'" . DG C 3 5  ? -12.17316 4.95357   -3.41243  1.000 435.74329 ? 205 DG D "O4'" 1 
ATOM 474 C "C3'" . DG C 3 5  ? -12.44093 3.47753   -1.55318  1.000 428.97212 ? 205 DG D "C3'" 1 
ATOM 475 O "O3'" . DG C 3 5  ? -12.23427 2.07701   -1.71199  1.000 424.10221 ? 205 DG D "O3'" 1 
ATOM 476 C "C2'" . DG C 3 5  ? -11.11399 4.24685   -1.45993  1.000 444.19280 ? 205 DG D "C2'" 1 
ATOM 477 C "C1'" . DG C 3 5  ? -10.89237 4.70119   -2.89395  1.000 448.82682 ? 205 DG D "C1'" 1 
ATOM 478 N N9    . DG C 3 5  ? -10.11426 5.93136   -3.00764  1.000 381.99264 ? 205 DG D N9    1 
ATOM 479 C C8    . DG C 3 5  ? -10.31304 7.10281   -2.31561  1.000 377.15557 ? 205 DG D C8    1 
ATOM 480 N N7    . DG C 3 5  ? -9.47179  8.04597   -2.63712  1.000 375.29536 ? 205 DG D N7    1 
ATOM 481 C C5    . DG C 3 5  ? -8.66732  7.46696   -3.61067  1.000 378.53243 ? 205 DG D C5    1 
ATOM 482 C C6    . DG C 3 5  ? -7.57813  8.01027   -4.33346  1.000 378.94059 ? 205 DG D C6    1 
ATOM 483 O O6    . DG C 3 5  ? -7.09477  9.14908   -4.25453  1.000 376.79623 ? 205 DG D O6    1 
ATOM 484 N N1    . DG C 3 5  ? -7.04155  7.08784   -5.22668  1.000 383.19327 ? 205 DG D N1    1 
ATOM 485 C C2    . DG C 3 5  ? -7.49789  5.80113   -5.39900  1.000 387.34157 ? 205 DG D C2    1 
ATOM 486 N N2    . DG C 3 5  ? -6.84752  5.06117   -6.30415  1.000 392.24373 ? 205 DG D N2    1 
ATOM 487 N N3    . DG C 3 5  ? -8.51703  5.27744   -4.72806  1.000 387.66299 ? 205 DG D N3    1 
ATOM 488 C C4    . DG C 3 5  ? -9.05085  6.16480   -3.85182  1.000 382.70868 ? 205 DG D C4    1 
ATOM 489 P P     . DT C 3 6  ? -11.76925 1.16657   -0.47211  1.000 408.44525 ? 206 DT D P     1 
ATOM 490 O OP1   . DT C 3 6  ? -12.58528 -0.06660  -0.48176  1.000 412.75725 ? 206 DT D OP1   1 
ATOM 491 O OP2   . DT C 3 6  ? -11.73060 2.00761   0.74339   1.000 405.17715 ? 206 DT D OP2   1 
ATOM 492 O "O5'" . DT C 3 6  ? -10.27414 0.77188   -0.85392  1.000 413.31283 ? 206 DT D "O5'" 1 
ATOM 493 C "C5'" . DT C 3 6  ? -9.96332  0.41458   -2.19480  1.000 413.30736 ? 206 DT D "C5'" 1 
ATOM 494 C "C4'" . DT C 3 6  ? -8.46420  0.36369   -2.38795  1.000 414.36316 ? 206 DT D "C4'" 1 
ATOM 495 O "O4'" . DT C 3 6  ? -7.96457  1.70352   -2.61539  1.000 407.04199 ? 206 DT D "O4'" 1 
ATOM 496 C "C3'" . DT C 3 6  ? -7.69754  -0.18579  -1.18280  1.000 417.77664 ? 206 DT D "C3'" 1 
ATOM 497 O "O3'" . DT C 3 6  ? -6.91500  -1.30408  -1.56145  1.000 426.30407 ? 206 DT D "O3'" 1 
ATOM 498 C "C2'" . DT C 3 6  ? -6.82671  0.98262   -0.70861  1.000 410.05855 ? 206 DT D "C2'" 1 
ATOM 499 C "C1'" . DT C 3 6  ? -6.74039  1.86477   -1.94250  1.000 406.78395 ? 206 DT D "C1'" 1 
ATOM 500 N N1    . DT C 3 6  ? -6.56575  3.30935   -1.60628  1.000 400.34874 ? 206 DT D N1    1 
ATOM 501 C C2    . DT C 3 6  ? -5.70182  4.08500   -2.34987  1.000 399.17957 ? 206 DT D C2    1 
ATOM 502 O O2    . DT C 3 6  ? -5.06551  3.65764   -3.29689  1.000 402.39744 ? 206 DT D O2    1 
ATOM 503 N N3    . DT C 3 6  ? -5.61749  5.39470   -1.94404  1.000 394.91802 ? 206 DT D N3    1 
ATOM 504 C C4    . DT C 3 6  ? -6.29127  5.98706   -0.88959  1.000 391.70391 ? 206 DT D C4    1 
ATOM 505 O O4    . DT C 3 6  ? -6.15183  7.17098   -0.59976  1.000 397.37919 ? 206 DT D O4    1 
ATOM 506 C C5    . DT C 3 6  ? -7.17304  5.11463   -0.15271  1.000 392.58789 ? 206 DT D C5    1 
ATOM 507 C C7    . DT C 3 6  ? -7.95661  5.64363   1.01047   1.000 389.79641 ? 206 DT D C7    1 
ATOM 508 C C6    . DT C 3 6  ? -7.26446  3.83567   -0.54036  1.000 396.95994 ? 206 DT D C6    1 
ATOM 509 P P     . DG C 3 7  ? -6.37438  -2.31255  -0.43602  1.000 398.03244 ? 207 DG D P     1 
ATOM 510 O OP1   . DG C 3 7  ? -5.88403  -3.53181  -1.11490  1.000 408.39892 ? 207 DG D OP1   1 
ATOM 511 O OP2   . DG C 3 7  ? -7.42143  -2.40632  0.60384   1.000 397.42344 ? 207 DG D OP2   1 
ATOM 512 O "O5'" . DG C 3 7  ? -5.12802  -1.54411  0.19932   1.000 394.51539 ? 207 DG D "O5'" 1 
ATOM 513 C "C5'" . DG C 3 7  ? -3.82140  -2.05524  0.01813   1.000 400.32613 ? 207 DG D "C5'" 1 
ATOM 514 C "C4'" . DG C 3 7  ? -2.90927  -0.99373  -0.56058  1.000 394.18680 ? 207 DG D "C4'" 1 
ATOM 515 O "O4'" . DG C 3 7  ? -3.50549  0.29119   -0.37917  1.000 384.71415 ? 207 DG D "O4'" 1 
ATOM 516 C "C3'" . DG C 3 7  ? -1.55908  -0.87424  0.11798   1.000 396.61991 ? 207 DG D "C3'" 1 
ATOM 517 O "O3'" . DG C 3 7  ? -0.65351  -1.77208  -0.48080  1.000 404.67119 ? 207 DG D "O3'" 1 
ATOM 518 C "C2'" . DG C 3 7  ? -1.16063  0.58769   -0.13785  1.000 388.44363 ? 207 DG D "C2'" 1 
ATOM 519 C "C1'" . DG C 3 7  ? -2.49629  1.26804   -0.46624  1.000 381.61456 ? 207 DG D "C1'" 1 
ATOM 520 N N9    . DG C 3 7  ? -2.84942  2.35277   0.42960   1.000 375.22348 ? 207 DG D N9    1 
ATOM 521 C C8    . DG C 3 7  ? -3.72288  2.29774   1.48247   1.000 373.33244 ? 207 DG D C8    1 
ATOM 522 N N7    . DG C 3 7  ? -3.85833  3.43367   2.10120   1.000 373.79802 ? 207 DG D N7    1 
ATOM 523 C C5    . DG C 3 7  ? -3.02849  4.29758   1.40471   1.000 368.36233 ? 207 DG D C5    1 
ATOM 524 C C6    . DG C 3 7  ? -2.76011  5.66626   1.61186   1.000 368.96518 ? 207 DG D C6    1 
ATOM 525 O O6    . DG C 3 7  ? -3.22413  6.41978   2.47457   1.000 374.61518 ? 207 DG D O6    1 
ATOM 526 N N1    . DG C 3 7  ? -1.85656  6.16318   0.67486   1.000 363.43858 ? 207 DG D N1    1 
ATOM 527 C C2    . DG C 3 7  ? -1.28306  5.42632   -0.33260  1.000 367.32471 ? 207 DG D C2    1 
ATOM 528 N N2    . DG C 3 7  ? -0.42821  6.07778   -1.14332  1.000 368.11605 ? 207 DG D N2    1 
ATOM 529 N N3    . DG C 3 7  ? -1.52607  4.13914   -0.53297  1.000 371.15525 ? 207 DG D N3    1 
ATOM 530 C C4    . DG C 3 7  ? -2.40427  3.64549   0.36956   1.000 370.61556 ? 207 DG D C4    1 
ATOM 531 P P     . DT C 3 8  ? 0.24630   -2.74109  0.43098   1.000 420.71076 ? 208 DT D P     1 
ATOM 532 O OP1   . DT C 3 8  ? 0.16354   -4.11263  -0.12813  1.000 430.36071 ? 208 DT D OP1   1 
ATOM 533 O OP2   . DT C 3 8  ? -0.12367  -2.50694  1.84463   1.000 418.47865 ? 208 DT D OP2   1 
ATOM 534 O "O5'" . DT C 3 8  ? 1.72426   -2.16854  0.23555   1.000 420.96167 ? 208 DT D "O5'" 1 
ATOM 535 C "C5'" . DT C 3 8  ? 2.14087   -1.03955  0.96226   1.000 415.27361 ? 208 DT D "C5'" 1 
ATOM 536 C "C4'" . DT C 3 8  ? 2.92670   -0.09174  0.07519   1.000 411.40333 ? 208 DT D "C4'" 1 
ATOM 537 O "O4'" . DT C 3 8  ? 2.06674   1.00548   -0.35004  1.000 402.45758 ? 208 DT D "O4'" 1 
ATOM 538 C "C3'" . DT C 3 8  ? 4.11813   0.55967   0.76170   1.000 411.63773 ? 208 DT D "C3'" 1 
ATOM 539 O "O3'" . DT C 3 8  ? 5.33011   -0.22632  0.59070   1.000 419.61298 ? 208 DT D "O3'" 1 
ATOM 540 C "C2'" . DT C 3 8  ? 4.20151   1.92173   0.08095   1.000 406.89696 ? 208 DT D "C2'" 1 
ATOM 541 C "C1'" . DT C 3 8  ? 2.72050   2.24721   -0.14912  1.000 399.89337 ? 208 DT D "C1'" 1 
ATOM 542 N N1    . DT C 3 8  ? 2.03775   2.94908   1.01072   1.000 395.38898 ? 208 DT D N1    1 
ATOM 543 C C2    . DT C 3 8  ? 2.24154   4.30516   1.23284   1.000 405.48915 ? 208 DT D C2    1 
ATOM 544 O O2    . DT C 3 8  ? 2.97069   4.99968   0.54216   1.000 404.47512 ? 208 DT D O2    1 
ATOM 545 N N3    . DT C 3 8  ? 1.56148   4.80927   2.32385   1.000 415.73253 ? 208 DT D N3    1 
ATOM 546 C C4    . DT C 3 8  ? 0.71682   4.11224   3.17316   1.000 408.87617 ? 208 DT D C4    1 
ATOM 547 O O4    . DT C 3 8  ? 0.15053   4.64425   4.11605   1.000 411.24464 ? 208 DT D O4    1 
ATOM 548 C C5    . DT C 3 8  ? 0.55204   2.71387   2.87208   1.000 393.63509 ? 208 DT D C5    1 
ATOM 549 C C7    . DT C 3 8  ? -0.33346  1.86052   3.72035   1.000 391.04634 ? 208 DT D C7    1 
ATOM 550 C C6    . DT C 3 8  ? 1.20436   2.21225   1.82590   1.000 394.79193 ? 208 DT D C6    1 
ATOM 551 P P     . DG C 3 9  ? 5.60719   -1.09378  -0.74065  1.000 387.02911 ? 209 DG D P     1 
ATOM 552 O OP1   . DG C 3 9  ? 5.56700   -0.16394  -1.88858  1.000 369.29028 ? 209 DG D OP1   1 
ATOM 553 O OP2   . DG C 3 9  ? 4.78084   -2.32087  -0.71492  1.000 402.37899 ? 209 DG D OP2   1 
ATOM 554 O "O5'" . DG C 3 9  ? 7.11706   -1.60859  -0.58233  1.000 384.51621 ? 209 DG D "O5'" 1 
ATOM 555 C "C5'" . DG C 3 9  ? 7.81052   -1.42943  0.63280   1.000 388.78947 ? 209 DG D "C5'" 1 
ATOM 556 C "C4'" . DG C 3 9  ? 8.18558   -2.76780  1.25347   1.000 404.89630 ? 209 DG D "C4'" 1 
ATOM 557 O "O4'" . DG C 3 9  ? 7.04684   -3.32680  1.93100   1.000 418.41514 ? 209 DG D "O4'" 1 
ATOM 558 C "C3'" . DG C 3 9  ? 8.61457   -3.83757  0.27331   1.000 408.04698 ? 209 DG D "C3'" 1 
ATOM 559 O "O3'" . DG C 3 9  ? 10.00225  -3.70544  0.01405   1.000 399.95387 ? 209 DG D "O3'" 1 
ATOM 560 C "C2'" . DG C 3 9  ? 8.31113   -5.13026  1.03524   1.000 425.61488 ? 209 DG D "C2'" 1 
ATOM 561 C "C1'" . DG C 3 9  ? 7.14262   -4.73614  1.94170   1.000 432.14525 ? 209 DG D "C1'" 1 
ATOM 562 N N9    . DG C 3 9  ? 5.85052   -5.26647  1.52219   1.000 438.25249 ? 209 DG D N9    1 
ATOM 563 C C8    . DG C 3 9  ? 4.71154   -4.54224  1.28229   1.000 432.91473 ? 209 DG D C8    1 
ATOM 564 N N7    . DG C 3 9  ? 3.69531   -5.27585  0.93334   1.000 440.86202 ? 209 DG D N7    1 
ATOM 565 C C5    . DG C 3 9  ? 4.18763   -6.56873  0.94818   1.000 452.87688 ? 209 DG D C5    1 
ATOM 566 C C6    . DG C 3 9  ? 3.54432   -7.78981  0.65781   1.000 466.27004 ? 209 DG D C6    1 
ATOM 567 O O6    . DG C 3 9  ? 2.36427   -7.96868  0.31463   1.000 470.30853 ? 209 DG D O6    1 
ATOM 568 N N1    . DG C 3 9  ? 4.40540   -8.87232  0.79304   1.000 475.52902 ? 209 DG D N1    1 
ATOM 569 C C2    . DG C 3 9  ? 5.72940   -8.78529  1.16605   1.000 471.60051 ? 209 DG D C2    1 
ATOM 570 N N2    . DG C 3 9  ? 6.39967   -9.94099  1.24311   1.000 480.95392 ? 209 DG D N2    1 
ATOM 571 N N3    . DG C 3 9  ? 6.34627   -7.64507  1.44177   1.000 459.39270 ? 209 DG D N3    1 
ATOM 572 C C4    . DG C 3 9  ? 5.52269   -6.58244  1.31680   1.000 450.98153 ? 209 DG D C4    1 
ATOM 573 P P     . DC C 3 10 ? 10.55184  -3.68868  -1.49513  1.000 411.46512 ? 210 DC D P     1 
ATOM 574 O OP1   . DC C 3 10 ? 11.42882  -2.50343  -1.65831  1.000 396.75365 ? 210 DC D OP1   1 
ATOM 575 O OP2   . DC C 3 10 ? 9.38057   -3.85993  -2.38684  1.000 411.47138 ? 210 DC D OP2   1 
ATOM 576 O "O5'" . DC C 3 10 ? 11.45917  -5.00580  -1.58121  1.000 407.82668 ? 210 DC D "O5'" 1 
ATOM 577 C "C5'" . DC C 3 10 ? 11.03378  -6.11427  -2.35513  1.000 404.96667 ? 210 DC D "C5'" 1 
ATOM 578 C "C4'" . DC C 3 10 ? 11.43326  -7.42498  -1.69349  1.000 429.77178 ? 210 DC D "C4'" 1 
ATOM 579 O "O4'" . DC C 3 10 ? 10.41577  -7.82726  -0.74482  1.000 453.11619 ? 210 DC D "O4'" 1 
ATOM 580 C "C3'" . DC C 3 10 ? 11.63658  -8.59131  -2.65693  1.000 420.27090 ? 210 DC D "C3'" 1 
ATOM 581 O "O3'" . DC C 3 10 ? 12.91850  -9.19694  -2.44535  1.000 419.51768 ? 210 DC D "O3'" 1 
ATOM 582 C "C2'" . DC C 3 10 ? 10.48795  -9.57348  -2.37624  1.000 449.63960 ? 210 DC D "C2'" 1 
ATOM 583 C "C1'" . DC C 3 10 ? 9.72209   -8.97336  -1.19832  1.000 465.03570 ? 210 DC D "C1'" 1 
ATOM 584 N N1    . DC C 3 10 ? 8.29927   -8.58827  -1.51085  1.000 467.14148 ? 210 DC D N1    1 
ATOM 585 C C2    . DC C 3 10 ? 7.34169   -9.57524  -1.80039  1.000 480.50761 ? 210 DC D C2    1 
ATOM 586 O O2    . DC C 3 10 ? 7.67437   -10.76507 -1.82670  1.000 489.15049 ? 210 DC D O2    1 
ATOM 587 N N3    . DC C 3 10 ? 6.06561   -9.19195  -2.06434  1.000 481.73725 ? 210 DC D N3    1 
ATOM 588 C C4    . DC C 3 10 ? 5.73586   -7.90101  -2.03701  1.000 469.75526 ? 210 DC D C4    1 
ATOM 589 N N4    . DC C 3 10 ? 4.46734   -7.56863  -2.29920  1.000 470.52260 ? 210 DC D N4    1 
ATOM 590 C C5    . DC C 3 10 ? 6.69157   -6.89027  -1.73800  1.000 456.43918 ? 210 DC D C5    1 
ATOM 591 C C6    . DC C 3 10 ? 7.94313   -7.27572  -1.48303  1.000 456.15258 ? 210 DC D C6    1 
ATOM 592 P P     . DT C 3 11 ? 13.76021  -9.75795  -3.69589  1.000 413.72784 ? 211 DT D P     1 
ATOM 593 O OP1   . DT C 3 11 ? 14.53795  -10.93119 -3.24113  1.000 426.91484 ? 211 DT D OP1   1 
ATOM 594 O OP2   . DT C 3 11 ? 14.46955  -8.61441  -4.30889  1.000 383.97054 ? 211 DT D OP2   1 
ATOM 595 O "O5'" . DT C 3 11 ? 12.63364  -10.24595 -4.72207  1.000 405.42159 ? 211 DT D "O5'" 1 
ATOM 596 C "C5'" . DT C 3 11 ? 12.99090  -10.99433 -5.87662  1.000 381.16597 ? 211 DT D "C5'" 1 
ATOM 597 C "C4'" . DT C 3 11 ? 12.55906  -12.44446 -5.73423  1.000 403.34983 ? 211 DT D "C4'" 1 
ATOM 598 O "O4'" . DT C 3 11 ? 11.42879  -12.53710 -4.83092  1.000 436.41831 ? 211 DT D "O4'" 1 
ATOM 599 C "C3'" . DT C 3 11 ? 12.16164  -13.12423 -7.03994  1.000 383.76593 ? 211 DT D "C3'" 1 
ATOM 600 O "O3'" . DT C 3 11 ? 13.24007  -14.01605 -7.43953  1.000 378.40590 ? 211 DT D "O3'" 1 
ATOM 601 C "C2'" . DT C 3 11 ? 10.84421  -13.85094 -6.72107  1.000 410.67303 ? 211 DT D "C2'" 1 
ATOM 602 C "C1'" . DT C 3 11 ? 10.32815  -13.15856 -5.45713  1.000 439.75683 ? 211 DT D "C1'" 1 
ATOM 603 N N1    . DT C 3 11 ? 9.24280   -12.11064 -5.64806  1.000 438.67283 ? 211 DT D N1    1 
ATOM 604 C C2    . DT C 3 11 ? 7.93676   -12.48748 -5.93046  1.000 450.92689 ? 211 DT D C2    1 
ATOM 605 O O2    . DT C 3 11 ? 7.58973   -13.64386 -6.09036  1.000 461.65331 ? 211 DT D O2    1 
ATOM 606 N N3    . DT C 3 11 ? 7.05235   -11.43303 -6.03146  1.000 450.06692 ? 211 DT D N3    1 
ATOM 607 C C4    . DT C 3 11 ? 7.34148   -10.08580 -5.86399  1.000 439.96147 ? 211 DT D C4    1 
ATOM 608 O O4    . DT C 3 11 ? 6.50146   -9.20800  -5.97374  1.000 442.00538 ? 211 DT D O4    1 
ATOM 609 C C5    . DT C 3 11 ? 8.70898   -9.77753  -5.55650  1.000 428.68258 ? 211 DT D C5    1 
ATOM 610 C C7    . DT C 3 11 ? 9.13039   -8.35116  -5.36119  1.000 418.30328 ? 211 DT D C7    1 
ATOM 611 C C6    . DT C 3 11 ? 9.57409   -10.78694 -5.45443  1.000 428.43165 ? 211 DT D C6    1 
ATOM 612 P P     . DC C 3 12 ? 12.99707  -15.46295 -8.10982  1.000 407.90423 ? 212 DC D P     1 
ATOM 613 O OP1   . DC C 3 12 ? 12.51173  -16.41135 -7.08286  1.000 448.27573 ? 212 DC D OP1   1 
ATOM 614 O OP2   . DC C 3 12 ? 14.25342  -15.78586 -8.82303  1.000 381.43434 ? 212 DC D OP2   1 
ATOM 615 O "O5'" . DC C 3 12 ? 11.86852  -15.23017 -9.22140  1.000 392.49860 ? 212 DC D "O5'" 1 
ATOM 616 C "C5'" . DC C 3 12 ? 11.50037  -16.30364 -10.09484 1.000 383.94810 ? 212 DC D "C5'" 1 
ATOM 617 C "C4'" . DC C 3 12 ? 10.01743  -16.61269 -9.98718  1.000 410.93703 ? 212 DC D "C4'" 1 
ATOM 618 O "O4'" . DC C 3 12 ? 9.38025   -15.60709 -9.17421  1.000 430.16754 ? 212 DC D "O4'" 1 
ATOM 619 C "C3'" . DC C 3 12 ? 9.28439   -16.63224 -11.32278 1.000 392.81694 ? 212 DC D "C3'" 1 
ATOM 620 O "O3'" . DC C 3 12 ? 8.85523   -17.94938 -11.62725 1.000 412.77470 ? 212 DC D "O3'" 1 
ATOM 621 C "C2'" . DC C 3 12 ? 8.09705   -15.67527 -11.15490 1.000 397.82672 ? 212 DC D "C2'" 1 
ATOM 622 C "C1'" . DC C 3 12 ? 8.10471   -15.29818 -9.67848  1.000 429.04937 ? 212 DC D "C1'" 1 
ATOM 623 N N1    . DC C 3 12 ? 7.88246   -13.84684 -9.46087  1.000 422.10130 ? 212 DC D N1    1 
ATOM 624 C C2    . DC C 3 12 ? 6.58381   -13.31654 -9.46482  1.000 432.92843 ? 212 DC D C2    1 
ATOM 625 O O2    . DC C 3 12 ? 5.61763   -14.06583 -9.64475  1.000 449.46758 ? 212 DC D O2    1 
ATOM 626 N N3    . DC C 3 12 ? 6.42473   -11.98399 -9.26720  1.000 426.22751 ? 212 DC D N3    1 
ATOM 627 C C4    . DC C 3 12 ? 7.49146   -11.20496 -9.08105  1.000 409.54290 ? 212 DC D C4    1 
ATOM 628 N N4    . DC C 3 12 ? 7.29169   -9.89956  -8.88934  1.000 405.08052 ? 212 DC D N4    1 
ATOM 629 C C5    . DC C 3 12 ? 8.81295   -11.72907 -9.07658  1.000 398.01066 ? 212 DC D C5    1 
ATOM 630 C C6    . DC C 3 12 ? 8.95834   -13.03676 -9.27656  1.000 404.24883 ? 212 DC D C6    1 
ATOM 631 P P     . DT C 3 13 ? 8.57792   -18.36745 -13.15317 1.000 449.72777 ? 213 DT D P     1 
ATOM 632 O OP1   . DT C 3 13 ? 8.49916   -19.84318 -13.20315 1.000 472.15274 ? 213 DT D OP1   1 
ATOM 633 O OP2   . DT C 3 13 ? 9.56379   -17.65467 -13.99654 1.000 406.39702 ? 213 DT D OP2   1 
ATOM 634 O "O5'" . DT C 3 13 ? 7.13124   -17.75452 -13.46771 1.000 459.00911 ? 213 DT D "O5'" 1 
ATOM 635 C "C5'" . DT C 3 13 ? 6.01696   -18.09091 -12.64094 1.000 496.85623 ? 213 DT D "C5'" 1 
ATOM 636 C "C4'" . DT C 3 13 ? 4.75699   -17.38632 -13.11376 1.000 497.03577 ? 213 DT D "C4'" 1 
ATOM 637 O "O4'" . DT C 3 13 ? 4.74147   -16.01913 -12.62297 1.000 481.63289 ? 213 DT D "O4'" 1 
ATOM 638 C "C3'" . DT C 3 13 ? 4.59941   -17.30152 -14.63473 1.000 474.06946 ? 213 DT D "C3'" 1 
ATOM 639 O "O3'" . DT C 3 13 ? 3.29489   -17.71320 -15.01382 1.000 498.02241 ? 213 DT D "O3'" 1 
ATOM 640 C "C2'" . DT C 3 13 ? 4.83178   -15.82182 -14.94001 1.000 439.97636 ? 213 DT D "C2'" 1 
ATOM 641 C "C1'" . DT C 3 13 ? 4.34233   -15.15897 -13.66428 1.000 457.99804 ? 213 DT D "C1'" 1 
ATOM 642 N N1    . DT C 3 13 ? 4.94492   -13.81453 -13.42813 1.000 430.80669 ? 213 DT D N1    1 
ATOM 643 C C2    . DT C 3 13 ? 4.12657   -12.70666 -13.32122 1.000 428.19786 ? 213 DT D C2    1 
ATOM 644 O O2    . DT C 3 13 ? 2.91042   -12.75812 -13.40376 1.000 445.92348 ? 213 DT D O2    1 
ATOM 645 N N3    . DT C 3 13 ? 4.78977   -11.52650 -13.10702 1.000 405.00177 ? 213 DT D N3    1 
ATOM 646 C C4    . DT C 3 13 ? 6.16031   -11.34912 -12.99397 1.000 384.34046 ? 213 DT D C4    1 
ATOM 647 O O4    . DT C 3 13 ? 6.66660   -10.24963 -12.80379 1.000 365.30176 ? 213 DT D O4    1 
ATOM 648 C C5    . DT C 3 13 ? 6.95287   -12.54978 -13.12199 1.000 387.82822 ? 213 DT D C5    1 
ATOM 649 C C7    . DT C 3 13 ? 8.44706   -12.48373 -13.01964 1.000 367.53475 ? 213 DT D C7    1 
ATOM 650 C C6    . DT C 3 13 ? 6.31447   -13.70615 -13.33270 1.000 410.70389 ? 213 DT D C6    1 
ATOM 651 P P     . DG D 4 1  ? 7.00386   -1.39602  -11.89016 1.000 519.29419 ? 102 DG X P     1 
ATOM 652 O OP1   . DG D 4 1  ? 6.95031   -1.87496  -10.49134 1.000 530.45511 ? 102 DG X OP1   1 
ATOM 653 O OP2   . DG D 4 1  ? 8.30453   -1.02241  -12.48854 1.000 518.92190 ? 102 DG X OP2   1 
ATOM 654 O "O5'" . DG D 4 1  ? 6.00221   -0.15744  -12.05130 1.000 500.93410 ? 102 DG X "O5'" 1 
ATOM 655 C "C5'" . DG D 4 1  ? 5.78190   0.42584   -13.33396 1.000 476.28535 ? 102 DG X "C5'" 1 
ATOM 656 C "C4'" . DG D 4 1  ? 4.45499   -0.03162  -13.91750 1.000 464.47439 ? 102 DG X "C4'" 1 
ATOM 657 O "O4'" . DG D 4 1  ? 4.70001   -0.98660  -14.98213 1.000 477.73720 ? 102 DG X "O4'" 1 
ATOM 658 C "C3'" . DG D 4 1  ? 3.51784   -0.71862  -12.92692 1.000 467.27515 ? 102 DG X "C3'" 1 
ATOM 659 O "O3'" . DG D 4 1  ? 2.16493   -0.34317  -13.16665 1.000 442.09248 ? 102 DG X "O3'" 1 
ATOM 660 C "C2'" . DG D 4 1  ? 3.74230   -2.19819  -13.19951 1.000 490.38013 ? 102 DG X "C2'" 1 
ATOM 661 C "C1'" . DG D 4 1  ? 4.09473   -2.22395  -14.68171 1.000 485.59646 ? 102 DG X "C1'" 1 
ATOM 662 N N9    . DG D 4 1  ? 5.04270   -3.28103  -14.98881 1.000 389.22221 ? 102 DG X N9    1 
ATOM 663 C C8    . DG D 4 1  ? 6.40974   -3.22394  -14.86811 1.000 395.61798 ? 102 DG X C8    1 
ATOM 664 N N7    . DG D 4 1  ? 7.00449   -4.33827  -15.18564 1.000 404.13916 ? 102 DG X N7    1 
ATOM 665 C C5    . DG D 4 1  ? 5.96396   -5.19284  -15.52465 1.000 403.72717 ? 102 DG X C5    1 
ATOM 666 C C6    . DG D 4 1  ? 5.99530   -6.53814  -15.95389 1.000 412.53360 ? 102 DG X C6    1 
ATOM 667 O O6    . DG D 4 1  ? 6.98333   -7.26469  -16.12382 1.000 422.12727 ? 102 DG X O6    1 
ATOM 668 N N1    . DG D 4 1  ? 4.71606   -7.03280  -16.19436 1.000 410.95626 ? 102 DG X N1    1 
ATOM 669 C C2    . DG D 4 1  ? 3.55446   -6.31343  -16.04308 1.000 401.56889 ? 102 DG X C2    1 
ATOM 670 N N2    . DG D 4 1  ? 2.41414   -6.96107  -16.31821 1.000 403.16640 ? 102 DG X N2    1 
ATOM 671 N N3    . DG D 4 1  ? 3.51136   -5.05107  -15.64069 1.000 392.92447 ? 102 DG X N3    1 
ATOM 672 C C4    . DG D 4 1  ? 4.74942   -4.55749  -15.40127 1.000 394.61645 ? 102 DG X C4    1 
ATOM 673 P P     . DA D 4 2  ? 0.97680   -1.04389  -12.33885 1.000 504.76321 ? 103 DA X P     1 
ATOM 674 O OP1   . DA D 4 2  ? -0.14328  -0.08413  -12.24815 1.000 477.74293 ? 103 DA X OP1   1 
ATOM 675 O OP2   . DA D 4 2  ? 1.55498   -1.60407  -11.09697 1.000 515.17126 ? 103 DA X OP2   1 
ATOM 676 O "O5'" . DA D 4 2  ? 0.52370   -2.26037  -13.27213 1.000 521.79192 ? 103 DA X "O5'" 1 
ATOM 677 C "C5'" . DA D 4 2  ? -0.75466  -2.24197  -13.89377 1.000 511.18268 ? 103 DA X "C5'" 1 
ATOM 678 C "C4'" . DA D 4 2  ? -1.51884  -3.51655  -13.58368 1.000 532.02920 ? 103 DA X "C4'" 1 
ATOM 679 O "O4'" . DA D 4 2  ? -0.75624  -4.65294  -14.05270 1.000 553.32340 ? 103 DA X "O4'" 1 
ATOM 680 C "C3'" . DA D 4 2  ? -1.81183  -3.74464  -12.10181 1.000 542.70332 ? 103 DA X "C3'" 1 
ATOM 681 O "O3'" . DA D 4 2  ? -3.24160  -3.90433  -11.84810 1.000 546.28074 ? 103 DA X "O3'" 1 
ATOM 682 C "C2'" . DA D 4 2  ? -0.98589  -4.96792  -11.69685 1.000 568.87837 ? 103 DA X "C2'" 1 
ATOM 683 C "C1'" . DA D 4 2  ? -0.50530  -5.57471  -13.01565 1.000 574.46199 ? 103 DA X "C1'" 1 
ATOM 684 N N9    . DA D 4 2  ? 0.92279   -5.85962  -12.99975 1.000 366.34249 ? 103 DA X N9    1 
ATOM 685 C C8    . DA D 4 2  ? 1.92839   -4.96141  -12.78485 1.000 361.93299 ? 103 DA X C8    1 
ATOM 686 N N7    . DA D 4 2  ? 3.12538   -5.48952  -12.80583 1.000 360.63607 ? 103 DA X N7    1 
ATOM 687 C C5    . DA D 4 2  ? 2.89090   -6.83159  -13.04499 1.000 363.61567 ? 103 DA X C5    1 
ATOM 688 C C6    . DA D 4 2  ? 3.75803   -7.92722  -13.18590 1.000 364.70683 ? 103 DA X C6    1 
ATOM 689 N N6    . DA D 4 2  ? 5.08546   -7.82250  -13.09635 1.000 365.93591 ? 103 DA X N6    1 
ATOM 690 N N1    . DA D 4 2  ? 3.20926   -9.13522  -13.42255 1.000 371.17129 ? 103 DA X N1    1 
ATOM 691 C C2    . DA D 4 2  ? 1.87499   -9.23267  -13.51214 1.000 379.09663 ? 103 DA X C2    1 
ATOM 692 N N3    . DA D 4 2  ? 0.95512   -8.27023  -13.40002 1.000 379.13529 ? 103 DA X N3    1 
ATOM 693 C C4    . DA D 4 2  ? 1.53768   -7.08059  -13.16856 1.000 369.26620 ? 103 DA X C4    1 
ATOM 694 P P     . DG D 4 3  ? -4.10652  -5.13530  -12.43303 1.000 566.28628 ? 104 DG X P     1 
ATOM 695 O OP1   . DG D 4 3  ? -3.92230  -5.27850  -13.89204 1.000 558.98275 ? 104 DG X OP1   1 
ATOM 696 O OP2   . DG D 4 3  ? -5.47270  -4.93418  -11.90913 1.000 567.48637 ? 104 DG X OP2   1 
ATOM 697 O "O5'" . DG D 4 3  ? -3.52875  -6.43167  -11.70082 1.000 592.04743 ? 104 DG X "O5'" 1 
ATOM 698 C "C5'" . DG D 4 3  ? -3.48168  -7.66814  -12.39720 1.000 606.90388 ? 104 DG X "C5'" 1 
ATOM 699 C "C4'" . DG D 4 3  ? -2.98090  -8.78330  -11.49795 1.000 627.05376 ? 104 DG X "C4'" 1 
ATOM 700 O "O4'" . DG D 4 3  ? -1.58736  -9.02795  -11.75565 1.000 628.31540 ? 104 DG X "O4'" 1 
ATOM 701 C "C3'" . DG D 4 3  ? -3.02829  -8.49122  -10.01047 1.000 630.31845 ? 104 DG X "C3'" 1 
ATOM 702 O "O3'" . DG D 4 3  ? -4.33726  -8.77308  -9.46592  1.000 640.00798 ? 104 DG X "O3'" 1 
ATOM 703 C "C2'" . DG D 4 3  ? -1.96321  -9.42968  -9.44956  1.000 641.06995 ? 104 DG X "C2'" 1 
ATOM 704 C "C1'" . DG D 4 3  ? -1.02992  -9.68080  -10.63254 1.000 640.21186 ? 104 DG X "C1'" 1 
ATOM 705 N N9    . DG D 4 3  ? 0.30975   -9.16758  -10.40797 1.000 392.57338 ? 104 DG X N9    1 
ATOM 706 C C8    . DG D 4 3  ? 0.66763   -7.85772  -10.22304 1.000 382.98021 ? 104 DG X C8    1 
ATOM 707 N N7    . DG D 4 3  ? 1.94518   -7.69366  -10.03648 1.000 378.33266 ? 104 DG X N7    1 
ATOM 708 C C5    . DG D 4 3  ? 2.46548   -8.98111  -10.09081 1.000 381.24726 ? 104 DG X C5    1 
ATOM 709 C C6    . DG D 4 3  ? 3.79690   -9.43151  -9.95354  1.000 380.07793 ? 104 DG X C6    1 
ATOM 710 O O6    . DG D 4 3  ? 4.81109   -8.75738  -9.75108  1.000 376.60785 ? 104 DG X O6    1 
ATOM 711 N N1    . DG D 4 3  ? 3.89478   -10.81733 -10.07519 1.000 384.50890 ? 104 DG X N1    1 
ATOM 712 C C2    . DG D 4 3  ? 2.83271   -11.66044 -10.30005 1.000 391.63845 ? 104 DG X C2    1 
ATOM 713 N N2    . DG D 4 3  ? 3.11583   -12.97356 -10.38836 1.000 397.77499 ? 104 DG X N2    1 
ATOM 714 N N3    . DG D 4 3  ? 1.57672   -11.24661 -10.43140 1.000 396.67808 ? 104 DG X N3    1 
ATOM 715 C C4    . DG D 4 3  ? 1.47003   -9.89945  -10.31381 1.000 389.51495 ? 104 DG X C4    1 
ATOM 716 P P     . DA D 4 4  ? -4.84539  -10.28016 -9.17950  1.000 462.05646 ? 105 DA X P     1 
ATOM 717 O OP1   . DA D 4 4  ? -4.56013  -11.12889 -10.35756 1.000 452.97996 ? 105 DA X OP1   1 
ATOM 718 O OP2   . DA D 4 4  ? -6.23793  -10.15059 -8.69488  1.000 479.70428 ? 105 DA X OP2   1 
ATOM 719 O "O5'" . DA D 4 4  ? -3.97635  -10.79654 -7.93118  1.000 470.08861 ? 105 DA X "O5'" 1 
ATOM 720 C "C5'" . DA D 4 4  ? -4.19670  -12.10184 -7.38681  1.000 479.53460 ? 105 DA X "C5'" 1 
ATOM 721 C "C4'" . DA D 4 4  ? -3.20104  -13.12311 -7.93437  1.000 487.89472 ? 105 DA X "C4'" 1 
ATOM 722 O "O4'" . DA D 4 4  ? -1.95816  -12.46810 -8.32232  1.000 479.18405 ? 105 DA X "O4'" 1 
ATOM 723 C "C3'" . DA D 4 4  ? -2.80163  -14.21182 -6.94233  1.000 499.69621 ? 105 DA X "C3'" 1 
ATOM 724 O "O3'" . DA D 4 4  ? -2.67922  -15.46714 -7.59535  1.000 508.71113 ? 105 DA X "O3'" 1 
ATOM 725 C "C2'" . DA D 4 4  ? -1.45568  -13.72323 -6.42704  1.000 493.47531 ? 105 DA X "C2'" 1 
ATOM 726 C "C1'" . DA D 4 4  ? -0.86408  -13.09226 -7.67118  1.000 484.67847 ? 105 DA X "C1'" 1 
ATOM 727 N N9    . DA D 4 4  ? 0.13402   -12.06245 -7.38441  1.000 476.69031 ? 105 DA X N9    1 
ATOM 728 C C8    . DA D 4 4  ? -0.11802  -10.73639 -7.20620  1.000 467.94228 ? 105 DA X C8    1 
ATOM 729 N N7    . DA D 4 4  ? 0.94294   -10.01600 -6.97323  1.000 463.08250 ? 105 DA X N7    1 
ATOM 730 C C5    . DA D 4 4  ? 1.97782   -10.92879 -6.98980  1.000 469.37614 ? 105 DA X C5    1 
ATOM 731 C C6    . DA D 4 4  ? 3.35587   -10.77176 -6.80097  1.000 469.18003 ? 105 DA X C6    1 
ATOM 732 N N6    . DA D 4 4  ? 3.91106   -9.59049  -6.55032  1.000 464.32744 ? 105 DA X N6    1 
ATOM 733 N N1    . DA D 4 4  ? 4.13723   -11.86817 -6.87492  1.000 473.40997 ? 105 DA X N1    1 
ATOM 734 C C2    . DA D 4 4  ? 3.55845   -13.05608 -7.12626  1.000 478.44585 ? 105 DA X C2    1 
ATOM 735 N N3    . DA D 4 4  ? 2.25542   -13.32912 -7.32693  1.000 481.11683 ? 105 DA X N3    1 
ATOM 736 C C4    . DA D 4 4  ? 1.51108   -12.20457 -7.24285  1.000 476.38823 ? 105 DA X C4    1 
ATOM 737 P P     . DG D 4 5  ? -2.80533  -16.81987 -6.73780  1.000 522.73291 ? 106 DG X P     1 
ATOM 738 O OP1   . DG D 4 5  ? -2.87310  -17.96077 -7.67534  1.000 529.75129 ? 106 DG X OP1   1 
ATOM 739 O OP2   . DG D 4 5  ? -3.90011  -16.59767 -5.76640  1.000 531.88157 ? 106 DG X OP2   1 
ATOM 740 O "O5'" . DG D 4 5  ? -1.42329  -16.90188 -5.92773  1.000 520.02936 ? 106 DG X "O5'" 1 
ATOM 741 C "C5'" . DG D 4 5  ? -0.19065  -17.08748 -6.62842  1.000 510.77978 ? 106 DG X "C5'" 1 
ATOM 742 C "C4'" . DG D 4 5  ? 0.99607   -17.07680 -5.67130  1.000 510.00080 ? 106 DG X "C4'" 1 
ATOM 743 O "O4'" . DG D 4 5  ? 1.56497   -15.74209 -5.59571  1.000 499.96301 ? 106 DG X "O4'" 1 
ATOM 744 C "C3'" . DG D 4 5  ? 0.68680   -17.49905 -4.22891  1.000 522.52665 ? 106 DG X "C3'" 1 
ATOM 745 O "O3'" . DG D 4 5  ? 1.62052   -18.49749 -3.80882  1.000 526.31178 ? 106 DG X "O3'" 1 
ATOM 746 C "C2'" . DG D 4 5  ? 0.83762   -16.19788 -3.42637  1.000 518.37100 ? 106 DG X "C2'" 1 
ATOM 747 C "C1'" . DG D 4 5  ? 1.86179   -15.43269 -4.25049  1.000 504.38627 ? 106 DG X "C1'" 1 
ATOM 748 N N9    . DG D 4 5  ? 1.79067   -13.97694 -4.09224  1.000 497.28089 ? 106 DG X N9    1 
ATOM 749 C C8    . DG D 4 5  ? 0.66355   -13.19755 -4.14531  1.000 494.07856 ? 106 DG X C8    1 
ATOM 750 N N7    . DG D 4 5  ? 0.89588   -11.92517 -3.99630  1.000 485.46361 ? 106 DG X N7    1 
ATOM 751 C C5    . DG D 4 5  ? 2.27010   -11.84967 -3.83031  1.000 484.65800 ? 106 DG X C5    1 
ATOM 752 C C6    . DG D 4 5  ? 3.09881   -10.72487 -3.62185  1.000 477.05538 ? 106 DG X C6    1 
ATOM 753 O O6    . DG D 4 5  ? 2.77128   -9.53473  -3.54131  1.000 467.73579 ? 106 DG X O6    1 
ATOM 754 N N1    . DG D 4 5  ? 4.43730   -11.08640 -3.50591  1.000 479.43134 ? 106 DG X N1    1 
ATOM 755 C C2    . DG D 4 5  ? 4.91508   -12.37305 -3.58132  1.000 487.17128 ? 106 DG X C2    1 
ATOM 756 N N2    . DG D 4 5  ? 6.23868   -12.52091 -3.43418  1.000 483.74404 ? 106 DG X N2    1 
ATOM 757 N N3    . DG D 4 5  ? 4.14907   -13.43921 -3.77349  1.000 492.66079 ? 106 DG X N3    1 
ATOM 758 C C4    . DG D 4 5  ? 2.84034   -13.10374 -3.88935  1.000 491.84543 ? 106 DG X C4    1 
ATOM 759 P P     . DC D 4 6  ? 1.50583   -19.18651 -2.35931  1.000 520.27137 ? 107 DC X P     1 
ATOM 760 O OP1   . DC D 4 6  ? 1.73318   -20.63393 -2.56181  1.000 538.49552 ? 107 DC X OP1   1 
ATOM 761 O OP2   . DC D 4 6  ? 0.25071   -18.74198 -1.71162  1.000 524.00927 ? 107 DC X OP2   1 
ATOM 762 O "O5'" . DC D 4 6  ? 2.74634   -18.57090 -1.54680  1.000 514.61606 ? 107 DC X "O5'" 1 
ATOM 763 C "C5'" . DC D 4 6  ? 4.06522   -18.62152 -2.10886  1.000 508.92665 ? 107 DC X "C5'" 1 
ATOM 764 C "C4'" . DC D 4 6  ? 5.01588   -17.65747 -1.40480  1.000 502.10468 ? 107 DC X "C4'" 1 
ATOM 765 O "O4'" . DC D 4 6  ? 4.59626   -16.28586 -1.63629  1.000 493.10360 ? 107 DC X "O4'" 1 
ATOM 766 C "C3'" . DC D 4 6  ? 5.11845   -17.82300 0.11646   1.000 505.99480 ? 107 DC X "C3'" 1 
ATOM 767 O "O3'" . DC D 4 6  ? 6.48441   -17.78161 0.52101   1.000 501.07524 ? 107 DC X "O3'" 1 
ATOM 768 C "C2'" . DC D 4 6  ? 4.34552   -16.61957 0.65261   1.000 501.07073 ? 107 DC X "C2'" 1 
ATOM 769 C "C1'" . DC D 4 6  ? 4.63213   -15.58214 -0.41843  1.000 490.22122 ? 107 DC X "C1'" 1 
ATOM 770 N N1    . DC D 4 6  ? 3.62729   -14.48563 -0.47313  1.000 484.11961 ? 107 DC X N1    1 
ATOM 771 C C2    . DC D 4 6  ? 4.05892   -13.15712 -0.49138  1.000 471.46854 ? 107 DC X C2    1 
ATOM 772 O O2    . DC D 4 6  ? 5.27208   -12.91885 -0.46580  1.000 466.63479 ? 107 DC X O2    1 
ATOM 773 N N3    . DC D 4 6  ? 3.13436   -12.16698 -0.54064  1.000 464.63152 ? 107 DC X N3    1 
ATOM 774 C C4    . DC D 4 6  ? 1.83484   -12.46646 -0.56772  1.000 471.28406 ? 107 DC X C4    1 
ATOM 775 N N4    . DC D 4 6  ? 0.96061   -11.45563 -0.61551  1.000 463.93353 ? 107 DC X N4    1 
ATOM 776 C C5    . DC D 4 6  ? 1.37466   -13.81609 -0.54760  1.000 485.56072 ? 107 DC X C5    1 
ATOM 777 C C6    . DC D 4 6  ? 2.29653   -14.78395 -0.49958  1.000 490.94137 ? 107 DC X C6    1 
ATOM 778 P P     . DT D 4 7  ? 6.99642   -18.67861 1.75474   1.000 504.61850 ? 108 DT X P     1 
ATOM 779 O OP1   . DT D 4 7  ? 7.54192   -19.93606 1.19646   1.000 507.43436 ? 108 DT X OP1   1 
ATOM 780 O OP2   . DT D 4 7  ? 5.91370   -18.74112 2.76239   1.000 513.71383 ? 108 DT X OP2   1 
ATOM 781 O "O5'" . DT D 4 7  ? 8.20386   -17.82766 2.37394   1.000 493.68675 ? 108 DT X "O5'" 1 
ATOM 782 C "C5'" . DT D 4 7  ? 7.96405   -16.90267 3.43170   1.000 491.50368 ? 108 DT X "C5'" 1 
ATOM 783 C "C4'" . DT D 4 7  ? 9.07187   -15.86620 3.49898   1.000 477.96984 ? 108 DT X "C4'" 1 
ATOM 784 O "O4'" . DT D 4 7  ? 8.78083   -14.78783 2.56417   1.000 470.78074 ? 108 DT X "O4'" 1 
ATOM 785 C "C3'" . DT D 4 7  ? 9.22647   -15.17145 4.84401   1.000 475.35668 ? 108 DT X "C3'" 1 
ATOM 786 O "O3'" . DT D 4 7  ? 10.08473  -15.90589 5.69374   1.000 471.75154 ? 108 DT X "O3'" 1 
ATOM 787 C "C2'" . DT D 4 7  ? 9.85063   -13.85340 4.42466   1.000 464.03084 ? 108 DT X "C2'" 1 
ATOM 788 C "C1'" . DT D 4 7  ? 9.01004   -13.53851 3.19852   1.000 463.69204 ? 108 DT X "C1'" 1 
ATOM 789 N N1    . DT D 4 7  ? 7.68404   -12.92257 3.53649   1.000 467.93346 ? 108 DT X N1    1 
ATOM 790 C C2    . DT D 4 7  ? 7.64579   -11.71606 4.20431   1.000 460.58374 ? 108 DT X C2    1 
ATOM 791 O O2    . DT D 4 7  ? 8.64235   -11.10039 4.54057   1.000 451.07418 ? 108 DT X O2    1 
ATOM 792 N N3    . DT D 4 7  ? 6.38624   -11.24682 4.46490   1.000 462.64144 ? 108 DT X N3    1 
ATOM 793 C C4    . DT D 4 7  ? 5.18507   -11.84527 4.13580   1.000 471.57674 ? 108 DT X C4    1 
ATOM 794 O O4    . DT D 4 7  ? 4.10163   -11.34059 4.41529   1.000 471.74500 ? 108 DT X O4    1 
ATOM 795 C C5    . DT D 4 7  ? 5.29374   -13.10467 3.44072   1.000 479.48094 ? 108 DT X C5    1 
ATOM 796 C C7    . DT D 4 7  ? 4.05733   -13.84724 3.03205   1.000 488.78628 ? 108 DT X C7    1 
ATOM 797 C C6    . DT D 4 7  ? 6.52181   -13.57661 3.17729   1.000 477.08327 ? 108 DT X C6    1 
ATOM 798 P P     . DG D 4 8  ? 9.96560   -15.73106 7.28634   1.000 423.35087 ? 109 DG X P     1 
ATOM 799 O OP1   . DG D 4 8  ? 11.12146  -16.42249 7.89705   1.000 417.50157 ? 109 DG X OP1   1 
ATOM 800 O OP2   . DG D 4 8  ? 8.59213   -16.12279 7.67386   1.000 435.14190 ? 109 DG X OP2   1 
ATOM 801 O "O5'" . DG D 4 8  ? 10.09966  -14.15038 7.51122   1.000 408.59139 ? 109 DG X "O5'" 1 
ATOM 802 C "C5'" . DG D 4 8  ? 10.95381  -13.64457 8.52421   1.000 399.59023 ? 109 DG X "C5'" 1 
ATOM 803 C "C4'" . DG D 4 8  ? 10.32358  -12.45052 9.21938   1.000 402.26203 ? 109 DG X "C4'" 1 
ATOM 804 O "O4'" . DG D 4 8  ? 9.10789   -12.06127 8.53255   1.000 413.38511 ? 109 DG X "O4'" 1 
ATOM 805 C "C3'" . DG D 4 8  ? 9.92223   -12.69497 10.67460  1.000 407.89136 ? 109 DG X "C3'" 1 
ATOM 806 O "O3'" . DG D 4 8  ? 10.38897  -11.63042 11.48320  1.000 388.10519 ? 109 DG X "O3'" 1 
ATOM 807 C "C2'" . DG D 4 8  ? 8.39089   -12.74714 10.62601  1.000 418.66581 ? 109 DG X "C2'" 1 
ATOM 808 C "C1'" . DG D 4 8  ? 8.11126   -11.78905 9.49019   1.000 416.85910 ? 109 DG X "C1'" 1 
ATOM 809 N N9    . DG D 4 8  ? 6.80950   -11.95928 8.85263   1.000 426.75779 ? 109 DG X N9    1 
ATOM 810 C C8    . DG D 4 8  ? 6.29033   -13.10763 8.30974   1.000 439.25686 ? 109 DG X C8    1 
ATOM 811 N N7    . DG D 4 8  ? 5.10715   -12.94201 7.78371   1.000 442.51566 ? 109 DG X N7    1 
ATOM 812 C C5    . DG D 4 8  ? 4.83322   -11.59636 7.98012   1.000 431.73275 ? 109 DG X C5    1 
ATOM 813 C C6    . DG D 4 8  ? 3.69780   -10.82988 7.62151   1.000 428.48800 ? 109 DG X C6    1 
ATOM 814 O O6    . DG D 4 8  ? 2.67129   -11.20427 7.03674   1.000 435.14509 ? 109 DG X O6    1 
ATOM 815 N N1    . DG D 4 8  ? 3.83010   -9.50141  8.00909   1.000 415.49364 ? 109 DG X N1    1 
ATOM 816 C C2    . DG D 4 8  ? 4.92149   -8.97650  8.66157   1.000 405.89182 ? 109 DG X C2    1 
ATOM 817 N N2    . DG D 4 8  ? 4.87436   -7.67034  8.95534   1.000 392.47781 ? 109 DG X N2    1 
ATOM 818 N N3    . DG D 4 8  ? 5.98866   -9.68342  9.00161   1.000 408.26517 ? 109 DG X N3    1 
ATOM 819 C C4    . DG D 4 8  ? 5.87593   -10.97738 8.63203   1.000 421.80743 ? 109 DG X C4    1 
ATOM 820 P P     . DT D 4 9  ? 11.13582  -11.95552 12.86556  1.000 389.84308 ? 110 DT X P     1 
ATOM 821 O OP1   . DT D 4 9  ? 11.81200  -10.71788 13.32636  1.000 386.78780 ? 110 DT X OP1   1 
ATOM 822 O OP2   . DT D 4 9  ? 11.92605  -13.19151 12.65129  1.000 390.87010 ? 110 DT X OP2   1 
ATOM 823 O "O5'" . DT D 4 9  ? 9.93522   -12.33932 13.85043  1.000 411.12027 ? 110 DT X "O5'" 1 
ATOM 824 C "C5'" . DT D 4 9  ? 9.80622   -11.69447 15.10577  1.000 410.13963 ? 110 DT X "C5'" 1 
ATOM 825 C "C4'" . DT D 4 9  ? 9.13809   -10.33552 14.96303  1.000 402.65838 ? 110 DT X "C4'" 1 
ATOM 826 O "O4'" . DT D 4 9  ? 8.28683   -10.31602 13.78179  1.000 412.67084 ? 110 DT X "O4'" 1 
ATOM 827 C "C3'" . DT D 4 9  ? 8.25566   -9.94616  16.14130  1.000 410.48601 ? 110 DT X "C3'" 1 
ATOM 828 O "O3'" . DT D 4 9  ? 8.51166   -8.60209  16.53271  1.000 409.84894 ? 110 DT X "O3'" 1 
ATOM 829 C "C2'" . DT D 4 9  ? 6.83534   -10.12450 15.60748  1.000 424.62209 ? 110 DT X "C2'" 1 
ATOM 830 C "C1'" . DT D 4 9  ? 6.99507   -9.85403  14.11991  1.000 419.34655 ? 110 DT X "C1'" 1 
ATOM 831 N N1    . DT D 4 9  ? 5.99247   -10.59363 13.27057  1.000 434.52145 ? 110 DT X N1    1 
ATOM 832 C C2    . DT D 4 9  ? 4.95336   -9.90675  12.65899  1.000 434.42261 ? 110 DT X C2    1 
ATOM 833 O O2    . DT D 4 9  ? 4.79408   -8.70393  12.76176  1.000 424.07501 ? 110 DT X O2    1 
ATOM 834 N N3    . DT D 4 9  ? 4.10753   -10.69927 11.90975  1.000 445.96330 ? 110 DT X N3    1 
ATOM 835 C C4    . DT D 4 9  ? 4.19887   -12.07009 11.72422  1.000 457.53511 ? 110 DT X C4    1 
ATOM 836 O O4    . DT D 4 9  ? 3.40111   -12.70117 11.04035  1.000 465.76525 ? 110 DT X O4    1 
ATOM 837 C C5    . DT D 4 9  ? 5.30165   -12.71433 12.39410  1.000 457.97972 ? 110 DT X C5    1 
ATOM 838 C C7    . DT D 4 9  ? 5.49648   -14.19574 12.26464  1.000 469.28975 ? 110 DT X C7    1 
ATOM 839 C C6    . DT D 4 9  ? 6.12973   -11.95661 13.12461  1.000 446.38956 ? 110 DT X C6    1 
ATOM 840 P P     . DG D 4 10 ? 9.14503   -8.29122  17.97750  1.000 379.54362 ? 111 DG X P     1 
ATOM 841 O OP1   . DG D 4 10 ? 10.12894  -7.19850  17.80351  1.000 374.33249 ? 111 DG X OP1   1 
ATOM 842 O OP2   . DG D 4 10 ? 9.57189   -9.57993  18.56794  1.000 386.34856 ? 111 DG X OP2   1 
ATOM 843 O "O5'" . DG D 4 10 ? 7.91067   -7.73526  18.83349  1.000 388.65020 ? 111 DG X "O5'" 1 
ATOM 844 C "C5'" . DG D 4 10 ? 6.61352   -8.30971  18.68153  1.000 392.43810 ? 111 DG X "C5'" 1 
ATOM 845 C "C4'" . DG D 4 10 ? 5.64412   -7.30540  18.08517  1.000 389.09380 ? 111 DG X "C4'" 1 
ATOM 846 O "O4'" . DG D 4 10 ? 5.02529   -7.86174  16.89065  1.000 383.07175 ? 111 DG X "O4'" 1 
ATOM 847 C "C3'" . DG D 4 10 ? 4.48609   -6.93992  18.99126  1.000 400.64190 ? 111 DG X "C3'" 1 
ATOM 848 O "O3'" . DG D 4 10 ? 4.02567   -5.63484  18.67598  1.000 395.45758 ? 111 DG X "O3'" 1 
ATOM 849 C "C2'" . DG D 4 10 ? 3.45840   -7.99694  18.61286  1.000 404.62424 ? 111 DG X "C2'" 1 
ATOM 850 C "C1'" . DG D 4 10 ? 3.63392   -8.02481  17.10811  1.000 391.64175 ? 111 DG X "C1'" 1 
ATOM 851 N N9    . DG D 4 10 ? 3.21829   -9.28094  16.49448  1.000 395.09962 ? 111 DG X N9    1 
ATOM 852 C C8    . DG D 4 10 ? 3.84271   -10.49523 16.61602  1.000 401.77327 ? 111 DG X C8    1 
ATOM 853 N N7    . DG D 4 10 ? 3.26415   -11.45091 15.95111  1.000 416.75633 ? 111 DG X N7    1 
ATOM 854 C C5    . DG D 4 10 ? 2.17880   -10.83759 15.34873  1.000 419.50699 ? 111 DG X C5    1 
ATOM 855 C C6    . DG D 4 10 ? 1.19022   -11.38369 14.50193  1.000 431.47906 ? 111 DG X C6    1 
ATOM 856 O O6    . DG D 4 10 ? 1.07391   -12.55602 14.11885  1.000 442.21896 ? 111 DG X O6    1 
ATOM 857 N N1    . DG D 4 10 ? 0.26045   -10.42861 14.11021  1.000 429.68245 ? 111 DG X N1    1 
ATOM 858 C C2    . DG D 4 10 ? 0.28491   -9.10297  14.47549  1.000 418.24826 ? 111 DG X C2    1 
ATOM 859 N N2    . DG D 4 10 ? -0.70660  -8.33579  13.98266  1.000 419.44659 ? 111 DG X N2    1 
ATOM 860 N N3    . DG D 4 10 ? 1.21640   -8.56891  15.27304  1.000 406.07443 ? 111 DG X N3    1 
ATOM 861 C C4    . DG D 4 10 ? 2.12972   -9.49696  15.66989  1.000 407.15459 ? 111 DG X C4    1 
# 
loop_
_atom_site_anisotrop.id 
_atom_site_anisotrop.type_symbol 
_atom_site_anisotrop.pdbx_label_atom_id 
_atom_site_anisotrop.pdbx_label_alt_id 
_atom_site_anisotrop.pdbx_label_comp_id 
_atom_site_anisotrop.pdbx_label_asym_id 
_atom_site_anisotrop.pdbx_label_seq_id 
_atom_site_anisotrop.pdbx_PDB_ins_code 
_atom_site_anisotrop.U[1][1] 
_atom_site_anisotrop.U[2][2] 
_atom_site_anisotrop.U[3][3] 
_atom_site_anisotrop.U[1][2] 
_atom_site_anisotrop.U[1][3] 
_atom_site_anisotrop.U[2][3] 
_atom_site_anisotrop.pdbx_auth_seq_id 
_atom_site_anisotrop.pdbx_auth_comp_id 
_atom_site_anisotrop.pdbx_auth_asym_id 
_atom_site_anisotrop.pdbx_auth_atom_id 
1   P P     . DA A 1  ? 5.54713  5.57927 2.19950 0.10026  0.71387  -0.97636 112 DA A P     
2   O OP1   . DA A 1  ? 5.35813  5.63595 2.21681 0.04364  0.79212  -0.93357 112 DA A OP1   
3   O OP2   . DA A 1  ? 5.67688  5.70078 2.16370 0.08606  0.62377  -0.99926 112 DA A OP2   
4   O "O5'" . DA A 1  ? 5.94530  5.74933 2.57461 0.27080  0.69970  -1.08992 112 DA A "O5'" 
5   C "C5'" . DA A 1  ? 5.87939  5.82199 2.59640 0.44725  0.61327  -1.18897 112 DA A "C5'" 
6   C "C4'" . DA A 1  ? 6.04619  6.13360 2.87750 0.60867  0.37911  -1.30815 112 DA A "C4'" 
7   O "O4'" . DA A 1  ? 6.35730  6.26293 3.17605 0.65340  0.32881  -1.27665 112 DA A "O4'" 
8   C "C3'" . DA A 1  ? 6.15339  6.18531 2.77615 0.48779  0.29003  -1.31767 112 DA A "C3'" 
9   O "O3'" . DA A 1  ? 5.93574  6.35286 2.78661 0.57537  0.15340  -1.46575 112 DA A "O3'" 
10  C "C2'" . DA A 1  ? 6.52095  6.37029 3.07655 0.51256  0.13521  -1.32066 112 DA A "C2'" 
11  C "C1'" . DA A 1  ? 6.59194  6.46545 3.37195 0.69174  0.12303  -1.34624 112 DA A "C1'" 
12  N N9    . DA A 1  ? 6.83970  6.38391 3.45277 0.66967  0.10891  -1.24793 112 DA A N9    
13  C C8    . DA A 1  ? 6.79686  6.10450 3.20018 0.50734  0.27851  -1.06773 112 DA A C8    
14  N N7    . DA A 1  ? 7.06589  6.09075 3.36498 0.54057  0.21786  -0.98980 112 DA A N7    
15  C C5    . DA A 1  ? 7.28742  6.35334 3.72712 0.72569  -0.01994 -1.14658 112 DA A C5    
16  C C6    . DA A 1  ? 7.52687  6.42143 4.11471 0.78758  -0.20032 -1.12362 112 DA A C6    
17  N N6    . DA A 1  ? 7.73897  6.26174 4.09287 0.72267  -0.13923 -0.95658 112 DA A N6    
18  N N1    . DA A 1  ? 7.48570  6.64379 4.56854 0.89637  -0.44356 -1.25251 112 DA A N1    
19  C C2    . DA A 1  ? 7.27793  6.81918 4.58755 0.96926  -0.50437 -1.41993 112 DA A C2    
20  N N3    . DA A 1  ? 7.09599  6.81450 4.21865 0.94866  -0.35090 -1.47673 112 DA A N3    
21  C C4    . DA A 1  ? 7.10045  6.55403 3.80486 0.81074  -0.10461 -1.31776 112 DA A C4    
22  P P     . DC A 2  ? 5.93686  6.79586 3.27636 0.82630  -0.05905 -1.66966 113 DC A P     
23  O OP1   . DC A 2  ? 5.82046  6.83097 3.36402 0.95849  0.04700  -1.66305 113 DC A OP1   
24  O OP2   . DC A 2  ? 5.72843  6.88678 3.20592 0.80625  -0.20951 -1.79298 113 DC A OP2   
25  O "O5'" . DC A 2  ? 6.28422  6.99009 3.69277 0.90547  -0.24892 -1.71831 113 DC A "O5'" 
26  C "C5'" . DC A 2  ? 6.35841  7.33511 4.16034 1.05733  -0.52917 -1.90315 113 DC A "C5'" 
27  C "C4'" . DC A 2  ? 6.57986  7.36812 4.38472 0.90951  -0.71523 -1.85585 113 DC A "C4'" 
28  O "O4'" . DC A 2  ? 6.90342  7.26609 4.53434 0.84247  -0.69497 -1.70065 113 DC A "O4'" 
29  C "C3'" . DC A 2  ? 6.54210  7.26185 4.08269 0.68736  -0.65018 -1.77821 113 DC A "C3'" 
30  O "O3'" . DC A 2  ? 6.47974  7.41803 4.33264 0.66229  -0.87605 -1.86419 113 DC A "O3'" 
31  C "C2'" . DC A 2  ? 6.84641  7.06721 4.02410 0.50799  -0.57245 -1.57422 113 DC A "C2'" 
32  C "C1'" . DC A 2  ? 7.04646  7.13837 4.45749 0.62132  -0.71162 -1.56429 113 DC A "C1'" 
33  N N1    . DC A 2  ? 7.25030  6.88987 4.32101 0.53160  -0.59157 -1.37861 113 DC A N1    
34  C C2    . DC A 2  ? 7.43875  6.86573 4.66511 0.54296  -0.74247 -1.30749 113 DC A C2    
35  O O2    . DC A 2  ? 7.42091  7.02881 5.06967 0.62556  -0.97800 -1.40212 113 DC A O2    
36  N N3    . DC A 2  ? 7.62433  6.65453 4.53186 0.46473  -0.62675 -1.13322 113 DC A N3    
37  C C4    . DC A 2  ? 7.62183  6.46403 4.07103 0.38049  -0.37912 -1.03941 113 DC A C4    
38  N N4    . DC A 2  ? 7.80844  6.26694 3.94877 0.31244  -0.27614 -0.87046 113 DC A N4    
39  C C5    . DC A 2  ? 7.41024  6.45263 3.69747 0.36367  -0.22778 -1.11131 113 DC A C5    
40  C C6    . DC A 2  ? 7.23344  6.67265 3.84270 0.43904  -0.33814 -1.27579 113 DC A C6    
41  P P     . DG A 3  ? 6.26557  7.36194 4.00743 0.50982  -0.84295 -1.87462 114 DG A P     
42  O OP1   . DG A 3  ? 6.05555  7.52636 3.83468 0.62827  -0.72086 -1.99114 114 DG A OP1   
43  O OP2   . DG A 3  ? 6.30067  6.99059 3.61437 0.27720  -0.71915 -1.69013 114 DG A OP2   
44  O "O5'" . DG A 3  ? 6.25575  7.55653 4.40568 0.51959  -1.13835 -1.97496 114 DG A "O5'" 
45  C "C5'" . DG A 3  ? 6.41689  7.43709 4.52305 0.35464  -1.26497 -1.87334 114 DG A "C5'" 
46  C "C4'" . DG A 3  ? 6.59296  7.53020 5.01132 0.45451  -1.48194 -1.89200 114 DG A "C4'" 
47  O "O4'" . DG A 3  ? 6.82054  7.42968 5.04401 0.47783  -1.36438 -1.77331 114 DG A "O4'" 
48  C "C3'" . DG A 3  ? 6.67624  7.42939 5.16946 0.31811  -1.67416 -1.82948 114 DG A "C3'" 
49  O "O3'" . DG A 3  ? 6.72700  7.60798 5.66030 0.45756  -1.92850 -1.92545 114 DG A "O3'" 
50  C "C2'" . DG A 3  ? 6.90048  7.16808 5.01200 0.18541  -1.53943 -1.62432 114 DG A "C2'" 
51  C "C1'" . DG A 3  ? 7.01342  7.26354 5.16298 0.35381  -1.45490 -1.63490 114 DG A "C1'" 
52  N N9    . DG A 3  ? 7.22696  7.08847 4.96441 0.27430  -1.24810 -1.46225 114 DG A N9    
53  C C8    . DG A 3  ? 7.18115  6.94047 4.50935 0.20225  -0.98957 -1.39426 114 DG A C8    
54  N N7    . DG A 3  ? 7.40111  6.79173 4.41529 0.14845  -0.85537 -1.24012 114 DG A N7    
55  C C5    . DG A 3  ? 7.60039  6.84627 4.83615 0.18541  -1.03285 -1.19793 114 DG A C5    
56  C C6    . DG A 3  ? 7.83981  6.71630 4.91306 0.15896  -0.99824 -1.04073 114 DG A C6    
57  O O6    . DG A 3  ? 7.95013  6.54298 4.62907 0.09847  -0.79931 -0.90843 114 DG A O6    
58  N N1    . DG A 3  ? 7.94061  6.79753 5.36247 0.21279  -1.22777 -1.04342 114 DG A N1    
59  C C2    . DG A 3  ? 7.81592  6.96446 5.68036 0.28448  -1.46541 -1.18624 114 DG A C2    
60  N N2    . DG A 3  ? 7.93259  7.00278 6.08876 0.32683  -1.66939 -1.16163 114 DG A N2    
61  N N3    . DG A 3  ? 7.58182  7.07846 5.59389 0.31469  -1.50247 -1.33993 114 DG A N3    
62  C C4    . DG A 3  ? 7.48706  7.01512 5.17019 0.26143  -1.27622 -1.33345 114 DG A C4    
63  P P     . DG A 4  ? 6.47748  7.10576 5.53269 0.36537  -2.14154 -1.84416 115 DG A P     
64  O OP1   . DG A 4  ? 6.33474  7.21772 5.90610 0.51630  -2.34488 -1.94849 115 DG A OP1   
65  O OP2   . DG A 4  ? 6.47169  6.94688 5.27094 0.14896  -2.11203 -1.75614 115 DG A OP2   
66  O "O5'" . DG A 4  ? 6.78585  7.00860 5.65032 0.35706  -2.04893 -1.67843 115 DG A "O5'" 
67  C "C5'" . DG A 4  ? 6.90387  6.89632 5.91972 0.33723  -2.22304 -1.59737 115 DG A "C5'" 
68  C "C4'" . DG A 4  ? 7.16803  6.73695 5.79485 0.13223  -2.12983 -1.39145 115 DG A "C4'" 
69  O "O4'" . DG A 4  ? 7.26461  6.64570 5.45072 0.07368  -1.84825 -1.28740 115 DG A "O4'" 
70  C "C3'" . DG A 4  ? 7.12873  6.69189 5.66399 -0.03629 -2.19480 -1.38196 115 DG A "C3'" 
71  O "O3'" . DG A 4  ? 7.28352  6.54758 5.80196 -0.13826 -2.31858 -1.25444 115 DG A "O3'" 
72  C "C2'" . DG A 4  ? 7.27308  6.70849 5.33524 -0.16574 -1.92986 -1.29886 115 DG A "C2'" 
73  C "C1'" . DG A 4  ? 7.42142  6.58170 5.25775 -0.12689 -1.76611 -1.17322 115 DG A "C1'" 
74  N N9    . DG A 4  ? 7.40594  6.46542 4.81900 -0.18854 -1.49237 -1.10994 115 DG A N9    
75  C C8    . DG A 4  ? 7.19540  6.47505 4.49252 -0.21723 -1.37119 -1.18952 115 DG A C8    
76  N N7    . DG A 4  ? 7.20663  6.30932 4.10038 -0.27691 -1.12895 -1.09760 115 DG A N7    
77  C C5    . DG A 4  ? 7.46287  6.20650 4.18599 -0.28745 -1.08722 -0.94974 115 DG A C5    
78  C C6    . DG A 4  ? 7.53951  5.96808 3.83248 -0.33911 -0.86496 -0.80576 115 DG A C6    
79  O O6    . DG A 4  ? 7.41124  5.80554 3.37812 -0.38976 -0.65644 -0.78097 115 DG A O6    
80  N N1    . DG A 4  ? 7.75981  5.89381 4.02033 -0.32654 -0.90355 -0.67953 115 DG A N1    
81  C C2    . DG A 4  ? 7.86677  6.00662 4.47429 -0.27490 -1.12779 -0.68661 115 DG A C2    
82  N N2    . DG A 4  ? 8.04813  5.88887 4.57364 -0.27100 -1.12835 -0.54367 115 DG A N2    
83  N N3    . DG A 4  ? 7.77369  6.19776 4.78510 -0.22706 -1.33951 -0.82290 115 DG A N3    
84  C C4    . DG A 4  ? 7.58132  6.29666 4.62240 -0.23559 -1.30637 -0.95096 115 DG A C4    
85  P P     . DA A 5  ? 6.77765  6.00312 5.68403 -0.03072 -2.55102 -1.25490 116 DA A P     
86  O OP1   . DA A 5  ? 6.58750  6.21125 5.94028 0.15554  -2.70382 -1.45812 116 DA A OP1   
87  O OP2   . DA A 5  ? 6.89058  5.91616 5.78288 -0.16496 -2.69193 -1.16634 116 DA A OP2   
88  O "O5'" . DA A 5  ? 6.98886  5.90199 5.69110 -0.00228 -2.40089 -1.09637 116 DA A "O5'" 
89  C "C5'" . DA A 5  ? 7.05786  5.95946 6.07499 0.13757  -2.52645 -1.09719 116 DA A "C5'" 
90  C "C4'" . DA A 5  ? 7.25769  5.74948 6.04019 0.07510  -2.44272 -0.87934 116 DA A "C4'" 
91  O "O4'" . DA A 5  ? 7.36693  5.66837 5.66542 -0.00099 -2.16122 -0.77536 116 DA A "O4'" 
92  C "C3'" . DA A 5  ? 7.32201  5.55675 6.04061 -0.06524 -2.55590 -0.74335 116 DA A "C3'" 
93  O "O3'" . DA A 5  ? 7.28353  5.27051 6.06444 -0.03926 -2.60325 -0.59791 116 DA A "O3'" 
94  C "C2'" . DA A 5  ? 7.48764  5.50961 5.69262 -0.23266 -2.34675 -0.63324 116 DA A "C2'" 
95  C "C1'" . DA A 5  ? 7.54312  5.52472 5.48905 -0.17917 -2.10064 -0.60754 116 DA A "C1'" 
96  N N9    . DA A 5  ? 7.53713  5.51987 5.10468 -0.28203 -1.90469 -0.61331 116 DA A N9    
97  C C8    . DA A 5  ? 7.32404  5.61833 4.96667 -0.27361 -1.89933 -0.77304 116 DA A C8    
98  N N7    . DA A 5  ? 7.33974  5.55650 4.59535 -0.38680 -1.70913 -0.73231 116 DA A N7    
99  C C5    . DA A 5  ? 7.57983  5.40248 4.46898 -0.47192 -1.58206 -0.53775 116 DA A C5    
100 C C6    . DA A 5  ? 7.67649  5.23916 4.06529 -0.60262 -1.37071 -0.41304 116 DA A C6    
101 N N6    . DA A 5  ? 7.52626  5.19494 3.71078 -0.67690 -1.24803 -0.46800 116 DA A N6    
102 N N1    . DA A 5  ? 7.88385  5.07716 3.99392 -0.65172 -1.29422 -0.22777 116 DA A N1    
103 C C2    . DA A 5  ? 7.96482  5.06460 4.29763 -0.57722 -1.41800 -0.16623 116 DA A C2    
104 N N3    . DA A 5  ? 7.88212  5.19815 4.69599 -0.45914 -1.62194 -0.26732 116 DA A N3    
105 C C4    . DA A 5  ? 7.70112  5.37693 4.77154 -0.40927 -1.69684 -0.45802 116 DA A C4    
106 P P     . DC A 6  ? 7.11092  4.83005 5.87898 -0.15564 -2.73982 -0.44455 117 DC A P     
107 O OP1   . DC A 6  ? 6.94441  4.54962 5.96449 -0.06740 -2.84536 -0.35734 117 DC A OP1   
108 O OP2   . DC A 6  ? 7.05222  4.95634 5.99863 -0.20603 -2.91441 -0.56363 117 DC A OP2   
109 O "O5'" . DC A 6  ? 7.37709  4.75304 5.57249 -0.31415 -2.51077 -0.25684 117 DC A "O5'" 
110 C "C5'" . DC A 6  ? 7.34544  4.50532 5.25159 -0.29836 -2.30507 -0.12446 117 DC A "C5'" 
111 C "C4'" . DC A 6  ? 7.54686  4.40221 4.91233 -0.45455 -2.11576 0.03340  117 DC A "C4'" 
112 O "O4'" . DC A 6  ? 7.70215  4.68924 4.83729 -0.50962 -1.97815 -0.06750 117 DC A "O4'" 
113 C "C3'" . DC A 6  ? 7.54872  4.19770 4.82381 -0.58369 -2.22488 0.14649  117 DC A "C3'" 
114 O "O3'" . DC A 6  ? 7.57759  3.86749 4.41583 -0.66731 -2.06479 0.35386  117 DC A "O3'" 
115 C "C2'" . DC A 6  ? 7.69647  4.50617 4.88855 -0.67293 -2.22882 0.02141  117 DC A "C2'" 
116 C "C1'" . DC A 6  ? 7.80626  4.65051 4.69861 -0.66562 -1.98537 -0.00868 117 DC A "C1'" 
117 N N1    . DC A 6  ? 7.78381  4.87758 4.64890 -0.70569 -1.94942 -0.16484 117 DC A N1    
118 C C2    . DC A 6  ? 7.83925  4.79901 4.25715 -0.82524 -1.75501 -0.11264 117 DC A C2    
119 O O2    . DC A 6  ? 7.96766  4.59866 4.00936 -0.89304 -1.62120 0.05746  117 DC A O2    
120 N N3    . DC A 6  ? 7.68001  4.87847 4.09247 -0.86182 -1.72229 -0.24857 117 DC A N3    
121 C C4    . DC A 6  ? 7.44611  5.00834 4.26538 -0.77850 -1.87060 -0.43001 117 DC A C4    
122 N N4    . DC A 6  ? 7.19454  4.99394 3.99247 -0.81685 -1.82726 -0.55169 117 DC A N4    
123 C C5    . DC A 6  ? 7.39851  5.10019 4.66641 -0.64963 -2.07263 -0.49261 117 DC A C5    
124 C C6    . DC A 6  ? 7.58154  5.03650 4.85828 -0.62139 -2.10573 -0.35529 117 DC A C6    
125 P P     . DA A 7  ? 8.18439  4.18198 4.98752 -0.72449 -2.16619 0.54951  118 DA A P     
126 O OP1   . DA A 7  ? 8.27063  4.15384 5.15697 -0.63005 -2.13784 0.66615  118 DA A OP1   
127 O OP2   . DA A 7  ? 8.15283  4.27397 5.26981 -0.75197 -2.40459 0.47230  118 DA A OP2   
128 O "O5'" . DA A 7  ? 8.35588  4.04999 4.58803 -0.86605 -1.98716 0.69404  118 DA A "O5'" 
129 C "C5'" . DA A 7  ? 8.46294  4.01403 4.29857 -0.87114 -1.74317 0.76536  118 DA A "C5'" 
130 C "C4'" . DA A 7  ? 8.55989  3.92900 3.91904 -1.01108 -1.61101 0.81869  118 DA A "C4'" 
131 O "O4'" . DA A 7  ? 8.39779  4.01375 3.78323 -1.04088 -1.58465 0.63762  118 DA A "O4'" 
132 C "C3'" . DA A 7  ? 8.65247  3.86213 3.94942 -1.11279 -1.71680 0.90282  118 DA A "C3'" 
133 O "O3'" . DA A 7  ? 8.62596  3.85582 3.76267 -1.16160 -1.47078 0.89400  118 DA A "O3'" 
134 C "C2'" . DA A 7  ? 8.49458  3.93336 3.97770 -1.16081 -1.85312 0.73272  118 DA A "C2'" 
135 C "C1'" . DA A 7  ? 8.40022  3.99185 3.73000 -1.15685 -1.67941 0.61869  118 DA A "C1'" 
136 N N9    . DA A 7  ? 8.17274  4.11696 3.80542 -1.14153 -1.77529 0.40917  118 DA A N9    
137 C C8    . DA A 7  ? 7.99622  4.22670 4.12374 -1.04023 -1.95739 0.27404  118 DA A C8    
138 N N7    . DA A 7  ? 7.81293  4.34053 4.11216 -1.04314 -2.00710 0.09585  118 DA A N7    
139 C C5    . DA A 7  ? 7.87407  4.30303 3.77178 -1.15995 -1.84351 0.11930  118 DA A C5    
140 C C6    . DA A 7  ? 7.75759  4.38856 3.60742 -1.22229 -1.80219 -0.00810 118 DA A C6    
141 N N6    . DA A 7  ? 7.54326  4.54022 3.76129 -1.16691 -1.92561 -0.19256 118 DA A N6    
142 N N1    . DA A 7  ? 7.87606  4.32171 3.28720 -1.34172 -1.63243 0.06374  118 DA A N1    
143 C C2    . DA A 7  ? 8.13124  4.21373 3.16796 -1.38804 -1.51514 0.24556  118 DA A C2    
144 N N3    . DA A 7  ? 8.21961  4.09176 3.24979 -1.33325 -1.53530 0.37920  118 DA A N3    
145 C C4    . DA A 7  ? 8.09712  4.16215 3.57893 -1.22103 -1.70215 0.30832  118 DA A C4    
146 P P     . DC A 8  ? 8.64607  3.87251 3.87661 -1.17137 -1.44544 0.95348  119 DC A P     
147 O OP1   . DC A 8  ? 8.24791  3.59667 3.52090 -1.08497 -1.20879 0.96875  119 DC A OP1   
148 O OP2   . DC A 8  ? 8.61536  3.80015 4.08347 -1.15892 -1.69129 1.00899  119 DC A OP2   
149 O "O5'" . DC A 8  ? 9.10891  4.26380 4.11390 -1.29410 -1.42655 0.91222  119 DC A "O5'" 
150 C "C5'" . DC A 8  ? 8.85123  4.04751 3.67625 -1.32048 -1.22515 0.84760  119 DC A "C5'" 
151 C "C4'" . DC A 8  ? 9.17394  4.29502 3.81277 -1.45171 -1.29248 0.79879  119 DC A "C4'" 
152 O "O4'" . DC A 8  ? 9.48777  4.63414 4.08259 -1.47782 -1.41768 0.76115  119 DC A "O4'" 
153 C "C3'" . DC A 8  ? 9.30101  4.31104 3.93881 -1.53050 -1.47132 0.83340  119 DC A "C3'" 
154 O "O3'" . DC A 8  ? 9.13082  4.12482 3.72351 -1.53618 -1.35490 0.84063  119 DC A "O3'" 
155 C "C2'" . DC A 8  ? 9.77125  4.75765 4.27104 -1.64406 -1.60032 0.78079  119 DC A "C2'" 
156 C "C1'" . DC A 8  ? 9.77954  4.90464 4.26181 -1.59489 -1.54081 0.72191  119 DC A "C1'" 
157 N N1    . DC A 8  ? 8.46209  3.80550 3.18557 -1.56587 -1.76345 0.61161  119 DC A N1    
158 C C2    . DC A 8  ? 8.31501  3.91056 3.13064 -1.61607 -1.78146 0.44712  119 DC A C2    
159 O O2    . DC A 8  ? 8.47511  3.97686 2.95618 -1.71914 -1.65966 0.45859  119 DC A O2    
160 N N3    . DC A 8  ? 8.01197  3.94952 3.28306 -1.54845 -1.93579 0.28192  119 DC A N3    
161 C C4    . DC A 8  ? 7.86412  3.88324 3.49030 -1.43716 -2.07275 0.27488  119 DC A C4    
162 N N4    . DC A 8  ? 7.65038  4.00839 3.71614 -1.36685 -2.23074 0.10421  119 DC A N4    
163 C C5    . DC A 8  ? 8.01950  3.77957 3.56906 -1.39112 -2.05749 0.44476  119 DC A C5    
164 C C6    . DC A 8  ? 8.31051  3.74471 3.40577 -1.45707 -1.89901 0.60974  119 DC A C6    
165 P P     . DT A 9  ? 10.09050 5.10142 4.52596 -1.57567 -1.16689 0.77803  120 DT A P     
166 O OP1   . DT A 9  ? 10.14648 5.28259 4.61789 -1.49336 -0.97827 0.74505  120 DT A OP1   
167 O OP2   . DT A 9  ? 9.80925  4.77693 4.23485 -1.57219 -1.15128 0.80380  120 DT A OP2   
168 O "O5'" . DT A 9  ? 10.37057 5.31111 4.64869 -1.71815 -1.26336 0.73082  120 DT A "O5'" 
169 C "C5'" . DT A 9  ? 10.50236 5.33559 4.67436 -1.81822 -1.33094 0.72618  120 DT A "C5'" 
170 C "C4'" . DT A 9  ? 10.46303 5.30911 4.50428 -1.93207 -1.32032 0.66928  120 DT A "C4'" 
171 O "O4'" . DT A 9  ? 10.66762 5.61918 4.74854 -1.94381 -1.43775 0.64755  120 DT A "O4'" 
172 C "C3'" . DT A 9  ? 10.65127 5.38189 4.58852 -2.05294 -1.42899 0.66833  120 DT A "C3'" 
173 O "O3'" . DT A 9  ? 10.47612 5.24766 4.31063 -2.12993 -1.31970 0.61688  120 DT A "O3'" 
174 C "C2'" . DT A 9  ? 11.06373 5.83035 5.07042 -2.08823 -1.66360 0.67587  120 DT A "C2'" 
175 C "C1'" . DT A 9  ? 10.96364 5.94250 5.02659 -2.04136 -1.60610 0.61332  120 DT A "C1'" 
176 N N1    . DT A 9  ? 8.75000  3.92989 3.03258 -1.99540 -1.82565 0.53706  120 DT A N1    
177 C C2    . DT A 9  ? 8.64968  4.13340 3.14387 -2.02303 -1.90602 0.37697  120 DT A C2    
178 O O2    . DT A 9  ? 8.69648  4.24245 3.10670 -2.09832 -1.81416 0.33851  120 DT A O2    
179 N N3    . DT A 9  ? 8.46084  4.20686 3.34856 -1.94448 -2.08632 0.25715  120 DT A N3    
180 C C4    . DT A 9  ? 8.38117  4.09385 3.44698 -1.85246 -2.20877 0.28779  120 DT A C4    
181 O O4    . DT A 9  ? 8.18554  4.16883 3.67639 -1.77072 -2.35865 0.16915  120 DT A O4    
182 C C5    . DT A 9  ? 8.51098  3.88823 3.30513 -1.83276 -2.11710 0.48084  120 DT A C5    
183 C C7    . DT A 9  ? 8.40563  3.75851 3.44777 -1.71573 -2.20138 0.54884  120 DT A C7    
184 C C6    . DT A 9  ? 8.69558  3.82100 3.09104 -1.90697 -1.93575 0.59265  120 DT A C6    
185 P P     . DC A 10 ? 9.51959  4.24709 3.26188 -2.26907 -1.42751 0.60294  121 DC A P     
186 O OP1   . DC A 10 ? 9.32295  4.07112 2.97529 -2.32053 -1.26584 0.56290  121 DC A OP1   
187 O OP2   . DC A 10 ? 9.60519  4.15751 3.33221 -2.28973 -1.57068 0.65078  121 DC A OP2   
188 O "O5'" . DC A 10 ? 9.66805  4.64730 3.53741 -2.27465 -1.56296 0.54194  121 DC A "O5'" 
189 C "C5'" . DC A 10 ? 9.50786  4.70294 3.41528 -2.34088 -1.55240 0.44889  121 DC A "C5'" 
190 C "C4'" . DC A 10 ? 9.75015  5.07615 3.84222 -2.37273 -1.75276 0.38391  121 DC A "C4'" 
191 O "O4'" . DC A 10 ? 9.87169  5.44689 4.29992 -2.28025 -1.91054 0.29014  121 DC A "O4'" 
192 C "C3'" . DC A 10 ? 9.97133  5.00993 3.95024 -2.41115 -1.84272 0.48497  121 DC A "C3'" 
193 O "O3'" . DC A 10 ? 9.80521  4.93819 3.84744 -2.47858 -1.90822 0.43076  121 DC A "O3'" 
194 C "C2'" . DC A 10 ? 10.28201 5.35494 4.47513 -2.32452 -2.02096 0.48752  121 DC A "C2'" 
195 C "C1'" . DC A 10 ? 10.15063 5.64779 4.70835 -2.26834 -2.08479 0.31849  121 DC A "C1'" 
196 N N1    . DC A 10 ? 8.77464  4.38936 3.61856 -2.16039 -2.22062 0.28377  121 DC A N1    
197 C C2    . DC A 10 ? 8.55093  4.55618 3.84431 -2.09084 -2.33937 0.12215  121 DC A C2    
198 O O2    . DC A 10 ? 8.49737  4.74508 3.92072 -2.12249 -2.32607 0.01279  121 DC A O2    
199 N N3    . DC A 10 ? 8.39750  4.51014 3.98482 -1.98474 -2.46374 0.09030  121 DC A N3    
200 C C4    . DC A 10 ? 8.46823  4.30916 3.90432 -1.95753 -2.48124 0.21656  121 DC A C4    
201 N N4    . DC A 10 ? 8.31099  4.27040 4.07181 -1.85244 -2.61351 0.18260  121 DC A N4    
202 C C5    . DC A 10 ? 8.70166  4.14544 3.66069 -2.02871 -2.36024 0.38519  121 DC A C5    
203 C C6    . DC A 10 ? 8.84169  4.19061 3.53048 -2.12308 -2.22744 0.40988  121 DC A C6    
204 P P     . DA A 11 ? 10.16507 5.06784 3.92505 -2.58757 -1.79567 0.49486  122 DA A P     
205 O OP1   . DA A 11 ? 10.17945 4.99149 3.77344 -2.59743 -1.59013 0.52204  122 DA A OP1   
206 O OP2   . DA A 11 ? 10.37763 4.99608 4.03057 -2.60480 -1.88523 0.58492  122 DA A OP2   
207 O "O5'" . DA A 11 ? 10.05448 5.26632 3.99066 -2.63905 -1.83748 0.36986  122 DA A "O5'" 
208 C "C5'" . DA A 11 ? 9.71798  5.33061 4.02318 -2.57721 -1.92846 0.22196  122 DA A "C5'" 
209 C "C4'" . DA A 11 ? 9.74144  5.51217 4.31587 -2.56699 -2.09295 0.14693  122 DA A "C4'" 
210 O "O4'" . DA A 11 ? 9.52393  5.46719 4.42624 -2.45724 -2.23130 0.08746  122 DA A "O4'" 
211 C "C3'" . DA A 11 ? 10.00122 5.45862 4.37629 -2.61405 -2.14202 0.25499  122 DA A "C3'" 
212 O "O3'" . DA A 11 ? 9.95988  5.59710 4.52900 -2.63753 -2.22992 0.16699  122 DA A "O3'" 
213 C "C2'" . DA A 11 ? 10.01785 5.34241 4.45724 -2.53116 -2.25233 0.31944  122 DA A "C2'" 
214 C "C1'" . DA A 11 ? 9.72236  5.44109 4.59446 -2.43889 -2.34206 0.17452  122 DA A "C1'" 
215 N N9    . DA A 11 ? 9.64353  5.30547 4.60084 -2.35161 -2.40440 0.21659  122 DA A N9    
216 C C8    . DA A 11 ? 9.83751  5.15523 4.50697 -2.35157 -2.36478 0.36551  122 DA A C8    
217 N N7    . DA A 11 ? 9.68446  5.03649 4.52923 -2.26438 -2.45001 0.37163  122 DA A N7    
218 C C5    . DA A 11 ? 9.36023  5.10821 4.64813 -2.19811 -2.54825 0.21201  122 DA A C5    
219 C C6    . DA A 11 ? 9.07467  5.05035 4.74809 -2.08697 -2.66670 0.13506  122 DA A C6    
220 N N6    . DA A 11 ? 9.07525  4.89839 4.74600 -2.02921 -2.71762 0.21805  122 DA A N6    
221 N N1    . DA A 11 ? 8.79470  5.16422 4.86395 -2.03382 -2.73097 -0.03117 122 DA A N1    
222 C C2    . DA A 11 ? 8.80512  5.32659 4.87549 -2.09430 -2.68458 -0.11137 122 DA A C2    
223 N N3    . DA A 11 ? 9.06168  5.39507 4.80000 -2.20451 -2.58362 -0.04853 122 DA A N3    
224 C C4    . DA A 11 ? 9.33140  5.27601 4.68769 -2.24950 -2.51764 0.11410  122 DA A C4    
225 P P     . DC B 1  ? 7.17744  9.08675 4.89455 -1.67398 1.23591  1.37462  131 DC B P     
226 O OP1   . DC B 1  ? 7.04490  9.16643 4.82091 -1.57858 1.21582  1.37552  131 DC B OP1   
227 O OP2   . DC B 1  ? 7.35844  9.29208 5.03819 -1.90407 1.10081  1.40875  131 DC B OP2   
228 O "O5'" . DC B 1  ? 6.78104  8.61530 4.59256 -1.48642 1.26305  1.37818  131 DC B "O5'" 
229 C "C5'" . DC B 1  ? 6.34294  8.37008 4.29485 -1.31803 1.18967  1.39561  131 DC B "C5'" 
230 C "C4'" . DC B 1  ? 6.00889  8.06746 4.05213 -1.31773 1.07507  1.44264  131 DC B "C4'" 
231 O "O4'" . DC B 1  ? 5.87141  7.75112 3.92580 -1.17501 1.17613  1.40479  131 DC B "O4'" 
232 C "C3'" . DC B 1  ? 6.20004  8.18532 4.18297 -1.54734 0.99127  1.48364  131 DC B "C3'" 
233 O "O3'" . DC B 1  ? 5.88208  8.04324 3.97404 -1.58284 0.81352  1.55640  131 DC B "O3'" 
234 C "C2'" . DC B 1  ? 6.32143  8.04190 4.24861 -1.53306 1.09894  1.45171  131 DC B "C2'" 
235 C "C1'" . DC B 1  ? 5.95467  7.67247 3.97225 -1.28721 1.16295  1.42652  131 DC B "C1'" 
236 N N1    . DC B 1  ? 6.07849  7.54314 4.03067 -1.20175 1.33515  1.37134  131 DC B N1    
237 C C2    . DC B 1  ? 5.79242  7.18640 3.80688 -1.04294 1.37266  1.34694  131 DC B C2    
238 O O2    . DC B 1  ? 5.43570  6.99644 3.56779 -0.97543 1.25276  1.37148  131 DC B O2    
239 N N3    . DC B 1  ? 5.92463  7.08648 3.87729 -0.96725 1.53167  1.29966  131 DC B N3    
240 C C4    . DC B 1  ? 6.25876  7.29957 4.11788 -1.02708 1.63983  1.29304  131 DC B C4    
241 N N4    . DC B 1  ? 6.25145  7.11617 4.08490 -0.92790 1.78102  1.27007  131 DC B N4    
242 C C5    . DC B 1  ? 6.56965  7.69497 4.36771 -1.19696 1.59235  1.31123  131 DC B C5    
243 C C6    . DC B 1  ? 6.47833  7.79887 4.31602 -1.28142 1.44678  1.34456  131 DC B C6    
244 P P     . DA B 2  ? 5.92434  8.07774 3.96786 -1.83942 0.67566  1.60988  132 DA B P     
245 O OP1   . DA B 2  ? 5.65640  8.07359 3.81788 -1.85869 0.49623  1.68873  132 DA B OP1   
246 O OP2   . DA B 2  ? 6.40985  8.43747 4.29226 -2.00592 0.75089  1.55956  132 DA B OP2   
247 O "O5'" . DA B 2  ? 5.81328  7.78176 3.86561 -1.84596 0.67203  1.62094  132 DA B "O5'" 
248 C "C5'" . DA B 2  ? 5.43863  7.50024 3.62520 -1.77920 0.54729  1.68800  132 DA B "C5'" 
249 C "C4'" . DA B 2  ? 5.16044  7.14748 3.41210 -1.55712 0.64364  1.65511  132 DA B "C4'" 
250 O "O4'" . DA B 2  ? 5.38723  7.17227 3.53309 -1.51007 0.83594  1.57102  132 DA B "O4'" 
251 C "C3'" . DA B 2  ? 4.97274  6.85992 3.27815 -1.56503 0.57847  1.69473  132 DA B "C3'" 
252 O "O3'" . DA B 2  ? 4.59598  6.66516 3.05341 -1.43144 0.45726  1.75348  132 DA B "O3'" 
253 C "C2'" . DA B 2  ? 5.01752  6.67649 3.26477 -1.46432 0.75914  1.61753  132 DA B "C2'" 
254 C "C1'" . DA B 2  ? 5.21339  6.86693 3.39503 -1.37731 0.90627  1.54701  132 DA B "C1'" 
255 N N9    . DA B 2  ? 5.50417  6.92199 3.57188 -1.38483 1.07889  1.48132  132 DA B N9    
256 C C8    . DA B 2  ? 5.89192  7.23378 3.84099 -1.51452 1.14242  1.45344  132 DA B C8    
257 N N7    . DA B 2  ? 6.09148  7.24512 3.97423 -1.47489 1.29028  1.40378  132 DA B N7    
258 C C5    . DA B 2  ? 5.81716  6.90714 3.77420 -1.30649 1.33639  1.39609  132 DA B C5    
259 C C6    . DA B 2  ? 5.84980  6.76639 3.79596 -1.18731 1.47765  1.35768  132 DA B C6    
260 N N6    . DA B 2  ? 6.16356  6.96750 4.03542 -1.21935 1.58740  1.33132  132 DA B N6    
261 N N1    . DA B 2  ? 5.55940  6.44346 3.57751 -1.04241 1.48720  1.34613  132 DA B N1    
262 C C2    . DA B 2  ? 5.24889  6.29180 3.35567 -1.02152 1.34874  1.37422  132 DA B C2    
263 N N3    . DA B 2  ? 5.16339  6.40711 3.31282 -1.11009 1.19936  1.42941  132 DA B N3    
264 C C4    . DA B 2  ? 5.46321  6.70922 3.52749 -1.25330 1.20749  1.43571  132 DA B C4    
265 P P     . DC B 3  ? 5.19123  7.28643 3.73383 -1.53020 0.26050  1.85772  133 DC B P     
266 O OP1   . DC B 3  ? 4.85612  7.19373 3.55079 -1.37680 0.12761  1.92279  133 DC B OP1   
267 O OP2   . DC B 3  ? 5.50689  7.56137 3.96739 -1.78668 0.18097  1.88937  133 DC B OP2   
268 O "O5'" . DC B 3  ? 5.14764  7.02073 3.68173 -1.49167 0.32667  1.83399  133 DC B "O5'" 
269 C "C5'" . DC B 3  ? 4.95065  6.78942 3.51130 -1.27610 0.45241  1.76938  133 DC B "C5'" 
270 C "C4'" . DC B 3  ? 5.08147  6.66955 3.58478 -1.29912 0.55701  1.72694  133 DC B "C4'" 
271 O "O4'" . DC B 3  ? 5.37308  6.80476 3.74248 -1.34060 0.73372  1.64361  133 DC B "O4'" 
272 C "C3'" . DC B 3  ? 5.19642  6.67725 3.69846 -1.49015 0.43799  1.79151  133 DC B "C3'" 
273 O "O3'" . DC B 3  ? 5.10479  6.45629 3.64465 -1.41327 0.47268  1.78056  133 DC B "O3'" 
274 C "C2'" . DC B 3  ? 5.56939  6.91660 3.92230 -1.66890 0.51954  1.74218  133 DC B "C2'" 
275 C "C1'" . DC B 3  ? 5.60279  6.85874 3.90223 -1.51057 0.73223  1.64765  133 DC B "C1'" 
276 N N1    . DC B 3  ? 5.96269  7.11502 4.12280 -1.61004 0.84820  1.58771  133 DC B N1    
277 C C2    . DC B 3  ? 6.07824  7.06206 4.18191 -1.52566 1.02465  1.51744  133 DC B C2    
278 O O2    . DC B 3  ? 5.88053  6.80179 4.04355 -1.37471 1.08642  1.50092  133 DC B O2    
279 N N3    . DC B 3  ? 6.42183  7.32214 4.40881 -1.61221 1.11524  1.47049  133 DC B N3    
280 C C4    . DC B 3  ? 6.66343  7.63080 4.57505 -1.78321 1.04187  1.47971  133 DC B C4    
281 N N4    . DC B 3  ? 7.03302  7.90899 4.82022 -1.87172 1.12916  1.42449  133 DC B N4    
282 C C5    . DC B 3  ? 6.55452  7.69118 4.51587 -1.87240 0.86904  1.54696  133 DC B C5    
283 C C6    . DC B 3  ? 6.19568  7.42235 4.28726 -1.77986 0.77484  1.60408  133 DC B C6    
284 P P     . DA B 4  ? 5.02640  6.35361 3.66555 -1.48210 0.28805  1.87584  134 DA B P     
285 O OP1   . DA B 4  ? 4.81687  6.46601 3.62532 -1.35767 0.16214  1.98276  134 DA B OP1   
286 O OP2   . DA B 4  ? 5.12288  6.51445 3.75690 -1.68604 0.12204  1.94978  134 DA B OP2   
287 O "O5'" . DA B 4  ? 5.17430  6.26714 3.75364 -1.55155 0.38284  1.82770  134 DA B "O5'" 
288 C "C5'" . DA B 4  ? 5.44794  6.41869 3.88607 -1.66784 0.50437  1.75754  134 DA B "C5'" 
289 C "C4'" . DA B 4  ? 5.53874  6.31839 3.94379 -1.66117 0.60911  1.70639  134 DA B "C4'" 
290 O "O4'" . DA B 4  ? 5.74688  6.43769 4.03474 -1.65230 0.78570  1.62068  134 DA B "O4'" 
291 C "C3'" . DA B 4  ? 5.61461  6.29134 3.98905 -1.86596 0.48908  1.73918  134 DA B "C3'" 
292 O "O3'" . DA B 4  ? 5.55476  6.09361 3.95459 -1.81453 0.55494  1.71040  134 DA B "O3'" 
293 C "C2'" . DA B 4  ? 5.93116  6.55808 4.13985 -2.02780 0.53448  1.68740  134 DA B "C2'" 
294 C "C1'" . DA B 4  ? 6.03229  6.62849 4.20371 -1.86895 0.74725  1.60628  134 DA B "C1'" 
295 N N9    . DA B 4  ? 6.27290  6.90237 4.33221 -1.94226 0.79453  1.56981  134 DA B N9    
296 C C8    . DA B 4  ? 6.30362  7.07138 4.35174 -2.01658 0.70034  1.60686  134 DA B C8    
297 N N7    . DA B 4  ? 6.57550  7.33420 4.50924 -2.07850 0.77439  1.55644  134 DA B N7    
298 C C5    . DA B 4  ? 6.72998  7.33282 4.59812 -2.04142 0.92068  1.48470  134 DA B C5    
299 C C6    . DA B 4  ? 7.05279  7.56712 4.79783 -2.07701 1.04336  1.41033  134 DA B C6    
300 N N6    . DA B 4  ? 7.30020  7.86414 4.95713 -2.16410 1.04535  1.39156  134 DA B N6    
301 N N1    . DA B 4  ? 7.13006  7.50615 4.84776 -2.02354 1.15729  1.35617  134 DA B N1    
302 C C2    . DA B 4  ? 6.88305  7.21716 4.69031 -1.93895 1.15555  1.37398  134 DA B C2    
303 N N3    . DA B 4  ? 6.59433  6.99104 4.51559 -1.90039 1.05416  1.43836  134 DA B N3    
304 C C4    . DA B 4  ? 6.53748  7.06691 4.48366 -1.95596 0.93539  1.49261  134 DA B C4    
305 P P     . DC B 5  ? 5.27198  5.78156 3.80117 -1.81867 0.40951  1.78148  135 DC B P     
306 O OP1   . DC B 5  ? 5.22402  5.62493 3.78281 -1.68860 0.54593  1.72783  135 DC B OP1   
307 O OP2   . DC B 5  ? 5.08724  5.74637 3.73823 -1.75789 0.26193  1.86755  135 DC B OP2   
308 O "O5'" . DC B 5  ? 5.42209  5.84977 3.87493 -2.06974 0.26492  1.81053  135 DC B "O5'" 
309 C "C5'" . DC B 5  ? 5.53122  6.04645 3.95194 -2.22292 0.10341  1.87089  135 DC B "C5'" 
310 C "C4'" . DC B 5  ? 5.54085  6.04889 4.06184 -2.31157 -0.11713 1.96780  135 DC B "C4'" 
311 O "O4'" . DC B 5  ? 5.50113  6.16031 4.08605 -2.34506 -0.27250 2.05123  135 DC B "O4'" 
312 C "C3'" . DC B 5  ? 5.35718  5.81691 4.04330 -2.17352 -0.13979 1.99824  135 DC B "C3'" 
313 O "O3'" . DC B 5  ? 5.48873  5.82100 4.17564 -2.29772 -0.24657 2.02036  135 DC B "O3'" 
314 C "C2'" . DC B 5  ? 5.24825  5.92378 4.08449 -2.15693 -0.34756 2.13572  135 DC B "C2'" 
315 C "C1'" . DC B 5  ? 5.32036  6.08420 4.08992 -2.24343 -0.39929 2.14654  135 DC B "C1'" 
316 N N1    . DC B 5  ? 5.18747  6.17484 3.99445 -2.13900 -0.37487 2.17324  135 DC B N1    
317 C C2    . DC B 5  ? 5.13168  6.39300 4.10496 -2.17290 -0.63000 2.34459  135 DC B C2    
318 O O2    . DC B 5  ? 5.20469  6.48385 4.30112 -2.29138 -0.88065 2.47376  135 DC B O2    
319 N N3    . DC B 5  ? 4.99814  6.49326 4.01111 -2.05598 -0.59831 2.36442  135 DC B N3    
320 C C4    . DC B 5  ? 4.93908  6.37188 3.81913 -1.92502 -0.33244 2.21552  135 DC B C4    
321 N N4    . DC B 5  ? 4.87824  6.55175 3.79807 -1.80542 -0.31240 2.23129  135 DC B N4    
322 C C5    . DC B 5  ? 5.02743  6.14079 3.75021 -1.88952 -0.08017 2.04640  135 DC B C5    
323 C C6    . DC B 5  ? 5.11897  6.03887 3.82058 -1.99315 -0.11038 2.03608  135 DC B C6    
324 P P     . DC B 6  ? 6.11030  6.31117 4.87271 -2.20516 -0.17479 1.98680  136 DC B P     
325 O OP1   . DC B 6  ? 6.29248  6.36338 4.93178 -2.37195 -0.19628 1.95707  136 DC B OP1   
326 O OP2   . DC B 6  ? 6.06588  6.28699 4.83888 -2.00593 0.04104  1.91564  136 DC B OP2   
327 O "O5'" . DC B 6  ? 6.03234  6.33179 4.98535 -2.25139 -0.46398 2.14725  136 DC B "O5'" 
328 C "C5'" . DC B 6  ? 6.07765  6.38233 5.06494 -2.41866 -0.71922 2.24721  136 DC B "C5'" 
329 C "C4'" . DC B 6  ? 6.07681  6.54280 5.30402 -2.43622 -1.03045 2.43979  136 DC B "C4'" 
330 O "O4'" . DC B 6  ? 6.00626  6.70190 5.28718 -2.37190 -1.05519 2.50274  136 DC B "O4'" 
331 C "C3'" . DC B 6  ? 6.07999  6.53875 5.49609 -2.33156 -1.08410 2.49672  136 DC B "C3'" 
332 O "O3'" . DC B 6  ? 6.14121  6.56401 5.77461 -2.40739 -1.41194 2.64029  136 DC B "O3'" 
333 C "C2'" . DC B 6  ? 5.98824  6.68298 5.50776 -2.16413 -1.05054 2.55886  136 DC B "C2'" 
334 C "C1'" . DC B 6  ? 5.95791  6.80121 5.47541 -2.23958 -1.18363 2.62897  136 DC B "C1'" 
335 N N1    . DC B 6  ? 5.86760  6.94792 5.37840 -2.09095 -1.07655 2.63264  136 DC B N1    
336 C C2    . DC B 6  ? 5.80818  7.12142 5.51581 -2.01263 -1.31494 2.78538  136 DC B C2    
337 O O2    . DC B 6  ? 5.84468  7.12361 5.74417 -2.06257 -1.61331 2.90050  136 DC B O2    
338 N N3    . DC B 6  ? 5.72182  7.27677 5.40805 -1.84218 -1.21133 2.76795  136 DC B N3    
339 C C4    . DC B 6  ? 5.70785  7.25387 5.19869 -1.78140 -0.88696 2.61906  136 DC B C4    
340 N N4    . DC B 6  ? 5.62936  7.42014 5.11024 -1.61196 -0.79599 2.59871  136 DC B N4    
341 C C5    . DC B 6  ? 5.78724  7.04884 5.09205 -1.85017 -0.64821 2.45543  136 DC B C5    
342 C C6    . DC B 6  ? 5.85887  6.91154 5.17911 -1.99321 -0.75160 2.46889  136 DC B C6    
343 P P     . DG B 7  ? 6.18669  6.59645 6.12303 -2.28422 -1.58525 2.74749  137 DG B P     
344 O OP1   . DG B 7  ? 6.27694  6.49330 6.29635 -2.40008 -1.78013 2.76792  137 DG B OP1   
345 O OP2   . DG B 7  ? 6.12656  6.56381 6.01077 -2.12729 -1.32131 2.66544  137 DG B OP2   
346 O "O5'" . DG B 7  ? 6.16212  6.76954 6.36151 -2.15183 -1.86484 2.91707  137 DG B "O5'" 
347 C "C5'" . DG B 7  ? 6.21439  6.82574 6.52781 -2.26360 -2.13704 3.00189  137 DG B "C5'" 
348 C "C4'" . DG B 7  ? 6.19037  6.98831 6.79959 -1.96551 -2.36381 3.00653  137 DG B "C4'" 
349 O "O4'" . DG B 7  ? 6.07487  7.13512 6.59354 -1.80030 -2.19955 2.95811  137 DG B "O4'" 
350 C "C3'" . DG B 7  ? 6.19454  7.01565 7.14184 -1.61817 -2.49745 2.86391  137 DG B "C3'" 
351 O "O3'" . DG B 7  ? 6.25766  7.12911 7.46623 -1.40342 -2.66686 2.73546  137 DG B "O3'" 
352 C "C2'" . DG B 7  ? 6.05016  7.11037 6.96783 -1.35673 -2.29910 2.77207  137 DG B "C2'" 
353 C "C1'" . DG B 7  ? 5.99076  7.22765 6.71550 -1.41361 -2.18288 2.81388  137 DG B "C1'" 
354 N N9    . DG B 7  ? 5.91349  7.26857 6.36791 -1.41133 -1.88959 2.83920  137 DG B N9    
355 C C8    . DG B 7  ? 5.95338  7.11359 6.10282 -1.63674 -1.58494 2.86666  137 DG B C8    
356 N N7    . DG B 7  ? 5.89089  7.18504 5.85327 -1.57159 -1.28972 2.80358  137 DG B N7    
357 C C5    . DG B 7  ? 5.80546  7.40804 5.94532 -1.30010 -1.41655 2.75809  137 DG B C5    
358 C C6    . DG B 7  ? 5.71911  7.57729 5.77596 -1.12444 -1.22276 2.68979  137 DG B C6    
359 O O6    . DG B 7  ? 5.71251  7.56470 5.50824 -1.17606 -0.89066 2.66551  137 DG B O6    
360 N N1    . DG B 7  ? 5.64228  7.78478 5.95580 -0.86253 -1.45388 2.64737  137 DG B N1    
361 C C2    . DG B 7  ? 5.67972  7.77745 6.29627 -0.77158 -1.74171 2.56914  137 DG B C2    
362 N N2    . DG B 7  ? 5.65724  7.92672 6.44926 -0.50572 -1.81044 2.40511  137 DG B N2    
363 N N3    . DG B 7  ? 5.77012  7.61911 6.46600 -0.93050 -1.90919 2.62346  137 DG B N3    
364 C C4    . DG B 7  ? 5.81577  7.45949 6.26297 -1.19767 -1.77875 2.76492  137 DG B C4    
365 P P     . DT B 8  ? 5.80735  6.70877 7.35550 -1.00206 -2.75559 2.48552  138 DT B P     
366 O OP1   . DT B 8  ? 5.94315  6.76137 7.62260 -0.95296 -2.92458 2.43285  138 DT B OP1   
367 O OP2   . DT B 8  ? 5.82300  6.59377 7.43571 -1.02690 -2.75251 2.48578  138 DT B OP2   
368 O "O5'" . DT B 8  ? 5.67808  6.89343 7.26239 -0.64607 -2.60148 2.30133  138 DT B "O5'" 
369 C "C5'" . DT B 8  ? 5.58276  6.90119 7.32552 -0.33716 -2.52697 2.10634  138 DT B "C5'" 
370 C "C4'" . DT B 8  ? 5.50432  7.10931 7.25001 -0.01520 -2.39485 1.92395  138 DT B "C4'" 
371 O "O4'" . DT B 8  ? 5.38163  7.11273 6.90962 -0.16247 -2.23760 2.07979  138 DT B "O4'" 
372 C "C3'" . DT B 8  ? 5.45768  7.19006 7.34816 0.34285  -2.30086 1.67459  138 DT B "C3'" 
373 O "O3'" . DT B 8  ? 5.51648  7.42741 7.44974 0.66159  -2.29227 1.43593  138 DT B "O3'" 
374 C "C2'" . DT B 8  ? 5.32025  7.19091 7.09575 0.33387  -2.10465 1.74643  138 DT B "C2'" 
375 C "C1'" . DT B 8  ? 5.27269  7.21194 6.83916 0.12366  -2.07147 1.92703  138 DT B "C1'" 
376 N N1    . DT B 8  ? 5.15485  7.18268 6.48922 -0.07347 -1.87710 2.13839  138 DT B N1    
377 C C2    . DT B 8  ? 5.08888  7.35183 6.28682 0.01147  -1.70579 2.13520  138 DT B C2    
378 O O2    . DT B 8  ? 5.11837  7.49751 6.39331 0.23103  -1.72803 1.96289  138 DT B O2    
379 N N3    . DT B 8  ? 5.05371  7.30925 5.93794 -0.18326 -1.43551 2.27096  138 DT B N3    
380 C C4    . DT B 8  ? 5.11910  7.07137 5.78286 -0.45191 -1.26190 2.32091  138 DT B C4    
381 O O4    . DT B 8  ? 5.14186  7.00952 5.47866 -0.61705 -0.94166 2.34904  138 DT B O4    
382 C C5    . DT B 8  ? 5.16789  6.90657 6.00910 -0.52911 -1.48367 2.33845  138 DT B C5    
383 C C7    . DT B 8  ? 5.23873  6.65348 5.86563 -0.81846 -1.32533 2.39118  138 DT B C7    
384 C C6    . DT B 8  ? 5.15448  6.99319 6.35178 -0.33617 -1.82988 2.30517  138 DT B C6    
385 P P     . DC C 1  ? 6.23702  5.99250 3.81613 2.00649  0.17590  -1.06560 201 DC D P     
386 O OP1   . DC C 1  ? 6.43747  5.95230 3.94097 1.99793  0.30041  -1.05048 201 DC D OP1   
387 O OP2   . DC C 1  ? 6.21607  5.96900 3.83681 1.79373  0.00627  -1.09186 201 DC D OP2   
388 O "O5'" . DC C 1  ? 6.17827  6.00574 3.70774 2.03257  0.33477  -0.98883 201 DC D "O5'" 
389 C "C5'" . DC C 1  ? 6.33937  5.99737 3.70641 2.11079  0.57512  -0.95078 201 DC D "C5'" 
390 C "C4'" . DC C 1  ? 6.24148  6.07704 3.62786 2.22853  0.68927  -0.86887 201 DC D "C4'" 
391 O "O4'" . DC C 1  ? 6.02931  6.22105 3.69733 2.33898  0.55375  -0.81655 201 DC D "O4'" 
392 C "C3'" . DC C 1  ? 6.14146  6.00196 3.48804 2.07666  0.68802  -0.84905 201 DC D "C3'" 
393 O "O3'" . DC C 1  ? 6.18655  6.02511 3.41962 2.16771  0.89802  -0.78232 201 DC D "O3'" 
394 C "C2'" . DC C 1  ? 5.88238  6.07793 3.55141 2.03029  0.45991  -0.80324 201 DC D "C2'" 
395 C "C1'" . DC C 1  ? 5.83388  6.22797 3.63614 2.24676  0.48982  -0.75642 201 DC D "C1'" 
396 N N1    . DC C 1  ? 5.59637  6.33165 3.72222 2.23889  0.27994  -0.73434 201 DC D N1    
397 C C2    . DC C 1  ? 5.43278  6.48386 3.72900 2.36013  0.29804  -0.65840 201 DC D C2    
398 O O2    . DC C 1  ? 5.48911  6.52671 3.66254 2.48708  0.48571  -0.59919 201 DC D O2    
399 N N3    . DC C 1  ? 5.23497  6.60365 3.82146 2.33204  0.11858  -0.65344 201 DC D N3    
400 C C4    . DC C 1  ? 5.19938  6.55435 3.90443 2.19540  -0.06521 -0.71195 201 DC D C4    
401 N N4    . DC C 1  ? 5.02375  6.68458 4.01092 2.16246  -0.21872 -0.71023 201 DC D N4    
402 C C5    . DC C 1  ? 5.35652  6.39034 3.89064 2.08235  -0.09021 -0.77578 201 DC D C5    
403 C C6    . DC C 1  ? 5.54661  6.29190 3.79572 2.10497  0.08128  -0.78846 201 DC D C6    
404 P P     . DT C 2  ? 6.44748  6.37327 3.70006 2.04330  0.90560  -0.72528 202 DT D P     
405 O OP1   . DT C 2  ? 6.59538  6.37153 3.63497 2.13757  1.17368  -0.68167 202 DT D OP1   
406 O OP2   . DT C 2  ? 6.40531  6.25559 3.63280 1.81698  0.77874  -0.78580 202 DT D OP2   
407 O "O5'" . DT C 2  ? 6.19814  6.51443 3.77654 2.09694  0.74406  -0.64481 202 DT D "O5'" 
408 C "C5'" . DT C 2  ? 6.10558  6.60357 3.75160 2.29587  0.84344  -0.56372 202 DT D "C5'" 
409 C "C4'" . DT C 2  ? 5.89227  6.68364 3.73744 2.26445  0.76607  -0.48788 202 DT D "C4'" 
410 O "O4'" . DT C 2  ? 5.69309  6.76083 3.82983 2.21021  0.53142  -0.50329 202 DT D "O4'" 
411 C "C3'" . DT C 2  ? 5.86980  6.56356 3.63911 2.08778  0.77786  -0.47932 202 DT D "C3'" 
412 O "O3'" . DT C 2  ? 5.87930  6.69934 3.66056 2.15969  0.88357  -0.38991 202 DT D "O3'" 
413 C "C2'" . DT C 2  ? 5.70045  6.56328 3.70198 1.92817  0.53260  -0.50652 202 DT D "C2'" 
414 C "C1'" . DT C 2  ? 5.55353  6.72180 3.80259 2.05095  0.43056  -0.48519 202 DT D "C1'" 
415 N N1    . DT C 2  ? 5.41459  6.73198 3.89620 1.93708  0.20398  -0.52805 202 DT D N1    
416 C C2    . DT C 2  ? 5.21531  6.84745 3.95712 1.91295  0.09254  -0.49608 202 DT D C2    
417 O O2    . DT C 2  ? 5.13997  6.95217 3.93466 1.98075  0.15820  -0.43546 202 DT D O2    
418 N N3    . DT C 2  ? 5.12518  6.85237 4.05934 1.80325  -0.09013 -0.53937 202 DT D N3    
419 C C4    . DT C 2  ? 5.20401  6.75293 4.09779 1.72381  -0.17950 -0.60099 202 DT D C4    
420 O O4    . DT C 2  ? 5.12523  6.77011 4.20054 1.63027  -0.33350 -0.62781 202 DT D O4    
421 C C5    . DT C 2  ? 5.40477  6.64228 4.02157 1.75477  -0.06776 -0.63316 202 DT D C5    
422 C C7    . DT C 2  ? 5.51515  6.55127 4.05768 1.67289  -0.15224 -0.70322 202 DT D C7    
423 C C6    . DT C 2  ? 5.50432  6.63864 3.93027 1.85501  0.12142  -0.60002 202 DT D C6    
424 P P     . DG C 3  ? 6.86449  7.58946 4.55156 2.01444  0.93920  -0.36318 203 DG D P     
425 O OP1   . DG C 3  ? 6.79474  7.51822 4.37431 2.14920  1.14173  -0.27746 203 DG D OP1   
426 O OP2   . DG C 3  ? 7.16093  7.60834 4.66682 1.85129  0.94827  -0.44387 203 DG D OP2   
427 O "O5'" . DG C 3  ? 6.75553  7.77238 4.73040 1.90640  0.72373  -0.34244 203 DG D "O5'" 
428 C "C5'" . DG C 3  ? 6.87497  7.86948 4.84438 1.75459  0.70362  -0.32415 203 DG D "C5'" 
429 C "C4'" . DG C 3  ? 6.74207  8.04871 4.98430 1.73132  0.56695  -0.27863 203 DG D "C4'" 
430 O "O4'" . DG C 3  ? 6.68986  8.17464 5.15124 1.72309  0.39019  -0.31937 203 DG D "O4'" 
431 C "C3'" . DG C 3  ? 6.74848  8.05386 5.03707 1.55636  0.49804  -0.26955 203 DG D "C3'" 
432 O "O3'" . DG C 3  ? 6.52220  8.09238 5.01679 1.57331  0.44215  -0.21502 203 DG D "O3'" 
433 C "C2'" . DG C 3  ? 6.80169  8.09118 5.18136 1.43645  0.33299  -0.33415 203 DG D "C2'" 
434 C "C1'" . DG C 3  ? 6.70039  8.19188 5.26870 1.54581  0.24475  -0.34750 203 DG D "C1'" 
435 N N9    . DG C 3  ? 5.06584  6.48974 3.66039 1.50839  0.13763  -0.41440 203 DG D N9    
436 C C8    . DG C 3  ? 5.15938  6.34078 3.55310 1.52272  0.19309  -0.46639 203 DG D C8    
437 N N7    . DG C 3  ? 5.13796  6.32000 3.61667 1.48412  0.06233  -0.51820 203 DG D N7    
438 C C5    . DG C 3  ? 4.97653  6.41306 3.72945 1.44000  -0.07889 -0.49879 203 DG D C5    
439 C C6    . DG C 3  ? 4.91224  6.45467 3.86132 1.38225  -0.24266 -0.53254 203 DG D C6    
440 O O6    . DG C 3  ? 4.97817  6.41091 3.89891 1.36291  -0.31009 -0.58269 203 DG D O6    
441 N N1    . DG C 3  ? 4.77214  6.56731 3.96773 1.34073  -0.32194 -0.50478 203 DG D N1    
442 C C2    . DG C 3  ? 4.70126  6.63553 3.94734 1.35591  -0.26090 -0.45278 203 DG D C2    
443 N N2    . DG C 3  ? 4.59138  6.76248 4.08137 1.30273  -0.34376 -0.44377 203 DG D N2    
444 N N3    . DG C 3  ? 4.75192  6.59256 3.81846 1.41498  -0.12000 -0.41472 203 DG D N3    
445 C C4    . DG C 3  ? 4.89115  6.48014 3.71671 1.45332  -0.03192 -0.43965 203 DG D C4    
446 P P     . DA C 4  ? 5.53849  7.18611 4.16417 1.41212  0.34306  -0.19869 204 DA D P     
447 O OP1   . DA C 4  ? 5.38715  7.21478 4.09991 1.47030  0.38747  -0.13231 204 DA D OP1   
448 O OP2   . DA C 4  ? 5.69067  7.09571 4.13221 1.28253  0.37996  -0.22049 204 DA D OP2   
449 O "O5'" . DA C 4  ? 5.44437  7.27086 4.32387 1.35043  0.15364  -0.24032 204 DA D "O5'" 
450 C "C5'" . DA C 4  ? 5.39538  7.14025 4.30450 1.19968  0.05378  -0.26957 204 DA D "C5'" 
451 C "C4'" . DA C 4  ? 5.24290  7.20773 4.43050 1.13413  -0.08407 -0.27091 204 DA D "C4'" 
452 O "O4'" . DA C 4  ? 5.33470  7.31583 4.61218 1.12370  -0.18861 -0.32365 204 DA D "O4'" 
453 C "C3'" . DA C 4  ? 5.17814  7.11261 4.41068 0.98814  -0.13170 -0.24928 204 DA D "C3'" 
454 O "O3'" . DA C 4  ? 4.96290  7.10784 4.45311 0.94737  -0.21639 -0.24260 204 DA D "O3'" 
455 C "C2'" . DA C 4  ? 5.28688  7.06326 4.43346 0.91716  -0.18918 -0.28896 204 DA D "C2'" 
456 C "C1'" . DA C 4  ? 5.31625  7.17510 4.57310 0.99224  -0.25696 -0.33496 204 DA D "C1'" 
457 N N9    . DA C 4  ? 4.66079  6.33866 3.75994 1.00635  -0.26004 -0.38179 204 DA D N9    
458 C C8    . DA C 4  ? 4.82069  6.29295 3.65987 1.04072  -0.15011 -0.39705 204 DA D C8    
459 N N7    . DA C 4  ? 4.84148  6.18001 3.58582 1.04307  -0.17800 -0.44993 204 DA D N7    
460 C C5    . DA C 4  ? 4.76460  6.23036 3.72468 1.01094  -0.32165 -0.46376 204 DA D C5    
461 C C6    . DA C 4  ? 4.80662  6.22149 3.79705 0.99707  -0.41797 -0.51107 204 DA D C6    
462 N N6    . DA C 4  ? 4.94125  6.15865 3.73353 1.01680  -0.38675 -0.55895 204 DA D N6    
463 N N1    . DA C 4  ? 4.72312  6.29009 3.95249 0.95689  -0.53990 -0.51080 204 DA D N1    
464 C C2    . DA C 4  ? 4.61214  6.36973 4.03343 0.93010  -0.55625 -0.47319 204 DA D C2    
465 N N3    . DA C 4  ? 4.56311  6.39034 3.97848 0.94140  -0.47802 -0.43049 204 DA D N3    
466 C C4    . DA C 4  ? 4.63978  6.31253 3.81837 0.98488  -0.36587 -0.42435 204 DA D C4    
467 P P     . DG C 5  ? 4.78937  6.93958 4.37850 0.80968  -0.26653 -0.21284 205 DG D P     
468 O OP1   . DG C 5  ? 4.59449  6.96410 4.42031 0.80093  -0.29515 -0.20455 205 DG D OP1   
469 O OP2   . DG C 5  ? 4.94675  6.94098 4.33792 0.76761  -0.18892 -0.17570 205 DG D OP2   
470 O "O5'" . DG C 5  ? 4.77284  6.85567 4.40080 0.73905  -0.36361 -0.24491 205 DG D "O5'" 
471 C "C5'" . DG C 5  ? 4.71525  6.91012 4.51333 0.75967  -0.44256 -0.28887 205 DG D "C5'" 
472 C "C4'" . DG C 5  ? 4.78738  6.89573 4.61296 0.67613  -0.52596 -0.30115 205 DG D "C4'" 
473 O "O4'" . DG C 5  ? 4.98257  6.93838 4.63531 0.71540  -0.53479 -0.33843 205 DG D "O4'" 
474 C "C3'" . DG C 5  ? 4.82803  6.85866 4.61229 0.57212  -0.52352 -0.24808 205 DG D "C3'" 
475 O "O3'" . DG C 5  ? 4.67121  6.78272 4.66003 0.50163  -0.58294 -0.23428 205 DG D "O3'" 
476 C "C2'" . DG C 5  ? 5.15751  7.00289 4.71690 0.55426  -0.52698 -0.26148 205 DG D "C2'" 
477 C "C1'" . DG C 5  ? 5.22341  7.04638 4.78358 0.62732  -0.56822 -0.32468 205 DG D "C1'" 
478 N N9    . DG C 5  ? 4.51803  6.16383 3.83210 0.65954  -0.53052 -0.35896 205 DG D N9    
479 C C8    . DG C 5  ? 4.56286  6.10416 3.66318 0.68830  -0.42156 -0.35784 205 DG D C8    
480 N N7    . DG C 5  ? 4.66022  6.03812 3.56116 0.70651  -0.39234 -0.40401 205 DG D N7    
481 C C5    . DG C 5  ? 4.67096  6.04942 3.66212 0.69464  -0.50103 -0.43416 205 DG D C5    
482 C C6    . DG C 5  ? 4.76783  6.00233 3.62786 0.70530  -0.52717 -0.49027 205 DG D C6    
483 O O6    . DG C 5  ? 4.87244  5.94383 3.50027 0.72538  -0.44815 -0.53161 205 DG D O6    
484 N N1    . DG C 5  ? 4.75053  6.03598 3.77309 0.68590  -0.65001 -0.50074 205 DG D N1    
485 C C2    . DG C 5  ? 4.66399  6.11290 3.94032 0.65363  -0.72295 -0.46544 205 DG D C2    
486 N N2    . DG C 5  ? 4.68172  6.14208 4.07968 0.63140  -0.82468 -0.48285 205 DG D N2    
487 N N3    . DG C 5  ? 4.58284  6.16549 3.98110 0.63977  -0.68955 -0.41982 205 DG D N3    
488 C C4    . DG C 5  ? 4.58492  6.12570 3.83057 0.66447  -0.58488 -0.40492 205 DG D C4    
489 P P     . DT C 6  ? 4.46980  6.56380 4.48546 0.40798  -0.57136 -0.16259 206 DT D P     
490 O OP1   . DT C 6  ? 4.39726  6.63078 4.65486 0.37636  -0.56751 -0.15017 206 DT D OP1   
491 O OP2   . DT C 6  ? 4.51812  6.53862 4.33813 0.40380  -0.50581 -0.12685 206 DT D OP2   
492 O "O5'" . DT C 6  ? 4.57532  6.57466 4.55403 0.35945  -0.63650 -0.15746 206 DT D "O5'" 
493 C "C5'" . DT C 6  ? 4.53674  6.54542 4.62163 0.37138  -0.70470 -0.20641 206 DT D "C5'" 
494 C "C4'" . DT C 6  ? 4.62495  6.51245 4.60651 0.33433  -0.75856 -0.19591 206 DT D "C4'" 
495 O "O4'" . DT C 6  ? 4.64538  6.41711 4.40325 0.37948  -0.75818 -0.24063 206 DT D "O4'" 
496 C "C3'" . DT C 6  ? 4.69465  6.55931 4.61965 0.26512  -0.73678 -0.11229 206 DT D "C3'" 
497 O "O3'" . DT C 6  ? 4.76559  6.62700 4.80503 0.21934  -0.78021 -0.07728 206 DT D "O3'" 
498 C "C2'" . DT C 6  ? 4.72332  6.48016 4.37688 0.26458  -0.72601 -0.12236 206 DT D "C2'" 
499 C "C1'" . DT C 6  ? 4.72976  6.40776 4.31842 0.32590  -0.76270 -0.20876 206 DT D "C1'" 
500 N N1    . DT C 6  ? 4.76676  6.34120 4.10346 0.35378  -0.70818 -0.24821 206 DT D N1    
501 C C2    . DT C 6  ? 4.84283  6.29348 4.03069 0.37491  -0.73579 -0.30800 206 DT D C2    
502 O O2    . DT C 6  ? 4.86954  6.29467 4.12507 0.37574  -0.81575 -0.32797 206 DT D O2    
503 N N3    . DT C 6  ? 4.90170  6.24901 3.85437 0.39274  -0.65646 -0.34674 206 DT D N3    
504 C C4    . DT C 6  ? 4.89065  6.24637 3.74594 0.38816  -0.55610 -0.32838 206 DT D C4    
505 O O4    . DT C 6  ? 5.07231  6.31690 3.70939 0.39739  -0.47175 -0.36939 206 DT D O4    
506 C C5    . DT C 6  ? 4.79902  6.29285 3.82467 0.36843  -0.54697 -0.26051 206 DT D C5    
507 C C7    . DT C 6  ? 4.78538  6.29644 3.72866 0.36164  -0.44665 -0.23320 206 DT D C7    
508 C C6    . DT C 6  ? 4.74488  6.33911 3.99869 0.35351  -0.62089 -0.22604 206 DT D C6    
509 P P     . DG C 7  ? 4.38665  6.28067 4.45610 0.16096  -0.74199 0.03046  207 DG D P     
510 O OP1   . DG C 7  ? 4.46495  6.35501 4.69734 0.13013  -0.76843 0.05849  207 DG D OP1   
511 O OP2   . DG C 7  ? 4.33630  6.31195 4.45202 0.16233  -0.66759 0.06252  207 DG D OP2   
512 O "O5'" . DG C 7  ? 4.44747  6.27846 4.26386 0.14286  -0.75298 0.05659  207 DG D "O5'" 
513 C "C5'" . DG C 7  ? 4.54405  6.34328 4.32324 0.11139  -0.79453 0.10253  207 DG D "C5'" 
514 C "C4'" . DG C 7  ? 4.56747  6.26549 4.14434 0.11898  -0.85015 0.03628  207 DG D "C4'" 
515 O "O4'" . DG C 7  ? 4.50567  6.16816 3.94355 0.14871  -0.81632 -0.03489 207 DG D "O4'" 
516 C "C3'" . DG C 7  ? 4.65729  6.36211 4.05036 0.07523  -0.85531 0.08868  207 DG D "C3'" 
517 O "O3'" . DG C 7  ? 4.74101  6.42870 4.20595 0.06131  -0.90823 0.13566  207 DG D "O3'" 
518 C "C2'" . DG C 7  ? 4.66464  6.27203 3.82241 0.08211  -0.86710 -0.00840 207 DG D "C2'" 
519 C "C1'" . DG C 7  ? 4.57343  6.14754 3.77863 0.13668  -0.83359 -0.08022 207 DG D "C1'" 
520 N N9    . DG C 7  ? 4.55463  6.12074 3.58143 0.13119  -0.75494 -0.10693 207 DG D N9    
521 C C8    . DG C 7  ? 4.49240  6.14096 3.55157 0.12342  -0.68352 -0.06499 207 DG D C8    
522 N N7    . DG C 7  ? 4.57614  6.18385 3.44263 0.11421  -0.61370 -0.10445 207 DG D N7    
523 C C5    . DG C 7  ? 4.60525  6.09215 3.29869 0.11660  -0.63263 -0.18167 207 DG D C5    
524 C C6    . DG C 7  ? 4.73134  6.11363 3.17403 0.10407  -0.56120 -0.25698 207 DG D C6    
525 O O6    . DG C 7  ? 4.84605  6.22140 3.16621 0.08523  -0.46368 -0.26866 207 DG D O6    
526 N N1    . DG C 7  ? 4.73824  6.00293 3.06783 0.11260  -0.60205 -0.32733 207 DG D N1    
527 C C2    . DG C 7  ? 4.75150  6.00551 3.19964 0.13127  -0.70912 -0.32083 207 DG D C2    
528 N N2    . DG C 7  ? 4.85015  5.97712 3.15947 0.13893  -0.73741 -0.39657 207 DG D N2    
529 N N3    . DG C 7  ? 4.68925  6.04020 3.37275 0.13846  -0.77423 -0.24791 207 DG D N3    
530 C C4    . DG C 7  ? 4.60911  6.07143 3.40116 0.13016  -0.72620 -0.18334 207 DG D C4    
531 P P     . DT C 8  ? 4.91171  6.70145 4.37193 0.02646  -0.87844 0.27088  208 DT D P     
532 O OP1   . DT C 8  ? 4.96078  6.74379 4.64718 0.03192  -0.87788 0.33369  208 DT D OP1   
533 O OP2   . DT C 8  ? 4.86795  6.77415 4.25818 0.01164  -0.80097 0.31765  208 DT D OP2   
534 O "O5'" . DT C 8  ? 4.99919  6.75548 4.23995 0.00214  -0.93503 0.25868  208 DT D "O5'" 
535 C "C5'" . DT C 8  ? 4.99717  6.78512 3.99621 -0.02697 -0.91368 0.21727  208 DT D "C5'" 
536 C "C4'" . DT C 8  ? 5.04715  6.70809 3.87621 -0.03195 -0.97789 0.11466  208 DT D "C4'" 
537 O "O4'" . DT C 8  ? 4.98583  6.53653 3.76919 -0.00186 -0.96247 -0.00394 208 DT D "O4'" 
538 C "C3'" . DT C 8  ? 5.11438  6.84221 3.68376 -0.08872 -0.96721 0.11161  208 DT D "C3'" 
539 O "O3'" . DT C 8  ? 5.19944  6.98411 3.75983 -0.10416 -1.01712 0.19473  208 DT D "O3'" 
540 C "C2'" . DT C 8  ? 5.16476  6.73370 3.56176 -0.08661 -0.98108 -0.03488 208 DT D "C2'" 
541 C "C1'" . DT C 8  ? 5.05863  6.55740 3.57809 -0.03332 -0.94322 -0.08480 208 DT D "C1'" 
542 N N1    . DT C 8  ? 5.01395  6.57457 3.43446 -0.05701 -0.84250 -0.09691 208 DT D N1    
543 C C2    . DT C 8  ? 5.24734  6.73282 3.42659 -0.08541 -0.78434 -0.19552 208 DT D C2    
544 O O2    . DT C 8  ? 5.32221  6.69093 3.35507 -0.09044 -0.80832 -0.27857 208 DT D O2    
545 N N3    . DT C 8  ? 5.37912  6.92493 3.49189 -0.11167 -0.68629 -0.19407 208 DT D N3    
546 C C4    . DT C 8  ? 5.20005  6.87162 3.46376 -0.10643 -0.65277 -0.10621 208 DT D C4    
547 O O4    . DT C 8  ? 5.24062  6.95334 3.43146 -0.13185 -0.56725 -0.11134 208 DT D O4    
548 C C5    . DT C 8  ? 4.90191  6.64236 3.41208 -0.07215 -0.71548 -0.01063 208 DT D C5    
549 C C7    . DT C 8  ? 4.76956  6.63364 3.45477 -0.06263 -0.67461 0.08307  208 DT D C7    
550 C C6    . DT C 8  ? 4.91526  6.59592 3.48912 -0.05209 -0.80015 -0.01119 208 DT D C6    
551 P P     . DG C 9  ? 4.77038  6.43665 3.49831 -0.06673 -1.10089 0.21533  209 DG D P     
552 O OP1   . DG C 9  ? 4.62658  6.11175 3.29302 -0.04753 -1.16066 0.07714  209 DG D OP1   
553 O OP2   . DG C 9  ? 4.86601  6.56674 3.85582 -0.03730 -1.06889 0.30408  209 DG D OP2   
554 O "O5'" . DG C 9  ? 4.74480  6.49841 3.36666 -0.09447 -1.13314 0.30737  209 DG D "O5'" 
555 C "C5'" . DG C 9  ? 4.79099  6.74028 3.24095 -0.13751 -1.08346 0.36742  209 DG D "C5'" 
556 C "C4'" . DG C 9  ? 4.90259  7.01808 3.46354 -0.12014 -1.04482 0.54745  209 DG D "C4'" 
557 O "O4'" . DG C 9  ? 4.99665  7.17053 3.73069 -0.09558 -0.96683 0.60506  209 DG D "O4'" 
558 C "C3'" . DG C 9  ? 4.92507  6.94390 3.63496 -0.08451 -1.09251 0.62085  209 DG D "C3'" 
559 O "O3'" . DG C 9  ? 4.86797  6.91864 3.40982 -0.10406 -1.14861 0.64105  209 DG D "O3'" 
560 C "C2'" . DG C 9  ? 5.04737  7.19803 3.92603 -0.05248 -1.00232 0.78706  209 DG D "C2'" 
561 C "C1'" . DG C 9  ? 5.09595  7.31357 4.01003 -0.05760 -0.93308 0.75206  209 DG D "C1'" 
562 N N9    . DG C 9  ? 5.13269  7.23435 4.28456 -0.02899 -0.90636 0.73001  209 DG D N9    
563 C C8    . DG C 9  ? 5.08211  7.09152 4.27517 -0.03035 -0.91358 0.60549  209 DG D C8    
564 N N7    . DG C 9  ? 5.12717  7.07727 4.54631 -0.00685 -0.88254 0.61159  209 DG D N7    
565 C C5    . DG C 9  ? 5.22977  7.21274 4.76474 0.00746  -0.84246 0.74499  209 DG D C5    
566 C C6    . DG C 9  ? 5.33401  7.27232 5.10981 0.02395  -0.77958 0.80169  209 DG D C6    
567 O O6    . DG C 9  ? 5.34945  7.22954 5.29057 0.02381  -0.75678 0.73595  209 DG D O6    
568 N N1    . DG C 9  ? 5.42708  7.40182 5.23904 0.03986  -0.72950 0.94834  209 DG D N1    
569 C C2    . DG C 9  ? 5.40389  7.47429 5.04049 0.04542  -0.74842 1.03654  209 DG D C2    
570 N N2    . DG C 9  ? 5.49110  7.59158 5.19137 0.07413  -0.68139 1.19039  209 DG D N2    
571 N N3    . DG C 9  ? 5.30245  7.43994 4.71244 0.02276  -0.81640 0.97691  209 DG D N3    
572 C C4    . DG C 9  ? 5.22873  7.30616 4.60036 0.00165  -0.85600 0.82852  209 DG D C4    
573 P P     . DC C 10 ? 5.08008  6.91555 3.63816 -0.09410 -1.25513 0.57657  210 DC D P     
574 O OP1   . DC C 10 ? 4.98920  6.78850 3.29713 -0.13357 -1.30437 0.46150  210 DC D OP1   
575 O OP2   . DC C 10 ? 5.06866  6.72328 3.84210 -0.06466 -1.27020 0.50501  210 DC D OP2   
576 O "O5'" . DC C 10 ? 4.98903  6.88825 3.61828 -0.06920 -1.24895 0.75149  210 DC D "O5'" 
577 C "C5'" . DC C 10 ? 4.91575  6.68397 3.78716 -0.03466 -1.24127 0.81083  210 DC D "C5'" 
578 C "C4'" . DC C 10 ? 5.15706  7.06256 4.10975 -0.00302 -1.14895 1.01462  210 DC D "C4'" 
579 O "O4'" . DC C 10 ? 5.37801  7.38602 4.45233 0.01289  -1.04066 1.06615  210 DC D "O4'" 
580 C "C3'" . DC C 10 ? 5.02764  6.78359 4.15715 0.02113  -1.14553 1.09438  210 DC D "C3'" 
581 O "O3'" . DC C 10 ? 5.01744  6.87217 4.05015 0.04311  -1.12962 1.24977  210 DC D "O3'" 
582 C "C2'" . DC C 10 ? 5.32295  7.06460 4.69671 0.04147  -1.02902 1.15363  210 DC D "C2'" 
583 C "C1'" . DC C 10 ? 5.48240  7.37891 4.80793 0.03775  -0.97811 1.12307  210 DC D "C1'" 
584 N N1    . DC C 10 ? 5.49771  7.29114 4.96040 0.02306  -0.98175 0.98456  210 DC D N1    
585 C C2    . DC C 10 ? 5.60993  7.32634 5.32082 0.03168  -0.90555 1.00761  210 DC D C2    
586 O O2    . DC C 10 ? 5.68771  7.39246 5.50532 0.05016  -0.82625 1.13959  210 DC D O2    
587 N N3    . DC C 10 ? 5.60715  7.26620 5.43047 0.01829  -0.91084 0.88207  210 DC D N3    
588 C C4    . DC C 10 ? 5.49590  7.15856 5.19410 0.00791  -0.98015 0.75211  210 DC D C4    
589 N N4    . DC C 10 ? 5.48188  7.10307 5.29278 0.00555  -0.97641 0.64427  210 DC D N4    
590 C C5    . DC C 10 ? 5.39433  7.10832 4.83996 -0.00194 -1.04403 0.72629  210 DC D C5    
591 C C6    . DC C 10 ? 5.40306  7.18831 4.74035 0.00076  -1.04554 0.83846  210 DC D C6    
592 P P     . DT C 11 ? 4.99166  6.66808 4.06004 0.04865  -1.19353 1.28277  211 DT D P     
593 O OP1   . DT C 11 ? 5.11848  6.90157 4.20077 0.09500  -1.09577 1.50299  211 DT D OP1   
594 O OP2   . DT C 11 ? 4.71017  6.27285 3.60611 0.02147  -1.30214 1.11515  211 DT D OP2   
595 O "O5'" . DT C 11 ? 4.87487  6.32291 4.20640 0.03759  -1.18709 1.19988  211 DT D "O5'" 
596 C "C5'" . DT C 11 ? 4.58999  5.85448 4.03809 0.03460  -1.21053 1.22610  211 DT D "C5'" 
597 C "C4'" . DT C 11 ? 4.80929  6.04597 4.47020 0.05283  -1.05836 1.36445  211 DT D "C4'" 
598 O "O4'" . DT C 11 ? 5.16275  6.50153 4.91762 0.05852  -0.95847 1.35881  211 DT D "O4'" 
599 C "C3'" . DT C 11 ? 4.56559  5.57887 4.43690 0.02070  -1.06009 1.31229  211 DT D "C3'" 
600 O "O3'" . DT C 11 ? 4.52564  5.46458 4.38748 0.03727  -1.02737 1.45887  211 DT D "O3'" 
601 C "C2'" . DT C 11 ? 4.83207  5.84661 4.92502 0.00926  -0.92228 1.31030  211 DT D "C2'" 
602 C "C1'" . DT C 11 ? 5.16881  6.37347 5.16648 0.03124  -0.90130 1.29676  211 DT D "C1'" 
603 N N1    . DT C 11 ? 5.14919  6.34927 5.16911 0.00328  -0.97959 1.10357  211 DT D N1    
604 C C2    . DT C 11 ? 5.24903  6.40157 5.48257 -0.02231 -0.91949 1.02681  211 DT D C2    
605 O O2    . DT C 11 ? 5.34347  6.43999 5.75728 -0.03561 -0.80248 1.09147  211 DT D O2    
606 N N3    . DT C 11 ? 5.23475  6.41095 5.45478 -0.03317 -0.99243 0.86795  211 DT D N3    
607 C C4    . DT C 11 ? 5.16029  6.37847 5.17777 -0.02178 -1.10070 0.78224  211 DT D C4    
608 O O4    . DT C 11 ? 5.18469  6.41061 5.19890 -0.02414 -1.14251 0.65173  211 DT D O4    
609 C C5    . DT C 11 ? 5.07627  6.33285 4.87887 -0.00755 -1.14942 0.85701  211 DT D C5    
610 C C7    . DT C 11 ? 5.01036  6.30623 4.57703 -0.00855 -1.24680 0.75983  211 DT D C7    
611 C C6    . DT C 11 ? 5.06817  6.32777 4.88250 0.00508  -1.09318 1.01266  211 DT D C6    
612 P P     . DC C 12 ? 4.87790  5.64920 4.97141 0.02021  -0.89620 1.54129  212 DC D P     
613 O OP1   . DC C 12 ? 5.32789  6.19006 5.51448 0.05289  -0.69842 1.68084  212 DC D OP1   
614 O OP2   . DC C 12 ? 4.60342  5.26928 4.62006 0.02854  -0.94469 1.62629  212 DC D OP2   
615 O "O5'" . DC C 12 ? 4.66628  5.29569 4.95119 -0.04800 -0.95464 1.33657  212 DC D "O5'" 
616 C "C5'" . DC C 12 ? 4.53843  5.00722 5.04263 -0.09588 -0.86405 1.33979  212 DC D "C5'" 
617 C "C4'" . DC C 12 ? 4.80470  5.29614 5.51290 -0.13713 -0.76570 1.24718  212 DC D "C4'" 
618 O "O4'" . DC C 12 ? 5.02463  5.67278 5.64700 -0.11170 -0.82073 1.16848  212 DC D "O4'" 
619 C "C3'" . DC C 12 ? 4.55103  4.93005 5.44416 -0.21423 -0.81631 1.07655  212 DC D "C3'" 
620 O "O3'" . DC C 12 ? 4.76623  5.05203 5.86529 -0.26874 -0.64135 1.12073  212 DC D "O3'" 
621 C "C2'" . DC C 12 ? 4.56583  5.06342 5.48634 -0.22063 -0.88291 0.91095  212 DC D "C2'" 
622 C "C1'" . DC C 12 ? 4.96000  5.60778 5.73415 -0.15850 -0.84275 0.99724  212 DC D "C1'" 
623 N N1    . DC C 12 ? 4.88967  5.63068 5.51758 -0.13239 -0.98496 0.87813  212 DC D N1    
624 C C2    . DC C 12 ? 4.97401  5.78332 5.69198 -0.14795 -0.99459 0.73937  212 DC D C2    
625 O O2    . DC C 12 ? 5.11577  5.92501 6.03693 -0.18932 -0.89235 0.70906  212 DC D O2    
626 N N3    . DC C 12 ? 4.91565  5.79127 5.48779 -0.11830 -1.10578 0.64153  212 DC D N3    
627 C C4    . DC C 12 ? 4.77980  5.65286 5.12811 -0.08633 -1.20080 0.66455  212 DC D C4    
628 N N4    . DC C 12 ? 4.75497  5.67684 4.95940 -0.06414 -1.28581 0.56052  212 DC D N4    
629 C C5    . DC C 12 ? 4.68134  5.50478 4.93649 -0.07693 -1.20155 0.79583  212 DC D C5    
630 C C6    . DC C 12 ? 4.73354  5.49249 5.13357 -0.09517 -1.09524 0.90402  212 DC D C6    
631 P P     . DT C 13 ? 5.21861  5.36365 6.50535 -0.36208 -0.66111 0.99942  213 DT D P     
632 O OP1   . DT C 13 ? 5.48779  5.52216 6.92970 -0.41125 -0.44059 1.10002  213 DT D OP1   
633 O OP2   . DT C 13 ? 4.73541  4.80522 5.90060 -0.34702 -0.84887 0.96545  213 DT D OP2   
634 O "O5'" . DT C 13 ? 5.25480  5.51350 6.67197 -0.40707 -0.71014 0.79347  213 DT D "O5'" 
635 C "C5'" . DT C 13 ? 5.66663  6.03164 7.18000 -0.41778 -0.57426 0.78286  213 DT D "C5'" 
636 C "C4'" . DT C 13 ? 5.59424  6.07842 7.21243 -0.45473 -0.64966 0.58380  213 DT D "C4'" 
637 O "O4'" . DT C 13 ? 5.42210  6.01250 6.86525 -0.37904 -0.79869 0.53832  213 DT D "O4'" 
638 C "C3'" . DT C 13 ? 5.27483  5.71754 7.02010 -0.52463 -0.73786 0.43954  213 DT D "C3'" 
639 O "O3'" . DT C 13 ? 5.47587  6.01400 7.43271 -0.60597 -0.65050 0.31354  213 DT D "O3'" 
640 C "C2'" . DT C 13 ? 4.87512  5.37305 6.46892 -0.45879 -0.95303 0.35014  213 DT D "C2'" 
641 C "C1'" . DT C 13 ? 5.10003  5.72496 6.57685 -0.39274 -0.94309 0.37210  213 DT D "C1'" 
642 N N1    . DT C 13 ? 4.82527  5.46917 6.07425 -0.31241 -1.10272 0.35678  213 DT D N1    
643 C C2    . DT C 13 ? 4.76679  5.52793 5.97484 -0.27705 -1.17653 0.23960  213 DT D C2    
644 O O2    . DT C 13 ? 4.90777  5.77742 6.25787 -0.30267 -1.12839 0.15146  213 DT D O2    
645 N N3    . DT C 13 ? 4.55083  5.30004 5.53735 -0.21129 -1.29857 0.22962  213 DT D N3    
646 C C4    . DT C 13 ? 4.38150  5.03443 5.18726 -0.18409 -1.36102 0.31553  213 DT D C4    
647 O O4    . DT C 13 ? 4.20680  4.85938 4.81363 -0.13635 -1.45888 0.28551  213 DT D O4    
648 C C5    . DT C 13 ? 4.43999  4.99381 5.30190 -0.21784 -1.29075 0.44211  213 DT D C5    
649 C C7    . DT C 13 ? 4.27403  4.74198 4.94865 -0.18843 -1.34923 0.54972  213 DT D C7    
650 C C6    . DT C 13 ? 4.66093  5.20522 5.73873 -0.27698 -1.16220 0.45938  213 DT D C6    
651 P P     . DG D 1  ? 6.05366  5.81769 7.85946 1.71953  0.70425  0.83488  102 DG X P     
652 O OP1   . DG D 1  ? 6.11063  5.98785 8.05639 1.67787  0.68694  0.83321  102 DG X OP1   
653 O OP2   . DG D 1  ? 6.15883  5.67610 7.88174 1.65723  0.68626  0.86601  102 DG X OP2   
654 O "O5'" . DG D 1  ? 5.61950  5.82571 7.58800 1.78410  0.55138  0.69382  102 DG X "O5'" 
655 C "C5'" . DG D 1  ? 5.36146  5.52046 7.21476 1.84600  0.54906  0.66952  102 DG X "C5'" 
656 C "C4'" . DG D 1  ? 5.20625  5.55087 6.89079 1.90632  0.61051  0.61424  102 DG X "C4'" 
657 O "O4'" . DG D 1  ? 5.64551  5.55322 6.95311 1.87168  0.76678  0.69164  102 DG X "O4'" 
658 C "C3'" . DG D 1  ? 5.19090  5.82658 6.73684 1.65869  0.53393  0.45958  102 DG X "C3'" 
659 O "O3'" . DG D 1  ? 4.76540  5.81393 6.21817 1.59455  0.41852  0.26866  102 DG X "O3'" 
660 C "C2'" . DG D 1  ? 5.75060  5.98250 6.89911 1.49460  0.68301  0.51380  102 DG X "C2'" 
661 C "C1'" . DG D 1  ? 5.86893  5.75008 6.83144 1.62326  0.79494  0.60868  102 DG X "C1'" 
662 N N9    . DG D 1  ? 4.89687  4.25181 5.63999 1.59763  0.96505  0.76503  102 DG X N9    
663 C C8    . DG D 1  ? 5.02062  4.04781 5.96326 1.73897  1.05706  0.95243  102 DG X C8    
664 N N7    . DG D 1  ? 5.37167  3.95594 6.02784 1.67853  1.20389  1.05868  102 DG X N7    
665 C C5    . DG D 1  ? 5.49775  4.10877 5.73328 1.47776  1.20947  0.93467  102 DG X C5    
666 C C6    . DG D 1  ? 5.88660  4.11710 5.67069 1.33335  1.33708  0.96899  102 DG X C6    
667 O O6    . DG D 1  ? 6.20221  3.98138 5.85531 1.36274  1.47466  1.12385  102 DG X O6    
668 N N1    . DG D 1  ? 5.90920  4.32794 5.37732 1.13895  1.29162  0.79674  102 DG X N1    
669 C C2    . DG D 1  ? 5.58243  4.50875 5.16661 1.09593  1.14115  0.61210  102 DG X C2    
670 N N2    . DG D 1  ? 5.66910  4.72413 4.92526 0.89605  1.11869  0.45369  102 DG X N2    
671 N N3    . DG D 1  ? 5.21669  4.50209 5.21056 1.23827  1.01983  0.58087  102 DG X N3    
672 C C4    . DG D 1  ? 5.20120  4.29460 5.49782 1.42279  1.06296  0.74976  102 DG X C4    
673 P P     . DA D 2  ? 5.50552  6.89198 6.78120 1.32337  0.34754  0.08021  103 DA X P     
674 O OP1   . DA D 2  ? 4.93912  6.85962 6.35332 1.34850  0.18319  -0.09597 103 DA X OP1   
675 O OP2   . DA D 2  ? 5.63997  6.93471 6.99949 1.22610  0.37272  0.13830  103 DA X OP2   
676 O "O5'" . DA D 2  ? 5.96858  7.09290 6.76423 1.15988  0.46140  0.04525  103 DA X "O5'" 
677 C "C5'" . DA D 2  ? 5.80442  7.21461 6.40360 1.07471  0.39385  -0.13654 103 DA X "C5'" 
678 C "C4'" . DA D 2  ? 6.17305  7.60139 6.44025 0.77831  0.43561  -0.25234 103 DA X "C4'" 
679 O "O4'" . DA D 2  ? 6.72781  7.60391 6.69205 0.71965  0.60520  -0.11414 103 DA X "O4'" 
680 C "C3'" . DA D 2  ? 6.17826  7.87264 6.56935 0.61138  0.38297  -0.32553 103 DA X "C3'" 
681 O "O3'" . DA D 2  ? 6.10721  8.25099 6.39796 0.41338  0.29593  -0.55345 103 DA X "O3'" 
682 C "C2'" . DA D 2  ? 6.73573  7.96356 6.91550 0.49038  0.53282  -0.19746 103 DA X "C2'" 
683 C "C1'" . DA D 2  ? 7.06453  7.81846 6.94395 0.53744  0.66530  -0.09042 103 DA X "C1'" 
684 N N9    . DA D 2  ? 4.58016  4.84765 4.49154 0.65690  0.78426  0.12939  103 DA X N9    
685 C C8    . DA D 2  ? 4.42157  4.63396 4.69627 0.88699  0.76451  0.26579  103 DA X C8    
686 N N7    . DA D 2  ? 4.57178  4.32437 4.80638 0.94873  0.88937  0.44577  103 DA X N7    
687 C C5    . DA D 2  ? 4.84972  4.32197 4.64405 0.74888  0.99854  0.43132  103 DA X C5    
688 C C6    . DA D 2  ? 5.12627  4.07629 4.65464 0.70875  1.15365  0.57200  103 DA X C6    
689 N N6    . DA D 2  ? 5.19205  3.82163 4.89022 0.87774  1.22533  0.75743  103 DA X N6    
690 N N1    . DA D 2  ? 5.41648  4.18766 4.49868 0.48888  1.23208  0.51095  103 DA X N1    
691 C C2    . DA D 2  ? 5.45203  4.56293 4.38899 0.31482  1.15975  0.31591  103 DA X C2    
692 N N3    . DA D 2  ? 5.20107  4.83131 4.37303 0.33395  1.01249  0.16506  103 DA X N3    
693 C C4    . DA D 2  ? 4.88617  4.66612 4.47814 0.56180  0.93728  0.23676  103 DA X C4    
694 P P     . DG D 3  ? 6.53308  8.59641 6.38682 0.15914  0.37068  -0.67511 104 DG X P     
695 O OP1   . DG D 3  ? 6.61765  8.37382 6.24733 0.26056  0.43281  -0.62140 104 DG X OP1   
696 O OP2   . DG D 3  ? 6.34064  8.97056 6.25070 0.00184  0.25163  -0.90748 104 DG X OP2   
697 O "O5'" . DG D 3  ? 7.06045  8.74045 6.69421 -0.03122 0.51203  -0.58535 104 DG X "O5'" 
698 C "C5'" . DG D 3  ? 7.52359  8.79875 6.73726 -0.17736 0.64921  -0.55811 104 DG X "C5'" 
699 C "C4'" . DG D 3  ? 7.94556  8.90546 6.97417 -0.35051 0.76678  -0.48603 104 DG X "C4'" 
700 O "O4'" . DG D 3  ? 8.14924  8.58057 7.14331 -0.19734 0.87660  -0.25928 104 DG X "O4'" 
701 C "C3'" . DG D 3  ? 7.81452  9.04587 7.08885 -0.39878 0.70281  -0.52213 104 DG X "C3'" 
702 O "O3'" . DG D 3  ? 7.82680  9.46592 7.02466 -0.64127 0.65306  -0.73628 104 DG X "O3'" 
703 C "C2'" . DG D 3  ? 8.17673  8.90045 7.28055 -0.43850 0.83855  -0.36162 104 DG X "C2'" 
704 C "C1'" . DG D 3  ? 8.37882  8.61435 7.33196 -0.29123 0.94109  -0.19215 104 DG X "C1'" 
705 N N9    . DG D 3  ? 5.23646  5.23215 4.44739 -0.05425 0.95637  0.00108  104 DG X N9    
706 C C8    . DG D 3  ? 4.88561  5.13035 4.53554 0.17281  0.84521  0.03913  104 DG X C8    
707 N N7    . DG D 3  ? 4.87259  4.81425 4.68807 0.34548  0.89197  0.21839  104 DG X N7    
708 C C5    . DG D 3  ? 5.18905  4.65272 4.64389 0.23252  1.04132  0.30537  104 DG X C5    
709 C C6    . DG D 3  ? 5.33628  4.33338 4.77158 0.33542  1.14639  0.49282  104 DG X C6    
710 O O6    . DG D 3  ? 5.20743  4.13080 4.97116 0.54709  1.12800  0.61923  104 DG X O6    
711 N N1    . DG D 3  ? 5.67973  4.27035 4.65951 0.16607  1.28438  0.52318  104 DG X N1    
712 C C2    . DG D 3  ? 5.88487  4.51269 4.48292 -0.08237 1.31907  0.38759  104 DG X C2    
713 N N2    . DG D 3  ? 6.25664  4.43267 4.42434 -0.22084 1.46045  0.44260  104 DG X N2    
714 N N3    . DG D 3  ? 5.78583  4.86448 4.42166 -0.18773 1.22134  0.20578  104 DG X N3    
715 C C4    . DG D 3  ? 5.41611  4.89700 4.48669 -0.01512 1.08382  0.17571  104 DG X C4    
716 P P     . DA D 4  ? 5.78157  7.22217 4.55230 -0.96770 0.78090  -0.81357 105 DA X P     
717 O OP1   . DA D 4  ? 5.93669  6.92859 4.34590 -1.00020 0.89832  -0.74492 105 DA X OP1   
718 O OP2   . DA D 4  ? 5.80581  7.79017 4.63060 -1.15903 0.69651  -1.04640 105 DA X OP2   
719 O "O5'" . DA D 4  ? 5.98705  7.13513 4.73905 -0.99858 0.85805  -0.69254 105 DA X "O5'" 
720 C "C5'" . DA D 4  ? 6.30965  7.21571 4.69478 -1.26364 0.98335  -0.72877 105 DA X "C5'" 
721 C "C4'" . DA D 4  ? 6.74973  6.99931 4.78873 -1.25752 1.14067  -0.55835 105 DA X "C4'" 
722 O "O4'" . DA D 4  ? 6.64467  6.65927 4.90286 -0.96031 1.12764  -0.36364 105 DA X "O4'" 
723 C "C3'" . DA D 4  ? 7.11001  7.00240 4.87375 -1.41335 1.26230  -0.50903 105 DA X "C3'" 
724 O "O3'" . DA D 4  ? 7.53722  6.96025 4.83123 -1.56149 1.41240  -0.46997 105 DA X "O3'" 
725 C "C2'" . DA D 4  ? 7.02603  6.69360 5.03018 -1.15994 1.24764  -0.32006 105 DA X "C2'" 
726 C "C1'" . DA D 4  ? 6.90029  6.46702 5.04826 -0.92786 1.22514  -0.20885 105 DA X "C1'" 
727 N N9    . DA D 4  ? 6.65344  6.24583 5.21278 -0.64518 1.14982  -0.07639 105 DA X N9    
728 C C8    . DA D 4  ? 6.24437  6.29718 5.23811 -0.49337 0.99758  -0.12675 105 DA X C8    
729 N N7    . DA D 4  ? 6.10771  6.07151 5.41581 -0.25343 0.95992  0.01388  105 DA X N7    
730 C C5    . DA D 4  ? 6.44623  5.86501 5.52292 -0.24056 1.09472  0.16638  105 DA X C5    
731 C C6    . DA D 4  ? 6.49419  5.59415 5.73836 -0.03533 1.12645  0.34821  105 DA X C6    
732 N N6    . DA D 4  ? 6.21392  5.51060 5.91780 0.19097  1.02135  0.40443  105 DA X N6    
733 N N1    . DA D 4  ? 6.82879  5.40501 5.75362 -0.07108 1.26860  0.46494  105 DA X N1    
734 C C2    . DA D 4  ? 7.12081  5.48901 5.56893 -0.30476 1.37500  0.40542  105 DA X C2    
735 N N3    . DA D 4  ? 7.13315  5.76164 5.38546 -0.52410 1.36050  0.23404  105 DA X N3    
736 C C4    . DA D 4  ? 6.77738  5.94622 5.37698 -0.47616 1.21441  0.11808  105 DA X C4    
737 P P     . DG D 5  ? 7.95740  7.06898 4.83509 -1.82708 1.55180  -0.49819 106 DG X P     
738 O OP1   . DG D 5  ? 8.33901  7.03939 4.74974 -1.97577 1.68402  -0.48341 106 DG X OP1   
739 O OP2   . DG D 5  ? 7.87167  7.46457 4.87283 -2.00301 1.48843  -0.68626 106 DG X OP2   
740 O "O5'" . DG D 5  ? 8.03831  6.75970 4.96074 -1.65223 1.59447  -0.30592 106 DG X "O5'" 
741 C "C5'" . DG D 5  ? 8.10488  6.35058 4.95184 -1.45935 1.66072  -0.10633 106 DG X "C5'" 
742 C "C4'" . DG D 5  ? 8.15213  6.12651 5.09906 -1.30181 1.67721  0.04006  106 DG X "C4'" 
743 O "O4'" . DG D 5  ? 7.76314  6.00166 5.23151 -1.02540 1.54539  0.10798  106 DG X "O4'" 
744 C "C3'" . DG D 5  ? 8.32905  6.34746 5.17712 -1.45344 1.69056  -0.03884 106 DG X "C3'" 
745 O "O3'" . DG D 5  ? 8.67749  6.12654 5.19342 -1.45140 1.81611  0.08629  106 DG X "O3'" 
746 C "C2'" . DG D 5  ? 7.95971  6.40010 5.33592 -1.26352 1.53045  -0.04814 106 DG X "C2'" 
747 C "C1'" . DG D 5  ? 7.71733  6.06133 5.38572 -0.97385 1.48673  0.10893  106 DG X "C1'" 
748 N N9    . DG D 5  ? 7.28985  6.11229 5.49228 -0.78590 1.32063  0.08394  106 DG X N9    
749 C C8    . DG D 5  ? 6.99491  6.36681 5.41101 -0.84399 1.20625  -0.07432 106 DG X C8    
750 N N7    . DG D 5  ? 6.62576  6.31666 5.50299 -0.63235 1.06918  -0.05518 106 DG X N7    
751 C C5    . DG D 5  ? 6.69256  6.03228 5.68995 -0.42632 1.09478  0.12474  106 DG X C5    
752 C C6    . DG D 5  ? 6.40567  5.85764 5.86263 -0.15872 0.99097  0.21854  106 DG X C6    
753 O O6    . DG D 5  ? 6.01692  5.89775 5.85715 -0.04515 0.85251  0.16434  106 DG X O6    
754 N N1    . DG D 5  ? 6.59020  5.59131 6.03469 -0.01833 1.06248  0.38893  106 DG X N1    
755 C C2    . DG D 5  ? 6.99734  5.49449 6.01846 -0.11477 1.21346  0.46258  106 DG X C2    
756 N N2    . DG D 5  ? 7.05496  5.18179 6.14334 0.05907  1.25730  0.62237  106 DG X N2    
757 N N3    . DG D 5  ? 7.26264  5.62909 5.82715 -0.36412 1.31358  0.38090  106 DG X N3    
758 C C4    . DG D 5  ? 7.09622  5.90603 5.68564 -0.51265 1.24732  0.21158  106 DG X C4    
759 P P     . DC D 6  ? 8.72062  6.03815 5.00917 -1.59622 1.86844  0.03476  107 DC X P     
760 O OP1   . DC D 6  ? 9.33516  6.08160 5.04363 -1.75515 2.04547  0.08160  107 DC X OP1   
761 O OP2   . DC D 6  ? 8.53955  6.38880 4.98162 -1.75798 1.78957  -0.15646 107 DC X OP2   
762 O "O5'" . DC D 6  ? 8.57735  5.79544 5.18026 -1.31301 1.79601  0.17097  107 DC X "O5'" 
763 C "C5'" . DC D 6  ? 8.62616  5.45224 5.25849 -1.08913 1.83215  0.35907  107 DC X "C5'" 
764 C "C4'" . DC D 6  ? 8.35019  5.28321 5.44430 -0.81248 1.71436  0.44670  107 DC X "C4'" 
765 O "O4'" . DC D 6  ? 7.88258  5.36495 5.48817 -0.70227 1.56095  0.39111  107 DC X "O4'" 
766 C "C3'" . DC D 6  ? 8.41848  5.32507 5.48194 -0.82685 1.68681  0.40798  107 DC X "C3'" 
767 O "O3'" . DC D 6  ? 8.42312  5.01473 5.60071 -0.59093 1.67750  0.55449  107 DC X "O3'" 
768 C "C2'" . DC D 6  ? 8.00156  5.52676 5.51009 -0.80423 1.52386  0.28695  107 DC X "C2'" 
769 C "C1'" . DC D 6  ? 7.65213  5.40605 5.56800 -0.61733 1.44130  0.34903  107 DC X "C1'" 
770 N N1    . DC D 6  ? 7.25351  5.61811 5.52272 -0.63439 1.30503  0.21877  107 DC X N1    
771 C C2    . DC D 6  ? 6.81722  5.48206 5.61438 -0.39226 1.16119  0.26214  107 DC X C2    
772 O O2    . DC D 6  ? 6.77414  5.20074 5.75511 -0.17550 1.15243  0.40561  107 DC X O2    
773 N N3    . DC D 6  ? 6.45107  5.65972 5.54311 -0.40163 1.03645  0.14210  107 DC X N3    
774 C C4    . DC D 6  ? 6.51313  5.98277 5.41074 -0.63841 1.04968  -0.01887 107 DC X C4    
775 N N4    . DC D 6  ? 6.13756  6.15154 5.33826 -0.62818 0.91988  -0.13708 107 DC X N4    
776 C C5    . DC D 6  ? 6.96101  6.14397 5.34411 -0.89640 1.19800  -0.06952 107 DC X C5    
777 C C6    . DC D 6  ? 7.31730  5.94341 5.39282 -0.88517 1.32233  0.05441  107 DC X C6    
778 P P     . DT D 7  ? 8.71283  4.90131 5.55907 -0.60921 1.73956  0.57428  108 DT X P     
779 O OP1   . DT D 7  ? 9.11062  4.71514 5.45443 -0.66650 1.90755  0.66883  108 DT X OP1   
780 O OP2   . DT D 7  ? 8.77618  5.22222 5.52038 -0.80006 1.71373  0.41462  108 DT X OP2   
781 O "O5'" . DT D 7  ? 8.41566  4.62453 5.71765 -0.29488 1.61632  0.67547  108 DT X "O5'" 
782 C "C5'" . DT D 7  ? 8.13498  4.73387 5.80605 -0.21740 1.46381  0.59890  108 DT X "C5'" 
783 C "C4'" . DT D 7  ? 7.75276  4.44880 5.95912 0.09016  1.33758  0.70241  108 DT X "C4'" 
784 O "O4'" . DT D 7  ? 7.38859  4.48809 6.01084 0.15466  1.25892  0.70075  108 DT X "O4'" 
785 C "C3'" . DT D 7  ? 7.54867  4.45970 6.05301 0.21525  1.19040  0.65527  108 DT X "C3'" 
786 O "O3'" . DT D 7  ? 7.72605  4.20370 5.99466 0.29633  1.22860  0.70968  108 DT X "O3'" 
787 C "C2'" . DT D 7  ? 7.10364  4.30531 6.22210 0.45756  1.05715  0.72229  108 DT X "C2'" 
788 C "C1'" . DT D 7  ? 6.99863  4.46526 6.15430 0.34037  1.08591  0.68661  108 DT X "C1'" 
789 N N1    . DT D 7  ? 6.84436  4.82160 6.11338 0.20396  0.99495  0.52992  108 DT X N1    
790 C C2    . DT D 7  ? 6.46009  4.83984 6.20016 0.34710  0.82247  0.48966  108 DT X C2    
791 O O2    . DT D 7  ? 6.23521  4.58201 6.32155 0.57707  0.73571  0.57224  108 DT X O2    
792 N N3    . DT D 7  ? 6.31673  5.14785 6.11369 0.21088  0.75277  0.34421  108 DT X N3    
793 C C4    . DT D 7  ? 6.50769  5.44278 5.96730 -0.05247 0.83598  0.23065  108 DT X C4    
794 O O4    . DT D 7  ? 6.33055  5.70233 5.89129 -0.15436 0.76216  0.09744  108 DT X O4    
795 C C5    . DT D 7  ? 6.91241  5.40997 5.89572 -0.19829 1.01436  0.27601  108 DT X C5    
796 C C7    . DT D 7  ? 7.13494  5.70123 5.73548 -0.49249 1.11481  0.15448  108 DT X C7    
797 C C6    . DT D 7  ? 7.06223  5.10078 5.96396 -0.06246 1.08425  0.42463  108 DT X C6    
798 P P     . DG D 8  ? 7.07678  3.63516 5.37347 0.33555  1.12747  0.62744  109 DG X P     
799 O OP1   . DG D 8  ? 7.23369  3.29818 5.33128 0.48113  1.16243  0.71224  109 DG X OP1   
800 O OP2   . DG D 8  ? 7.27559  3.99850 5.25932 0.06530  1.17659  0.48439  109 DG X OP2   
801 O "O5'" . DG D 8  ? 6.49340  3.55828 5.47293 0.53623  0.92256  0.61555  109 DG X "O5'" 
802 C "C5'" . DG D 8  ? 6.29208  3.33578 5.55475 0.76465  0.79298  0.64263  109 DG X "C5'" 
803 C "C4'" . DG D 8  ? 6.01633  3.58153 5.68627 0.81022  0.61709  0.54585  109 DG X "C4'" 
804 O "O4'" . DG D 8  ? 6.01034  3.97464 5.72179 0.63162  0.62578  0.46285  109 DG X "O4'" 
805 C "C3'" . DG D 8  ? 6.16184  3.70515 5.63102 0.77153  0.57083  0.45047  109 DG X "C3'" 
806 O "O3'" . DG D 8  ? 5.67809  3.45519 5.61294 0.99573  0.38031  0.44560  109 DG X "O3'" 
807 C "C2'" . DG D 8  ? 6.25342  4.11678 5.53719 0.50787  0.61145  0.31852  109 DG X "C2'" 
808 C "C1'" . DG D 8  ? 5.96187  4.22733 5.64954 0.53021  0.55477  0.33045  109 DG X "C1'" 
809 N N9    . DG D 8  ? 6.06238  4.58264 5.56983 0.27943  0.62694  0.23288  109 DG X N9    
810 C C8    . DG D 8  ? 6.46724  4.74110 5.48143 0.04294  0.80323  0.21016  109 DG X C8    
811 N N7    . DG D 8  ? 6.39927  5.02150 5.39281 -0.14464 0.81915  0.10684  109 DG X N7    
812 C C5    . DG D 8  ? 5.92851  5.05362 5.42175 -0.01749 0.64413  0.06258  109 DG X C5    
813 C C6    . DG D 8  ? 5.64126  5.29873 5.34060 -0.10822 0.57256  -0.05057 109 DG X C6    
814 O O6    . DG D 8  ? 5.74509  5.55311 5.23534 -0.32881 0.64954  -0.14259 109 DG X O6    
815 N N1    . DG D 8  ? 5.18408  5.21950 5.38329 0.09009  0.38834  -0.05694 109 DG X N1    
816 C C2    . DG D 8  ? 5.00740  4.92654 5.48810 0.33777  0.28419  0.03140  109 DG X C2    
817 N N2    . DG D 8  ? 4.54587  4.86984 5.49666 0.49976  0.10763  0.00831  109 DG X N2    
818 N N3    . DG D 8  ? 5.25435  4.69245 5.56540 0.42447  0.34524  0.13087  109 DG X N3    
819 C C4    . DG D 8  ? 5.71808  4.77950 5.52919 0.24071  0.52604  0.14193  109 DG X C4    
820 P P     . DT D 9  ? 5.83992  3.31038 5.66196 1.14966  0.31879  0.44721  110 DT X P     
821 O OP1   . DT D 9  ? 5.52005  3.24800 5.92812 1.41062  0.11440  0.46695  110 DT X OP1   
822 O OP2   . DT D 9  ? 6.18426  3.08320 5.58382 1.14767  0.46757  0.52932  110 DT X OP2   
823 O "O5'" . DT D 9  ? 6.20346  3.75481 5.66243 0.95626  0.34393  0.31261  110 DT X "O5'" 
824 C "C5'" . DT D 9  ? 6.06949  3.80676 5.70718 1.06979  0.19052  0.24387  110 DT X "C5'" 
825 C "C4'" . DT D 9  ? 5.60611  3.94893 5.74414 1.09526  0.04043  0.18730  110 DT X "C4'" 
826 O "O4'" . DT D 9  ? 5.65767  4.24566 5.77629 0.89722  0.13048  0.16573  110 DT X "O4'" 
827 C "C3'" . DT D 9  ? 5.62489  4.22810 5.74360 1.05665  -0.05004 0.06780  110 DT X "C3'" 
828 O "O3'" . DT D 9  ? 5.31296  4.27882 5.98062 1.26855  -0.26298 0.06288  110 DT X "O3'" 
829 C "C2'" . DT D 9  ? 5.77030  4.66350 5.69989 0.77205  0.05135  -0.02586 110 DT X "C2'" 
830 C "C1'" . DT D 9  ? 5.58999  4.60705 5.73622 0.75473  0.08712  0.04055  110 DT X "C1'" 
831 N N1    . DT D 9  ? 5.88930  4.93404 5.68649 0.46599  0.25549  -0.01220 110 DT X N1    
832 C C2    . DT D 9  ? 5.65482  5.19571 5.65555 0.35459  0.21824  -0.09129 110 DT X C2    
833 O O2    . DT D 9  ? 5.23681  5.19618 5.67993 0.48048  0.05734  -0.11685 110 DT X O2    
834 N N3    . DT D 9  ? 5.92409  5.44284 5.57765 0.09165  0.37565  -0.14339 110 DT X N3    
835 C C4    . DT D 9  ? 6.40079  5.45176 5.53170 -0.07138 0.56462  -0.12048 110 DT X C4    
836 O O4    . DT D 9  ? 6.59353  5.65800 5.44542 -0.30777 0.69281  -0.17546 110 DT X O4    
837 C C5    . DT D 9  ? 6.64520  5.18329 5.57265 0.06002  0.59706  -0.03221 110 DT X C5    
838 C C7    . DT D 9  ? 7.16808  5.15557 5.50722 -0.09084 0.79711  0.00012  110 DT X C7    
839 C C6    . DT D 9  ? 6.37541  4.94105 5.64431 0.32101  0.44109  0.01422  110 DT X C6    
840 P P     . DG D 10 ? 4.93689  3.78181 5.70223 1.49309  -0.41632 0.04990  111 DG X P     
841 O OP1   . DG D 10 ? 4.62441  3.62511 5.97341 1.75529  -0.58944 0.11878  111 DG X OP1   
842 O OP2   . DG D 10 ? 5.38414  3.67311 5.62223 1.46608  -0.29357 0.06517  111 DG X OP2   
843 O "O5'" . DG D 10 ? 4.91945  4.15621 5.69128 1.40800  -0.49581 -0.07748 111 DG X "O5'" 
844 C "C5'" . DG D 10 ? 5.05084  4.40191 5.45811 1.12218  -0.35384 -0.16630 111 DG X "C5'" 
845 C "C4'" . DG D 10 ? 4.69875  4.64009 5.44495 1.04506  -0.42491 -0.22783 111 DG X "C4'" 
846 O "O4'" . DG D 10 ? 4.67245  4.65612 5.22642 0.81198  -0.26374 -0.23612 111 DG X "O4'" 
847 C "C3'" . DG D 10 ? 4.75047  5.02361 5.44849 0.95794  -0.47786 -0.35361 111 DG X "C3'" 
848 O "O3'" . DG D 10 ? 4.34590  5.16429 5.51539 1.02519  -0.63007 -0.38798 111 DG X "O3'" 
849 C "C2'" . DG D 10 ? 4.97915  5.18992 5.20480 0.63984  -0.26670 -0.42321 111 DG X "C2'" 
850 C "C1'" . DG D 10 ? 4.75915  5.01757 5.10388 0.58038  -0.20239 -0.36250 111 DG X "C1'" 
851 N N9    . DG D 10 ? 5.05052  5.04222 4.91924 0.32358  0.01674  -0.37538 111 DG X N9    
852 C C8    . DG D 10 ? 5.46897  4.89370 4.90289 0.28190  0.16199  -0.31686 111 DG X C8    
853 N N7    . DG D 10 ? 5.83025  5.11860 4.88599 0.03036  0.34551  -0.34461 111 DG X N7    
854 C C5    . DG D 10 ? 5.62249  5.43193 4.88493 -0.10344 0.31738  -0.43265 111 DG X C5    
855 C C6    . DG D 10 ? 5.80686  5.74061 4.84678 -0.37837 0.45498  -0.50494 111 DG X C6    
856 O O6    . DG D 10 ? 6.20549  5.79343 4.80337 -0.57042 0.63758  -0.50187 111 DG X O6    
857 N N1    . DG D 10 ? 5.47647  5.99898 4.85053 -0.42011 0.35840  -0.59394 111 DG X N1    
858 C C2    . DG D 10 ? 5.03731  5.96644 4.88779 -0.22128 0.15799  -0.60527 111 DG X C2    
859 N N2    . DG D 10 ? 4.79044  6.26027 4.88635 -0.29224 0.09113  -0.69965 111 DG X N2    
860 N N3    . DG D 10 ? 4.85139  5.66113 4.91645 0.03323  0.02803  -0.53386 111 DG X N3    
861 C C4    . DG D 10 ? 5.15532  5.40302 4.91169 0.07725  0.11658  -0.45219 111 DG X C4    
# 
